data_9NR8
#
_entry.id   9NR8
#
_cell.length_a   1.00
_cell.length_b   1.00
_cell.length_c   1.00
_cell.angle_alpha   90.00
_cell.angle_beta   90.00
_cell.angle_gamma   90.00
#
_symmetry.space_group_name_H-M   'P 1'
#
loop_
_entity.id
_entity.type
_entity.pdbx_description
1 polymer 'Glutamate receptor 1'
2 polymer 'Glutamate receptor 4'
3 polymer '11B8 scFv'
4 branched beta-D-mannopyranose-(1-4)-2-acetamido-2-deoxy-beta-D-glucopyranose-(1-4)-2-acetamido-2-deoxy-beta-D-glucopyranose
5 branched 2-acetamido-2-deoxy-beta-D-glucopyranose-(1-4)-2-acetamido-2-deoxy-beta-D-glucopyranose
6 non-polymer 2-acetamido-2-deoxy-beta-D-glucopyranose
#
loop_
_entity_poly.entity_id
_entity_poly.type
_entity_poly.pdbx_seq_one_letter_code
_entity_poly.pdbx_strand_id
1 'polypeptide(L)'
;ANFPNNIQIGGLFPNQQSQEHAAFRFALSQLTEPPKLLPQIDIVNISDSFEMTYRFCSQFSKGVYAIFGFYERRTVNMLT
SFCGALHVCFITPSFPVDTSNQFVLQLRPELQEALISIIDHYKWQTFVYIYDADRGLSVLQRVLDTAAEKNWQVTAVNIL
TTTEEGYRMLFQDLEKKKERLVVVDCESERLNAILGQIVKLEKNGIGYHYILANLGFMDIDLNKFKESGANVTGFQLVNY
TDTIPARIMQQWRTSDSRDHTRVDWKRPKYTSALTYDGVKVMAEAFQSLRRQRIDISRRGNAGDCLANPAVPWGQGIDIQ
RALQQVRFEGLTGNVQFNEKGRRTNYTLHVIEMKHDGIRKIGYWNEDDKFVPA
;
A,C
2 'polypeptide(L)'
;AFPSSVQIGGLFIRNTDQEYTAFRLAIFLHNTSPNASEAPFNLVPHVDNIETANSFAVTNAFCSQYSRGVFAIFGLYDKR
SVHTLTSFCSALHISLITPSFPTEGESQFVLQLRPSLRGALLSLLDHYEWNCFVFLYDTDRGYSILQAIMEKAGQNGWHV
SAICVENFNDVSYRQLLEELDRRQEKKFVIDCEIERLQNILEQIVSVGKHVKGYHYIIANLGFKDISLERFIHGGANVTG
FQLVDFNTPMVTKLMDRWKKLDQREYPGSETPPKYTSALTYDGVLVMAETFRSLRRQKIDISRRGNAGDCLANPAAPWGQ
GIDMERTLKQVRIQGLTGNVQFDHYGRRVNYTMDVFELKSTGPRKVGYWNDMDKLVLI
;
B,D
3 'polypeptide(L)'
;EVKLLESGGGLVQPGGSLKLSCAASGFDFSEYWMSWVRQAPGKGLEWIGEINPDSSSIDYTPSLKDKIIISRDNAKKTLY
LQLSKVRSEDTALYYCARPRGNYVVMDYWGQGTSVTVSSSGGGGSGGGGSGGGGNIVLTQSPASLAVSLGQRATISCRAS
ESVDSYGSSFVHWYQQKPGQPPKLLIFLASKLESGVPARFSGSGSRTDFTLTIDPVEADDAATYYCQQTNEDPYTFGGGT
KLEIKRASNWSHPQFEK
;
E,F
#
loop_
_chem_comp.id
_chem_comp.type
_chem_comp.name
_chem_comp.formula
BMA D-saccharide, beta linking beta-D-mannopyranose 'C6 H12 O6'
NAG D-saccharide, beta linking 2-acetamido-2-deoxy-beta-D-glucopyranose 'C8 H15 N O6'
#
# COMPACT_ATOMS: atom_id res chain seq x y z
N ASN A 2 -7.17 -53.14 -39.35
CA ASN A 2 -7.03 -51.93 -38.52
C ASN A 2 -7.68 -52.13 -37.15
N PHE A 3 -8.92 -51.69 -37.03
CA PHE A 3 -9.63 -51.82 -35.76
C PHE A 3 -10.13 -53.25 -35.58
N PRO A 4 -9.81 -53.91 -34.46
CA PRO A 4 -10.39 -55.23 -34.20
C PRO A 4 -11.90 -55.18 -34.02
N ASN A 5 -12.55 -56.28 -34.38
CA ASN A 5 -14.01 -56.32 -34.35
C ASN A 5 -14.56 -56.35 -32.92
N ASN A 6 -13.77 -56.80 -31.95
CA ASN A 6 -14.18 -56.82 -30.56
C ASN A 6 -13.27 -55.91 -29.74
N ILE A 7 -13.87 -55.01 -28.97
CA ILE A 7 -13.11 -54.14 -28.08
C ILE A 7 -13.76 -54.13 -26.71
N GLN A 8 -12.93 -54.07 -25.67
CA GLN A 8 -13.37 -54.26 -24.30
C GLN A 8 -13.63 -52.92 -23.62
N ILE A 9 -14.75 -52.82 -22.91
CA ILE A 9 -15.09 -51.66 -22.10
C ILE A 9 -15.39 -52.11 -20.68
N GLY A 10 -15.01 -51.27 -19.72
CA GLY A 10 -15.21 -51.55 -18.32
C GLY A 10 -16.38 -50.80 -17.73
N GLY A 11 -16.92 -51.34 -16.65
CA GLY A 11 -18.04 -50.73 -15.95
C GLY A 11 -17.91 -50.70 -14.45
N LEU A 12 -18.03 -49.52 -13.86
CA LEU A 12 -17.96 -49.35 -12.40
C LEU A 12 -19.38 -49.24 -11.84
N PHE A 13 -20.13 -50.35 -11.95
CA PHE A 13 -21.52 -50.23 -11.58
C PHE A 13 -21.70 -50.38 -10.06
N PRO A 14 -22.66 -49.66 -9.48
CA PRO A 14 -22.84 -49.75 -8.01
C PRO A 14 -23.48 -51.05 -7.57
N ASN A 15 -24.52 -51.51 -8.24
CA ASN A 15 -25.22 -52.73 -7.86
C ASN A 15 -25.63 -53.49 -9.11
N GLN A 16 -25.48 -54.82 -9.06
CA GLN A 16 -25.92 -55.66 -10.18
C GLN A 16 -27.44 -55.68 -10.29
N GLN A 17 -28.14 -55.75 -9.16
CA GLN A 17 -29.60 -55.76 -9.15
C GLN A 17 -30.10 -54.32 -9.16
N SER A 18 -30.11 -53.74 -10.36
CA SER A 18 -30.55 -52.36 -10.53
C SER A 18 -31.11 -52.19 -11.93
N GLN A 19 -31.91 -51.13 -12.09
CA GLN A 19 -32.46 -50.82 -13.41
C GLN A 19 -31.39 -50.35 -14.37
N GLU A 20 -30.32 -49.72 -13.85
CA GLU A 20 -29.23 -49.26 -14.71
C GLU A 20 -28.52 -50.43 -15.39
N HIS A 21 -28.33 -51.53 -14.66
CA HIS A 21 -27.72 -52.71 -15.24
C HIS A 21 -28.59 -53.30 -16.35
N ALA A 22 -29.91 -53.34 -16.13
CA ALA A 22 -30.81 -53.85 -17.16
C ALA A 22 -30.79 -52.95 -18.40
N ALA A 23 -30.77 -51.63 -18.20
CA ALA A 23 -30.69 -50.72 -19.32
C ALA A 23 -29.36 -50.88 -20.07
N PHE A 24 -28.27 -51.09 -19.33
CA PHE A 24 -26.96 -51.32 -19.93
C PHE A 24 -26.98 -52.57 -20.80
N ARG A 25 -27.55 -53.67 -20.27
CA ARG A 25 -27.60 -54.90 -21.02
C ARG A 25 -28.49 -54.79 -22.25
N PHE A 26 -29.64 -54.11 -22.12
CA PHE A 26 -30.52 -53.94 -23.27
C PHE A 26 -29.87 -53.07 -24.35
N ALA A 27 -29.19 -51.99 -23.94
CA ALA A 27 -28.52 -51.13 -24.90
C ALA A 27 -27.35 -51.84 -25.57
N LEU A 28 -26.64 -52.70 -24.84
CA LEU A 28 -25.57 -53.47 -25.45
C LEU A 28 -26.11 -54.55 -26.38
N SER A 29 -27.31 -55.07 -26.10
CA SER A 29 -27.91 -56.06 -26.98
C SER A 29 -28.39 -55.46 -28.30
N GLN A 30 -28.59 -54.14 -28.35
CA GLN A 30 -29.03 -53.48 -29.58
C GLN A 30 -27.92 -53.32 -30.60
N LEU A 31 -26.67 -53.62 -30.24
CA LEU A 31 -25.55 -53.41 -31.15
C LEU A 31 -25.55 -54.45 -32.27
N THR A 32 -25.70 -53.98 -33.50
CA THR A 32 -25.61 -54.83 -34.68
C THR A 32 -24.41 -54.49 -35.55
N GLU A 33 -23.72 -53.38 -35.28
CA GLU A 33 -22.57 -52.99 -36.09
C GLU A 33 -21.39 -53.92 -35.83
N PRO A 34 -20.49 -54.08 -36.80
CA PRO A 34 -19.32 -54.95 -36.62
C PRO A 34 -18.43 -54.56 -35.44
N PRO A 35 -18.28 -53.24 -35.09
CA PRO A 35 -17.64 -52.94 -33.79
C PRO A 35 -18.48 -53.41 -32.61
N LYS A 36 -17.93 -54.35 -31.83
CA LYS A 36 -18.64 -54.95 -30.71
C LYS A 36 -18.00 -54.54 -29.40
N LEU A 37 -18.84 -54.12 -28.45
CA LEU A 37 -18.41 -53.65 -27.14
C LEU A 37 -18.57 -54.80 -26.15
N LEU A 38 -17.46 -55.40 -25.75
CA LEU A 38 -17.49 -56.46 -24.75
C LEU A 38 -17.46 -55.87 -23.35
N PRO A 39 -18.37 -56.29 -22.43
CA PRO A 39 -18.44 -55.68 -21.11
C PRO A 39 -17.77 -56.37 -19.94
N GLN A 40 -17.01 -55.63 -19.14
CA GLN A 40 -16.37 -56.09 -17.91
C GLN A 40 -16.93 -55.23 -16.77
N ILE A 41 -17.97 -55.72 -16.11
CA ILE A 41 -18.63 -54.95 -15.07
C ILE A 41 -18.12 -55.36 -13.70
N ASP A 42 -18.04 -54.39 -12.79
CA ASP A 42 -17.58 -54.60 -11.42
C ASP A 42 -18.53 -53.88 -10.48
N ILE A 43 -18.88 -54.54 -9.38
CA ILE A 43 -19.90 -54.07 -8.44
C ILE A 43 -19.20 -53.70 -7.14
N VAL A 44 -19.24 -52.41 -6.80
CA VAL A 44 -18.66 -51.89 -5.56
C VAL A 44 -19.53 -50.77 -5.03
N ASN A 45 -19.40 -50.51 -3.72
CA ASN A 45 -19.98 -49.31 -3.14
C ASN A 45 -19.26 -48.09 -3.69
N ILE A 46 -20.01 -47.02 -3.96
CA ILE A 46 -19.39 -45.78 -4.48
C ILE A 46 -18.97 -45.00 -3.23
N SER A 47 -17.87 -45.46 -2.65
CA SER A 47 -17.25 -44.94 -1.43
C SER A 47 -16.03 -45.81 -1.18
N ASP A 48 -15.21 -45.50 -0.18
CA ASP A 48 -13.98 -46.22 0.10
C ASP A 48 -13.09 -46.25 -1.15
N SER A 49 -12.57 -45.06 -1.46
CA SER A 49 -11.88 -44.81 -2.73
C SER A 49 -10.75 -45.79 -3.00
N PHE A 50 -10.16 -46.41 -1.97
CA PHE A 50 -9.14 -47.43 -2.16
C PHE A 50 -9.66 -48.60 -2.98
N GLU A 51 -10.85 -49.10 -2.63
CA GLU A 51 -11.43 -50.23 -3.37
C GLU A 51 -11.73 -49.84 -4.81
N MET A 52 -12.24 -48.62 -5.02
CA MET A 52 -12.62 -48.22 -6.37
C MET A 52 -11.40 -47.97 -7.24
N THR A 53 -10.30 -47.43 -6.68
CA THR A 53 -9.11 -47.29 -7.51
C THR A 53 -8.44 -48.63 -7.72
N TYR A 54 -8.61 -49.58 -6.80
CA TYR A 54 -8.17 -50.94 -7.07
C TYR A 54 -8.92 -51.54 -8.26
N ARG A 55 -10.23 -51.35 -8.30
CA ARG A 55 -11.02 -51.82 -9.45
C ARG A 55 -10.58 -51.12 -10.74
N PHE A 56 -10.33 -49.81 -10.65
CA PHE A 56 -9.89 -49.05 -11.82
C PHE A 56 -8.53 -49.55 -12.32
N CYS A 57 -7.60 -49.81 -11.41
CA CYS A 57 -6.28 -50.31 -11.81
C CYS A 57 -6.36 -51.73 -12.35
N SER A 58 -7.24 -52.56 -11.80
CA SER A 58 -7.43 -53.90 -12.34
C SER A 58 -8.00 -53.84 -13.75
N GLN A 59 -8.96 -52.96 -13.99
CA GLN A 59 -9.52 -52.80 -15.34
C GLN A 59 -8.46 -52.26 -16.31
N PHE A 60 -7.65 -51.30 -15.86
CA PHE A 60 -6.59 -50.78 -16.71
C PHE A 60 -5.55 -51.84 -17.04
N SER A 61 -5.19 -52.68 -16.06
CA SER A 61 -4.28 -53.78 -16.33
C SER A 61 -4.90 -54.81 -17.26
N LYS A 62 -6.22 -54.98 -17.19
CA LYS A 62 -6.90 -55.88 -18.13
C LYS A 62 -6.90 -55.31 -19.54
N GLY A 63 -6.89 -53.99 -19.69
CA GLY A 63 -6.76 -53.38 -21.00
C GLY A 63 -8.05 -52.86 -21.60
N VAL A 64 -8.86 -52.16 -20.82
CA VAL A 64 -10.10 -51.59 -21.34
C VAL A 64 -9.79 -50.30 -22.09
N TYR A 65 -10.71 -49.90 -22.97
CA TYR A 65 -10.60 -48.67 -23.73
C TYR A 65 -11.37 -47.51 -23.11
N ALA A 66 -12.64 -47.73 -22.77
CA ALA A 66 -13.47 -46.72 -22.13
C ALA A 66 -14.18 -47.35 -20.94
N ILE A 67 -14.42 -46.54 -19.92
CA ILE A 67 -15.02 -46.99 -18.67
C ILE A 67 -16.30 -46.20 -18.44
N PHE A 68 -17.39 -46.92 -18.18
CA PHE A 68 -18.69 -46.33 -17.88
C PHE A 68 -19.06 -46.64 -16.43
N GLY A 69 -19.33 -45.60 -15.65
CA GLY A 69 -19.62 -45.85 -14.25
C GLY A 69 -20.23 -44.65 -13.58
N PHE A 70 -20.47 -44.80 -12.29
CA PHE A 70 -21.07 -43.77 -11.44
C PHE A 70 -20.05 -43.32 -10.40
N TYR A 71 -20.19 -42.07 -9.95
CA TYR A 71 -19.39 -41.60 -8.83
C TYR A 71 -20.22 -40.70 -7.94
N GLU A 72 -19.76 -40.56 -6.70
CA GLU A 72 -20.35 -39.68 -5.69
C GLU A 72 -19.32 -38.61 -5.34
N ARG A 73 -19.64 -37.82 -4.31
CA ARG A 73 -18.74 -36.73 -3.92
C ARG A 73 -17.41 -37.23 -3.38
N ARG A 74 -17.36 -38.46 -2.85
CA ARG A 74 -16.11 -38.99 -2.31
C ARG A 74 -15.15 -39.43 -3.40
N THR A 75 -15.68 -40.00 -4.50
CA THR A 75 -14.84 -40.62 -5.52
C THR A 75 -14.81 -39.83 -6.83
N VAL A 76 -15.42 -38.64 -6.87
CA VAL A 76 -15.40 -37.86 -8.11
C VAL A 76 -14.00 -37.32 -8.38
N ASN A 77 -13.33 -36.79 -7.35
CA ASN A 77 -12.02 -36.20 -7.53
C ASN A 77 -10.99 -37.24 -7.95
N MET A 78 -11.02 -38.42 -7.32
CA MET A 78 -10.01 -39.44 -7.62
C MET A 78 -10.20 -39.97 -9.04
N LEU A 79 -11.45 -40.25 -9.43
CA LEU A 79 -11.72 -40.71 -10.78
C LEU A 79 -11.35 -39.66 -11.81
N THR A 80 -11.66 -38.39 -11.54
CA THR A 80 -11.33 -37.31 -12.46
C THR A 80 -9.82 -37.17 -12.63
N SER A 81 -9.07 -37.24 -11.52
CA SER A 81 -7.62 -37.12 -11.59
C SER A 81 -7.01 -38.32 -12.31
N PHE A 82 -7.49 -39.53 -12.02
CA PHE A 82 -6.96 -40.71 -12.68
C PHE A 82 -7.24 -40.71 -14.18
N CYS A 83 -8.43 -40.25 -14.59
CA CYS A 83 -8.75 -40.21 -16.00
C CYS A 83 -8.02 -39.07 -16.71
N GLY A 84 -7.76 -37.96 -16.02
CA GLY A 84 -6.99 -36.89 -16.62
C GLY A 84 -5.50 -37.13 -16.67
N ALA A 85 -4.98 -38.03 -15.82
CA ALA A 85 -3.56 -38.32 -15.82
C ALA A 85 -3.22 -39.52 -16.70
N LEU A 86 -3.98 -40.60 -16.60
CA LEU A 86 -3.76 -41.79 -17.42
C LEU A 86 -4.34 -41.67 -18.81
N HIS A 87 -5.09 -40.59 -19.08
CA HIS A 87 -5.74 -40.36 -20.38
C HIS A 87 -6.68 -41.51 -20.75
N VAL A 88 -7.51 -41.90 -19.79
CA VAL A 88 -8.50 -42.96 -19.97
C VAL A 88 -9.88 -42.30 -20.07
N CYS A 89 -10.60 -42.64 -21.14
CA CYS A 89 -11.90 -42.03 -21.36
C CYS A 89 -12.93 -42.58 -20.38
N PHE A 90 -13.64 -41.68 -19.70
CA PHE A 90 -14.68 -42.03 -18.75
C PHE A 90 -15.98 -41.39 -19.21
N ILE A 91 -17.06 -42.15 -19.13
CA ILE A 91 -18.40 -41.65 -19.47
C ILE A 91 -19.31 -41.94 -18.30
N THR A 92 -19.97 -40.91 -17.78
CA THR A 92 -20.78 -41.12 -16.59
C THR A 92 -22.16 -40.48 -16.76
N PRO A 93 -23.18 -41.09 -16.17
CA PRO A 93 -24.50 -40.44 -16.05
C PRO A 93 -24.73 -39.74 -14.71
N SER A 94 -23.72 -39.63 -13.85
CA SER A 94 -23.88 -39.04 -12.53
C SER A 94 -23.91 -37.52 -12.63
N PHE A 95 -23.88 -36.84 -11.49
CA PHE A 95 -23.97 -35.39 -11.46
C PHE A 95 -22.74 -34.74 -12.06
N PRO A 96 -22.89 -33.58 -12.71
CA PRO A 96 -21.74 -32.85 -13.23
C PRO A 96 -21.10 -31.96 -12.18
N VAL A 97 -19.81 -31.75 -12.33
CA VAL A 97 -19.03 -30.94 -11.41
C VAL A 97 -18.52 -29.70 -12.12
N ASP A 98 -18.16 -28.69 -11.34
CA ASP A 98 -17.68 -27.43 -11.90
C ASP A 98 -16.31 -27.59 -12.55
N THR A 99 -15.40 -28.30 -11.90
CA THR A 99 -14.03 -28.46 -12.37
C THR A 99 -13.78 -29.92 -12.71
N SER A 100 -13.42 -30.17 -13.97
CA SER A 100 -13.06 -31.50 -14.44
C SER A 100 -12.28 -31.37 -15.73
N ASN A 101 -11.46 -32.39 -16.01
CA ASN A 101 -10.70 -32.40 -17.25
C ASN A 101 -11.61 -32.77 -18.42
N GLN A 102 -11.10 -32.56 -19.63
CA GLN A 102 -11.86 -32.84 -20.84
C GLN A 102 -11.96 -34.32 -21.16
N PHE A 103 -11.24 -35.18 -20.45
CA PHE A 103 -11.24 -36.61 -20.72
C PHE A 103 -12.34 -37.36 -19.98
N VAL A 104 -13.18 -36.67 -19.23
CA VAL A 104 -14.36 -37.27 -18.61
C VAL A 104 -15.60 -36.62 -19.21
N LEU A 105 -16.60 -37.44 -19.50
CA LEU A 105 -17.83 -37.01 -20.14
C LEU A 105 -18.99 -37.13 -19.17
N GLN A 106 -19.72 -36.04 -18.99
CA GLN A 106 -20.87 -35.99 -18.10
C GLN A 106 -22.14 -35.95 -18.93
N LEU A 107 -23.05 -36.88 -18.67
CA LEU A 107 -24.28 -36.99 -19.46
C LEU A 107 -25.44 -36.24 -18.83
N ARG A 108 -25.43 -36.04 -17.53
CA ARG A 108 -26.50 -35.30 -16.87
C ARG A 108 -26.34 -33.82 -17.17
N PRO A 109 -27.33 -33.17 -17.77
CA PRO A 109 -27.20 -31.74 -18.06
C PRO A 109 -27.21 -30.90 -16.79
N GLU A 110 -26.54 -29.75 -16.86
CA GLU A 110 -26.46 -28.87 -15.72
C GLU A 110 -27.82 -28.24 -15.41
N LEU A 111 -28.14 -28.16 -14.11
CA LEU A 111 -29.37 -27.53 -13.65
C LEU A 111 -29.09 -26.27 -12.84
N GLN A 112 -27.86 -25.74 -12.93
CA GLN A 112 -27.49 -24.56 -12.16
C GLN A 112 -28.00 -23.26 -12.80
N GLU A 113 -28.40 -23.30 -14.06
CA GLU A 113 -28.89 -22.12 -14.75
C GLU A 113 -30.37 -22.15 -15.05
N ALA A 114 -30.95 -23.34 -15.26
CA ALA A 114 -32.39 -23.42 -15.49
C ALA A 114 -33.18 -23.10 -14.22
N LEU A 115 -32.66 -23.52 -13.07
CA LEU A 115 -33.32 -23.22 -11.80
C LEU A 115 -33.34 -21.71 -11.53
N ILE A 116 -32.24 -21.02 -11.82
CA ILE A 116 -32.18 -19.58 -11.64
C ILE A 116 -33.18 -18.87 -12.55
N SER A 117 -33.28 -19.33 -13.80
CA SER A 117 -34.23 -18.74 -14.74
C SER A 117 -35.68 -18.98 -14.30
N ILE A 118 -35.96 -20.18 -13.78
CA ILE A 118 -37.31 -20.47 -13.30
C ILE A 118 -37.65 -19.61 -12.09
N ILE A 119 -36.69 -19.45 -11.17
CA ILE A 119 -36.91 -18.59 -10.00
C ILE A 119 -37.13 -17.13 -10.45
N ASP A 120 -36.37 -16.69 -11.45
CA ASP A 120 -36.56 -15.34 -11.98
C ASP A 120 -37.90 -15.17 -12.67
N HIS A 121 -38.44 -16.25 -13.25
CA HIS A 121 -39.75 -16.18 -13.90
C HIS A 121 -40.85 -15.85 -12.90
N TYR A 122 -40.82 -16.47 -11.73
CA TYR A 122 -41.91 -16.36 -10.77
C TYR A 122 -41.74 -15.19 -9.81
N LYS A 123 -40.68 -14.39 -9.99
CA LYS A 123 -40.41 -13.19 -9.17
C LYS A 123 -40.28 -13.56 -7.68
N TRP A 124 -39.40 -14.51 -7.40
CA TRP A 124 -39.18 -14.95 -6.03
C TRP A 124 -38.17 -14.06 -5.33
N GLN A 125 -38.47 -13.73 -4.07
CA GLN A 125 -37.57 -12.92 -3.25
C GLN A 125 -37.17 -13.59 -1.95
N THR A 126 -38.12 -14.23 -1.26
CA THR A 126 -37.85 -14.91 0.00
C THR A 126 -38.30 -16.36 -0.12
N PHE A 127 -37.39 -17.30 0.12
CA PHE A 127 -37.73 -18.71 0.03
C PHE A 127 -36.74 -19.54 0.84
N VAL A 128 -37.11 -20.81 1.03
CA VAL A 128 -36.28 -21.78 1.76
C VAL A 128 -35.78 -22.83 0.78
N TYR A 129 -34.47 -23.05 0.80
CA TYR A 129 -33.78 -23.94 -0.14
C TYR A 129 -33.27 -25.16 0.63
N ILE A 130 -33.82 -26.33 0.33
CA ILE A 130 -33.52 -27.56 1.03
C ILE A 130 -32.65 -28.43 0.12
N TYR A 131 -31.42 -28.67 0.54
CA TYR A 131 -30.42 -29.33 -0.28
C TYR A 131 -29.88 -30.57 0.42
N ASP A 132 -29.35 -31.48 -0.39
CA ASP A 132 -28.72 -32.69 0.11
C ASP A 132 -27.21 -32.51 0.13
N ALA A 133 -26.59 -32.86 1.25
CA ALA A 133 -25.14 -32.68 1.39
C ALA A 133 -24.37 -33.60 0.46
N ASP A 134 -24.82 -34.85 0.31
CA ASP A 134 -24.12 -35.83 -0.52
C ASP A 134 -24.58 -35.76 -1.97
N ARG A 135 -24.67 -34.54 -2.51
CA ARG A 135 -25.04 -34.34 -3.90
C ARG A 135 -24.15 -33.36 -4.65
N GLY A 136 -23.41 -32.49 -3.97
CA GLY A 136 -22.67 -31.45 -4.64
C GLY A 136 -23.22 -30.08 -4.31
N LEU A 137 -22.37 -29.19 -3.81
CA LEU A 137 -22.80 -27.88 -3.35
C LEU A 137 -22.59 -26.78 -4.38
N SER A 138 -22.31 -27.15 -5.64
CA SER A 138 -22.15 -26.15 -6.69
C SER A 138 -23.45 -25.41 -6.98
N VAL A 139 -24.57 -26.14 -6.99
CA VAL A 139 -25.86 -25.52 -7.22
C VAL A 139 -26.22 -24.59 -6.06
N LEU A 140 -25.91 -25.00 -4.82
CA LEU A 140 -26.13 -24.14 -3.67
C LEU A 140 -25.26 -22.89 -3.74
N GLN A 141 -24.01 -23.05 -4.20
CA GLN A 141 -23.13 -21.89 -4.36
C GLN A 141 -23.67 -20.92 -5.39
N ARG A 142 -24.17 -21.44 -6.52
CA ARG A 142 -24.74 -20.57 -7.56
C ARG A 142 -25.99 -19.86 -7.05
N VAL A 143 -26.85 -20.58 -6.32
CA VAL A 143 -28.07 -19.98 -5.78
C VAL A 143 -27.72 -18.88 -4.77
N LEU A 144 -26.72 -19.14 -3.91
CA LEU A 144 -26.32 -18.14 -2.92
C LEU A 144 -25.69 -16.91 -3.58
N ASP A 145 -24.88 -17.12 -4.62
CA ASP A 145 -24.29 -15.99 -5.34
C ASP A 145 -25.36 -15.16 -6.04
N THR A 146 -26.34 -15.82 -6.66
CA THR A 146 -27.43 -15.10 -7.31
C THR A 146 -28.28 -14.34 -6.28
N ALA A 147 -28.49 -14.95 -5.11
CA ALA A 147 -29.25 -14.28 -4.06
C ALA A 147 -28.50 -13.06 -3.52
N ALA A 148 -27.18 -13.17 -3.36
CA ALA A 148 -26.40 -12.03 -2.91
C ALA A 148 -26.37 -10.93 -3.95
N GLU A 149 -26.33 -11.29 -5.24
CA GLU A 149 -26.30 -10.27 -6.28
C GLU A 149 -27.65 -9.59 -6.44
N LYS A 150 -28.75 -10.35 -6.33
CA LYS A 150 -30.09 -9.83 -6.57
C LYS A 150 -30.83 -9.48 -5.29
N ASN A 151 -30.17 -9.54 -4.13
CA ASN A 151 -30.75 -9.19 -2.84
C ASN A 151 -31.97 -10.04 -2.51
N TRP A 152 -31.76 -11.35 -2.45
CA TRP A 152 -32.80 -12.29 -2.10
C TRP A 152 -32.63 -12.76 -0.66
N GLN A 153 -33.68 -13.43 -0.16
CA GLN A 153 -33.66 -14.06 1.16
C GLN A 153 -33.76 -15.57 0.94
N VAL A 154 -32.70 -16.30 1.31
CA VAL A 154 -32.65 -17.75 1.14
C VAL A 154 -32.37 -18.38 2.50
N THR A 155 -33.22 -19.31 2.89
CA THR A 155 -33.02 -20.08 4.11
C THR A 155 -32.47 -21.44 3.70
N ALA A 156 -31.16 -21.64 3.84
CA ALA A 156 -30.51 -22.86 3.40
C ALA A 156 -30.62 -23.93 4.47
N VAL A 157 -31.19 -25.07 4.12
CA VAL A 157 -31.44 -26.17 5.06
C VAL A 157 -30.87 -27.46 4.49
N ASN A 158 -30.03 -28.13 5.27
CA ASN A 158 -29.50 -29.43 4.92
C ASN A 158 -30.47 -30.52 5.38
N ILE A 159 -30.64 -31.55 4.55
CA ILE A 159 -31.61 -32.60 4.85
C ILE A 159 -31.15 -33.44 6.05
N LEU A 160 -29.90 -33.88 6.04
CA LEU A 160 -29.42 -34.77 7.10
C LEU A 160 -29.16 -34.03 8.41
N THR A 161 -28.85 -32.73 8.34
CA THR A 161 -28.56 -31.98 9.56
C THR A 161 -29.82 -31.78 10.40
N THR A 162 -30.91 -31.36 9.77
CA THR A 162 -32.12 -31.05 10.49
C THR A 162 -32.87 -32.33 10.88
N THR A 163 -33.79 -32.18 11.82
CA THR A 163 -34.64 -33.25 12.29
C THR A 163 -36.11 -32.88 12.07
N GLU A 164 -37.01 -33.70 12.61
CA GLU A 164 -38.44 -33.43 12.50
C GLU A 164 -38.83 -32.15 13.24
N GLU A 165 -38.25 -31.93 14.42
CA GLU A 165 -38.53 -30.73 15.18
C GLU A 165 -38.05 -29.48 14.45
N GLY A 166 -36.88 -29.58 13.81
CA GLY A 166 -36.42 -28.47 12.98
C GLY A 166 -37.35 -28.19 11.82
N TYR A 167 -37.90 -29.25 11.21
CA TYR A 167 -38.87 -29.06 10.14
C TYR A 167 -40.13 -28.37 10.65
N ARG A 168 -40.60 -28.76 11.84
CA ARG A 168 -41.78 -28.12 12.41
C ARG A 168 -41.51 -26.65 12.73
N MET A 169 -40.33 -26.34 13.26
CA MET A 169 -39.96 -24.96 13.53
C MET A 169 -39.89 -24.14 12.24
N LEU A 170 -39.30 -24.72 11.19
CA LEU A 170 -39.22 -24.04 9.90
C LEU A 170 -40.61 -23.78 9.33
N PHE A 171 -41.51 -24.76 9.42
CA PHE A 171 -42.83 -24.60 8.82
C PHE A 171 -43.70 -23.64 9.63
N GLN A 172 -43.56 -23.64 10.95
CA GLN A 172 -44.31 -22.67 11.74
C GLN A 172 -43.74 -21.26 11.60
N ASP A 173 -42.46 -21.14 11.25
CA ASP A 173 -41.92 -19.82 10.90
C ASP A 173 -42.40 -19.39 9.52
N LEU A 174 -42.54 -20.34 8.59
CA LEU A 174 -42.99 -20.02 7.24
C LEU A 174 -44.46 -19.64 7.21
N GLU A 175 -45.28 -20.27 8.06
CA GLU A 175 -46.73 -20.03 8.04
C GLU A 175 -47.10 -18.61 8.47
N LYS A 176 -46.19 -17.89 9.13
CA LYS A 176 -46.49 -16.52 9.53
C LYS A 176 -46.53 -15.56 8.35
N LYS A 177 -46.02 -15.96 7.19
CA LYS A 177 -46.02 -15.14 5.99
C LYS A 177 -46.90 -15.78 4.93
N LYS A 178 -47.72 -14.96 4.26
CA LYS A 178 -48.70 -15.47 3.31
C LYS A 178 -48.04 -16.16 2.12
N GLU A 179 -47.00 -15.56 1.56
CA GLU A 179 -46.35 -16.07 0.36
C GLU A 179 -45.07 -16.80 0.78
N ARG A 180 -45.29 -18.09 1.11
CA ARG A 180 -44.20 -19.02 1.51
C ARG A 180 -43.70 -19.78 0.28
N LEU A 181 -42.39 -19.87 0.10
CA LEU A 181 -41.85 -20.47 -1.11
C LEU A 181 -40.72 -21.44 -0.76
N VAL A 182 -40.72 -22.59 -1.42
CA VAL A 182 -39.78 -23.68 -1.12
C VAL A 182 -39.13 -24.15 -2.43
N VAL A 183 -37.82 -24.31 -2.42
CA VAL A 183 -37.08 -25.06 -3.43
C VAL A 183 -36.43 -26.25 -2.74
N VAL A 184 -36.54 -27.43 -3.33
CA VAL A 184 -35.83 -28.60 -2.85
C VAL A 184 -35.00 -29.17 -3.99
N ASP A 185 -33.88 -29.81 -3.64
CA ASP A 185 -33.11 -30.55 -4.64
C ASP A 185 -32.40 -31.72 -3.98
N CYS A 186 -32.67 -32.92 -4.46
CA CYS A 186 -32.03 -34.16 -4.03
C CYS A 186 -32.40 -35.24 -5.04
N GLU A 187 -31.80 -36.42 -4.86
CA GLU A 187 -32.15 -37.55 -5.71
C GLU A 187 -33.58 -38.01 -5.42
N SER A 188 -34.20 -38.62 -6.44
CA SER A 188 -35.62 -38.96 -6.37
C SER A 188 -35.90 -40.00 -5.29
N GLU A 189 -34.95 -40.92 -5.04
CA GLU A 189 -35.13 -41.90 -3.98
C GLU A 189 -35.22 -41.25 -2.61
N ARG A 190 -34.36 -40.26 -2.35
CA ARG A 190 -34.45 -39.49 -1.11
C ARG A 190 -35.60 -38.49 -1.16
N LEU A 191 -35.90 -37.95 -2.35
CA LEU A 191 -36.96 -36.96 -2.47
C LEU A 191 -38.32 -37.58 -2.18
N ASN A 192 -38.49 -38.88 -2.45
CA ASN A 192 -39.74 -39.55 -2.13
C ASN A 192 -40.00 -39.55 -0.62
N ALA A 193 -38.98 -39.90 0.16
CA ALA A 193 -39.11 -39.85 1.62
C ALA A 193 -39.25 -38.42 2.12
N ILE A 194 -38.58 -37.47 1.48
CA ILE A 194 -38.72 -36.07 1.86
C ILE A 194 -40.16 -35.60 1.66
N LEU A 195 -40.75 -35.97 0.52
CA LEU A 195 -42.12 -35.56 0.22
C LEU A 195 -43.12 -36.28 1.12
N GLY A 196 -42.84 -37.54 1.47
CA GLY A 196 -43.66 -38.23 2.44
C GLY A 196 -43.61 -37.59 3.81
N GLN A 197 -42.43 -37.10 4.21
CA GLN A 197 -42.32 -36.31 5.44
C GLN A 197 -43.17 -35.04 5.33
N ILE A 198 -43.11 -34.38 4.17
CA ILE A 198 -43.88 -33.14 3.97
C ILE A 198 -45.37 -33.39 4.11
N VAL A 199 -45.87 -34.48 3.52
CA VAL A 199 -47.30 -34.79 3.59
C VAL A 199 -47.73 -35.51 4.85
N LYS A 200 -46.78 -36.00 5.67
CA LYS A 200 -47.15 -36.83 6.80
C LYS A 200 -47.86 -36.03 7.89
N LEU A 201 -47.33 -34.88 8.24
CA LEU A 201 -47.95 -34.05 9.26
C LEU A 201 -48.15 -32.61 8.82
N GLU A 202 -47.24 -32.06 8.01
CA GLU A 202 -47.34 -30.67 7.57
C GLU A 202 -48.40 -30.53 6.49
N LYS A 203 -49.13 -29.42 6.56
CA LYS A 203 -50.10 -29.11 5.51
C LYS A 203 -49.40 -28.86 4.18
N ASN A 204 -49.93 -29.46 3.13
CA ASN A 204 -49.45 -29.27 1.76
C ASN A 204 -50.50 -28.54 0.92
N GLY A 205 -51.17 -27.56 1.52
CA GLY A 205 -52.32 -26.92 0.92
C GLY A 205 -52.09 -25.50 0.41
N ILE A 206 -52.49 -24.52 1.23
CA ILE A 206 -52.48 -23.13 0.81
C ILE A 206 -51.06 -22.67 0.56
N GLY A 207 -50.83 -22.04 -0.60
CA GLY A 207 -49.49 -21.61 -0.96
C GLY A 207 -48.60 -22.80 -1.24
N TYR A 208 -47.37 -22.73 -0.71
CA TYR A 208 -46.40 -23.84 -0.77
C TYR A 208 -46.09 -24.22 -2.21
N HIS A 209 -45.51 -23.27 -2.94
CA HIS A 209 -45.10 -23.49 -4.33
C HIS A 209 -43.72 -24.13 -4.34
N TYR A 210 -43.69 -25.44 -4.20
CA TYR A 210 -42.44 -26.18 -4.29
C TYR A 210 -41.91 -26.16 -5.70
N ILE A 211 -40.59 -26.00 -5.84
CA ILE A 211 -39.91 -26.10 -7.12
C ILE A 211 -38.97 -27.30 -7.03
N LEU A 212 -39.37 -28.41 -7.62
CA LEU A 212 -38.60 -29.65 -7.56
C LEU A 212 -37.46 -29.55 -8.56
N ALA A 213 -36.23 -29.42 -8.05
CA ALA A 213 -35.05 -29.23 -8.89
C ALA A 213 -34.41 -30.60 -9.12
N ASN A 214 -34.79 -31.23 -10.24
CA ASN A 214 -34.24 -32.52 -10.63
C ASN A 214 -34.41 -32.66 -12.13
N LEU A 215 -34.05 -33.84 -12.65
CA LEU A 215 -34.16 -34.10 -14.09
C LEU A 215 -35.40 -34.91 -14.46
N GLY A 216 -36.02 -35.59 -13.49
CA GLY A 216 -37.22 -36.36 -13.77
C GLY A 216 -38.41 -35.93 -12.94
N PHE A 217 -39.42 -35.37 -13.60
CA PHE A 217 -40.59 -34.89 -12.89
C PHE A 217 -41.60 -36.00 -12.65
N MET A 218 -41.92 -36.77 -13.69
CA MET A 218 -42.87 -37.88 -13.57
C MET A 218 -42.29 -39.06 -12.81
N ASP A 219 -40.99 -39.06 -12.53
CA ASP A 219 -40.38 -40.13 -11.74
C ASP A 219 -40.95 -40.17 -10.33
N ILE A 220 -41.23 -39.00 -9.75
CA ILE A 220 -41.65 -38.90 -8.36
C ILE A 220 -43.15 -39.15 -8.27
N ASP A 221 -43.55 -40.02 -7.34
CA ASP A 221 -44.96 -40.32 -7.10
C ASP A 221 -45.55 -39.16 -6.31
N LEU A 222 -46.17 -38.21 -7.01
CA LEU A 222 -46.73 -37.01 -6.39
C LEU A 222 -48.26 -37.05 -6.34
N ASN A 223 -48.85 -38.26 -6.39
CA ASN A 223 -50.31 -38.38 -6.29
C ASN A 223 -50.82 -37.89 -4.94
N LYS A 224 -50.01 -38.04 -3.88
CA LYS A 224 -50.41 -37.52 -2.58
C LYS A 224 -50.32 -36.00 -2.55
N PHE A 225 -49.46 -35.41 -3.37
CA PHE A 225 -49.36 -33.95 -3.51
C PHE A 225 -50.55 -33.34 -4.25
N LYS A 226 -51.51 -34.15 -4.70
CA LYS A 226 -52.63 -33.68 -5.50
C LYS A 226 -53.83 -33.30 -4.64
N GLU A 227 -53.66 -33.29 -3.31
CA GLU A 227 -54.81 -33.10 -2.41
C GLU A 227 -55.41 -31.71 -2.56
N SER A 228 -54.59 -30.67 -2.43
CA SER A 228 -55.08 -29.29 -2.52
C SER A 228 -53.92 -28.33 -2.72
N GLY A 229 -54.02 -27.47 -3.74
CA GLY A 229 -52.95 -26.53 -4.03
C GLY A 229 -51.68 -27.26 -4.42
N ALA A 230 -50.59 -26.93 -3.73
CA ALA A 230 -49.28 -27.58 -3.88
C ALA A 230 -48.80 -27.53 -5.34
N ASN A 231 -48.70 -26.32 -5.85
CA ASN A 231 -48.17 -26.10 -7.19
C ASN A 231 -46.71 -26.53 -7.24
N VAL A 232 -46.35 -27.34 -8.22
CA VAL A 232 -44.97 -27.80 -8.35
C VAL A 232 -44.49 -27.60 -9.78
N THR A 233 -43.25 -27.11 -9.90
CA THR A 233 -42.61 -26.79 -11.18
C THR A 233 -41.37 -27.67 -11.31
N GLY A 234 -41.50 -28.76 -12.05
CA GLY A 234 -40.39 -29.67 -12.27
C GLY A 234 -39.78 -29.54 -13.66
N PHE A 235 -38.61 -30.15 -13.80
CA PHE A 235 -37.90 -30.21 -15.07
C PHE A 235 -37.91 -31.63 -15.59
N GLN A 236 -38.05 -31.78 -16.91
CA GLN A 236 -37.99 -33.08 -17.55
C GLN A 236 -37.00 -33.04 -18.69
N LEU A 237 -36.20 -34.11 -18.81
CA LEU A 237 -35.25 -34.28 -19.89
C LEU A 237 -35.69 -35.30 -20.92
N VAL A 238 -36.34 -36.39 -20.49
CA VAL A 238 -36.72 -37.49 -21.36
C VAL A 238 -38.23 -37.42 -21.57
N ASN A 239 -38.65 -37.44 -22.83
CA ASN A 239 -40.06 -37.36 -23.20
C ASN A 239 -40.47 -38.69 -23.80
N TYR A 240 -41.39 -39.39 -23.14
CA TYR A 240 -41.91 -40.65 -23.66
C TYR A 240 -43.12 -40.43 -24.56
N THR A 241 -42.99 -39.48 -25.49
CA THR A 241 -44.00 -39.26 -26.52
C THR A 241 -43.43 -39.07 -27.92
N ASP A 242 -42.19 -38.60 -28.07
CA ASP A 242 -41.60 -38.40 -29.38
C ASP A 242 -41.35 -39.76 -30.05
N THR A 243 -41.17 -39.71 -31.37
CA THR A 243 -41.18 -40.92 -32.19
C THR A 243 -40.04 -41.86 -31.83
N ILE A 244 -38.83 -41.32 -31.67
CA ILE A 244 -37.66 -42.15 -31.40
C ILE A 244 -37.66 -42.69 -29.97
N PRO A 245 -37.92 -41.89 -28.91
CA PRO A 245 -38.03 -42.50 -27.58
C PRO A 245 -39.17 -43.50 -27.47
N ALA A 246 -40.30 -43.25 -28.13
CA ALA A 246 -41.40 -44.21 -28.09
C ALA A 246 -41.03 -45.49 -28.82
N ARG A 247 -40.32 -45.38 -29.95
CA ARG A 247 -39.88 -46.58 -30.67
C ARG A 247 -38.90 -47.39 -29.84
N ILE A 248 -37.96 -46.73 -29.17
CA ILE A 248 -36.97 -47.46 -28.37
C ILE A 248 -37.63 -48.09 -27.15
N MET A 249 -38.59 -47.38 -26.53
CA MET A 249 -39.32 -47.94 -25.40
C MET A 249 -40.20 -49.11 -25.82
N GLN A 250 -40.77 -49.05 -27.02
CA GLN A 250 -41.53 -50.18 -27.56
C GLN A 250 -40.62 -51.38 -27.81
N GLN A 251 -39.42 -51.13 -28.34
CA GLN A 251 -38.45 -52.21 -28.52
C GLN A 251 -38.04 -52.82 -27.18
N TRP A 252 -37.92 -51.98 -26.14
CA TRP A 252 -37.64 -52.48 -24.80
C TRP A 252 -38.80 -53.32 -24.28
N ARG A 253 -40.03 -52.90 -24.59
CA ARG A 253 -41.21 -53.67 -24.17
C ARG A 253 -41.24 -55.04 -24.84
N THR A 254 -41.04 -55.07 -26.15
CA THR A 254 -41.04 -56.32 -26.91
C THR A 254 -39.59 -56.73 -27.18
N SER A 255 -38.98 -57.36 -26.18
CA SER A 255 -37.61 -57.84 -26.26
C SER A 255 -37.61 -59.36 -26.22
N ASP A 256 -36.94 -59.97 -27.19
CA ASP A 256 -36.84 -61.43 -27.22
C ASP A 256 -36.05 -61.96 -26.03
N SER A 257 -34.96 -61.28 -25.68
CA SER A 257 -34.15 -61.67 -24.53
C SER A 257 -34.69 -61.02 -23.26
N ARG A 258 -34.94 -61.83 -22.24
CA ARG A 258 -35.48 -61.32 -20.98
C ARG A 258 -34.42 -60.51 -20.26
N ASP A 259 -34.80 -59.33 -19.79
CA ASP A 259 -33.88 -58.46 -19.08
C ASP A 259 -33.61 -59.01 -17.67
N HIS A 260 -32.58 -58.45 -17.03
CA HIS A 260 -32.20 -58.87 -15.69
C HIS A 260 -33.15 -58.24 -14.66
N THR A 261 -32.85 -58.46 -13.38
CA THR A 261 -33.66 -58.02 -12.23
C THR A 261 -35.07 -58.60 -12.38
N ARG A 262 -36.07 -57.91 -11.81
CA ARG A 262 -37.44 -58.38 -11.90
C ARG A 262 -38.33 -57.42 -12.68
N VAL A 263 -38.40 -56.14 -12.27
CA VAL A 263 -39.26 -55.16 -12.91
C VAL A 263 -38.43 -53.90 -13.16
N ASP A 264 -38.46 -53.41 -14.41
CA ASP A 264 -37.77 -52.19 -14.80
C ASP A 264 -38.75 -51.24 -15.49
N TRP A 265 -39.91 -51.05 -14.87
CA TRP A 265 -40.98 -50.21 -15.41
C TRP A 265 -41.71 -49.58 -14.23
N LYS A 266 -42.94 -49.11 -14.47
CA LYS A 266 -43.76 -48.45 -13.45
C LYS A 266 -43.06 -47.21 -12.89
N ARG A 267 -43.01 -46.18 -13.76
CA ARG A 267 -42.24 -44.95 -13.64
C ARG A 267 -40.74 -45.24 -13.69
N PRO A 268 -40.22 -45.64 -14.86
CA PRO A 268 -38.78 -45.94 -14.96
C PRO A 268 -37.93 -44.68 -14.78
N LYS A 269 -36.73 -44.90 -14.28
CA LYS A 269 -35.82 -43.79 -13.96
C LYS A 269 -35.18 -43.23 -15.22
N TYR A 270 -34.88 -41.93 -15.18
CA TYR A 270 -34.18 -41.28 -16.28
C TYR A 270 -32.72 -41.67 -16.37
N THR A 271 -32.14 -42.18 -15.28
CA THR A 271 -30.76 -42.65 -15.32
C THR A 271 -30.60 -43.87 -16.21
N SER A 272 -31.66 -44.67 -16.37
CA SER A 272 -31.64 -45.75 -17.35
C SER A 272 -31.54 -45.19 -18.77
N ALA A 273 -32.26 -44.10 -19.05
CA ALA A 273 -32.14 -43.43 -20.34
C ALA A 273 -30.74 -42.85 -20.53
N LEU A 274 -30.16 -42.33 -19.46
CA LEU A 274 -28.79 -41.82 -19.56
C LEU A 274 -27.80 -42.94 -19.83
N THR A 275 -27.99 -44.11 -19.22
CA THR A 275 -27.14 -45.27 -19.50
C THR A 275 -27.29 -45.73 -20.95
N TYR A 276 -28.53 -45.75 -21.46
CA TYR A 276 -28.77 -46.08 -22.86
C TYR A 276 -28.06 -45.10 -23.79
N ASP A 277 -28.14 -43.81 -23.47
CA ASP A 277 -27.45 -42.80 -24.27
C ASP A 277 -25.94 -42.93 -24.17
N GLY A 278 -25.41 -43.33 -23.02
CA GLY A 278 -23.98 -43.55 -22.90
C GLY A 278 -23.50 -44.71 -23.75
N VAL A 279 -24.24 -45.82 -23.74
CA VAL A 279 -23.89 -46.94 -24.62
C VAL A 279 -23.97 -46.52 -26.07
N LYS A 280 -25.01 -45.75 -26.42
CA LYS A 280 -25.19 -45.32 -27.81
C LYS A 280 -24.06 -44.39 -28.25
N VAL A 281 -23.65 -43.45 -27.40
CA VAL A 281 -22.57 -42.54 -27.79
C VAL A 281 -21.24 -43.28 -27.86
N MET A 282 -21.02 -44.27 -26.99
CA MET A 282 -19.80 -45.07 -27.10
C MET A 282 -19.76 -45.84 -28.41
N ALA A 283 -20.88 -46.47 -28.78
CA ALA A 283 -20.94 -47.23 -30.01
C ALA A 283 -20.78 -46.35 -31.23
N GLU A 284 -21.44 -45.19 -31.25
CA GLU A 284 -21.34 -44.28 -32.38
C GLU A 284 -19.93 -43.69 -32.49
N ALA A 285 -19.32 -43.37 -31.36
CA ALA A 285 -17.95 -42.85 -31.38
C ALA A 285 -16.98 -43.88 -31.92
N PHE A 286 -17.10 -45.13 -31.49
CA PHE A 286 -16.19 -46.16 -31.96
C PHE A 286 -16.43 -46.49 -33.44
N GLN A 287 -17.68 -46.46 -33.88
CA GLN A 287 -17.99 -46.67 -35.29
C GLN A 287 -17.42 -45.56 -36.15
N SER A 288 -17.56 -44.30 -35.71
CA SER A 288 -17.01 -43.18 -36.46
C SER A 288 -15.48 -43.22 -36.47
N LEU A 289 -14.87 -43.65 -35.37
CA LEU A 289 -13.41 -43.79 -35.34
C LEU A 289 -12.94 -44.90 -36.28
N ARG A 290 -13.70 -46.00 -36.36
CA ARG A 290 -13.36 -47.07 -37.30
C ARG A 290 -13.53 -46.60 -38.75
N ARG A 291 -14.54 -45.77 -38.99
CA ARG A 291 -14.76 -45.26 -40.34
C ARG A 291 -13.63 -44.37 -40.82
N GLN A 292 -12.97 -43.64 -39.90
CA GLN A 292 -11.90 -42.73 -40.27
C GLN A 292 -10.58 -43.43 -40.53
N ARG A 293 -10.50 -44.74 -40.27
CA ARG A 293 -9.30 -45.56 -40.51
C ARG A 293 -8.10 -45.03 -39.72
N ILE A 294 -8.26 -45.03 -38.40
CA ILE A 294 -7.22 -44.61 -37.48
C ILE A 294 -6.87 -45.80 -36.59
N ASP A 295 -5.58 -46.12 -36.51
CA ASP A 295 -5.15 -47.28 -35.73
C ASP A 295 -5.30 -46.99 -34.24
N ILE A 296 -5.92 -47.92 -33.52
CA ILE A 296 -6.14 -47.79 -32.08
C ILE A 296 -5.73 -49.09 -31.39
N SER A 297 -4.98 -49.93 -32.10
CA SER A 297 -4.54 -51.20 -31.54
C SER A 297 -3.53 -50.98 -30.43
N ARG A 298 -3.59 -51.86 -29.43
CA ARG A 298 -2.69 -51.76 -28.28
C ARG A 298 -1.29 -52.21 -28.67
N ARG A 299 -0.34 -51.28 -28.65
CA ARG A 299 1.06 -51.59 -28.99
C ARG A 299 1.81 -52.05 -27.74
N GLY A 300 1.46 -53.25 -27.29
CA GLY A 300 2.06 -53.85 -26.10
C GLY A 300 1.04 -54.04 -25.00
N ASN A 301 1.45 -53.78 -23.77
CA ASN A 301 0.62 -53.93 -22.60
C ASN A 301 0.50 -52.59 -21.86
N ALA A 302 -0.67 -52.36 -21.27
CA ALA A 302 -0.89 -51.12 -20.52
C ALA A 302 0.02 -51.04 -19.30
N GLY A 303 0.18 -52.14 -18.59
CA GLY A 303 1.05 -52.19 -17.43
C GLY A 303 0.28 -51.95 -16.14
N ASP A 304 0.74 -50.98 -15.35
CA ASP A 304 0.13 -50.68 -14.06
C ASP A 304 0.00 -49.16 -13.92
N CYS A 305 -0.94 -48.75 -13.06
CA CYS A 305 -1.13 -47.33 -12.80
C CYS A 305 0.07 -46.72 -12.10
N LEU A 306 0.66 -47.46 -11.16
CA LEU A 306 1.73 -46.94 -10.30
C LEU A 306 3.07 -47.13 -11.02
N ALA A 307 3.47 -46.11 -11.79
CA ALA A 307 4.76 -46.09 -12.44
C ALA A 307 5.37 -44.70 -12.27
N ASN A 308 6.68 -44.65 -12.05
CA ASN A 308 7.35 -43.36 -11.91
C ASN A 308 7.23 -42.48 -13.16
N PRO A 309 7.43 -42.99 -14.40
CA PRO A 309 6.98 -42.21 -15.56
C PRO A 309 5.54 -42.58 -15.92
N ALA A 310 4.70 -41.57 -16.17
CA ALA A 310 3.30 -41.83 -16.47
C ALA A 310 3.15 -42.54 -17.82
N VAL A 311 3.78 -41.99 -18.86
CA VAL A 311 3.76 -42.50 -20.23
C VAL A 311 2.34 -42.78 -20.69
N PRO A 312 1.52 -41.77 -20.97
CA PRO A 312 0.17 -42.03 -21.47
C PRO A 312 0.21 -42.60 -22.88
N TRP A 313 -0.79 -43.43 -23.19
CA TRP A 313 -0.89 -44.00 -24.53
C TRP A 313 -1.25 -42.92 -25.55
N GLY A 314 -0.60 -42.99 -26.71
CA GLY A 314 -0.61 -41.86 -27.63
C GLY A 314 -1.97 -41.57 -28.25
N GLN A 315 -2.69 -42.60 -28.65
CA GLN A 315 -3.95 -42.41 -29.37
C GLN A 315 -5.13 -42.12 -28.45
N GLY A 316 -4.93 -42.16 -27.13
CA GLY A 316 -6.03 -41.97 -26.20
C GLY A 316 -6.70 -40.61 -26.35
N ILE A 317 -5.90 -39.57 -26.61
CA ILE A 317 -6.45 -38.24 -26.87
C ILE A 317 -7.37 -38.29 -28.09
N ASP A 318 -6.95 -39.02 -29.13
CA ASP A 318 -7.81 -39.23 -30.29
C ASP A 318 -9.11 -39.92 -29.90
N ILE A 319 -9.03 -40.87 -28.96
CA ILE A 319 -10.23 -41.50 -28.41
C ILE A 319 -11.15 -40.44 -27.81
N GLN A 320 -10.57 -39.51 -27.05
CA GLN A 320 -11.35 -38.40 -26.50
C GLN A 320 -11.93 -37.56 -27.63
N ARG A 321 -11.17 -37.37 -28.70
CA ARG A 321 -11.70 -36.67 -29.87
C ARG A 321 -12.89 -37.43 -30.44
N ALA A 322 -12.79 -38.76 -30.50
CA ALA A 322 -13.91 -39.57 -30.94
C ALA A 322 -15.11 -39.41 -30.01
N LEU A 323 -14.87 -39.14 -28.73
CA LEU A 323 -15.95 -38.93 -27.78
C LEU A 323 -16.51 -37.51 -27.85
N GLN A 324 -15.92 -36.62 -28.65
CA GLN A 324 -16.31 -35.22 -28.64
C GLN A 324 -17.28 -34.85 -29.76
N GLN A 325 -17.12 -35.42 -30.96
CA GLN A 325 -17.93 -35.05 -32.11
C GLN A 325 -19.14 -35.97 -32.31
N VAL A 326 -19.51 -36.73 -31.30
CA VAL A 326 -20.69 -37.60 -31.39
C VAL A 326 -21.94 -36.73 -31.30
N ARG A 327 -22.89 -36.95 -32.23
CA ARG A 327 -24.10 -36.15 -32.29
C ARG A 327 -25.21 -36.94 -32.95
N PHE A 328 -26.31 -37.13 -32.23
CA PHE A 328 -27.52 -37.77 -32.74
C PHE A 328 -28.65 -37.46 -31.78
N GLU A 329 -29.79 -38.13 -31.96
CA GLU A 329 -30.94 -37.98 -31.08
C GLU A 329 -31.22 -39.30 -30.38
N GLY A 330 -31.33 -39.25 -29.05
CA GLY A 330 -31.59 -40.41 -28.24
C GLY A 330 -32.81 -40.20 -27.37
N LEU A 331 -32.83 -40.93 -26.24
CA LEU A 331 -33.94 -40.79 -25.30
C LEU A 331 -33.93 -39.41 -24.65
N THR A 332 -32.76 -38.89 -24.30
CA THR A 332 -32.66 -37.58 -23.69
C THR A 332 -32.69 -36.45 -24.71
N GLY A 333 -32.66 -36.76 -26.01
CA GLY A 333 -32.68 -35.74 -27.03
C GLY A 333 -31.34 -35.62 -27.75
N ASN A 334 -30.94 -34.39 -28.06
CA ASN A 334 -29.66 -34.16 -28.72
C ASN A 334 -28.53 -34.37 -27.72
N VAL A 335 -27.51 -35.12 -28.13
CA VAL A 335 -26.35 -35.38 -27.31
C VAL A 335 -25.16 -34.71 -27.99
N GLN A 336 -24.74 -33.57 -27.47
CA GLN A 336 -23.60 -32.83 -28.00
C GLN A 336 -22.69 -32.39 -26.86
N PHE A 337 -21.39 -32.37 -27.13
CA PHE A 337 -20.39 -32.04 -26.12
C PHE A 337 -19.55 -30.87 -26.60
N ASN A 338 -19.17 -30.01 -25.66
CA ASN A 338 -18.31 -28.87 -25.94
C ASN A 338 -16.84 -29.24 -25.72
N GLU A 339 -15.96 -28.24 -25.71
CA GLU A 339 -14.54 -28.49 -25.53
C GLU A 339 -14.24 -29.07 -24.15
N LYS A 340 -14.93 -28.58 -23.12
CA LYS A 340 -14.68 -29.02 -21.74
C LYS A 340 -15.08 -30.48 -21.51
N GLY A 341 -15.86 -31.07 -22.39
CA GLY A 341 -16.24 -32.47 -22.26
C GLY A 341 -17.58 -32.72 -21.61
N ARG A 342 -18.35 -31.68 -21.31
CA ARG A 342 -19.68 -31.83 -20.73
C ARG A 342 -20.74 -31.63 -21.79
N ARG A 343 -21.95 -32.12 -21.49
CA ARG A 343 -23.05 -32.01 -22.44
C ARG A 343 -23.54 -30.57 -22.54
N THR A 344 -23.83 -30.14 -23.76
CA THR A 344 -24.29 -28.78 -24.03
C THR A 344 -25.40 -28.83 -25.08
N ASN A 345 -26.14 -27.72 -25.16
CA ASN A 345 -27.23 -27.52 -26.11
C ASN A 345 -28.30 -28.61 -25.92
N TYR A 346 -28.94 -28.54 -24.76
CA TYR A 346 -30.01 -29.45 -24.40
C TYR A 346 -31.30 -28.66 -24.16
N THR A 347 -32.43 -29.33 -24.35
CA THR A 347 -33.75 -28.73 -24.16
C THR A 347 -34.39 -29.39 -22.94
N LEU A 348 -34.80 -28.57 -21.98
CA LEU A 348 -35.45 -29.07 -20.76
C LEU A 348 -36.89 -28.60 -20.75
N HIS A 349 -37.83 -29.55 -20.63
CA HIS A 349 -39.24 -29.22 -20.61
C HIS A 349 -39.65 -28.88 -19.18
N VAL A 350 -40.11 -27.65 -18.96
CA VAL A 350 -40.54 -27.21 -17.64
C VAL A 350 -42.04 -27.50 -17.51
N ILE A 351 -42.39 -28.34 -16.54
CA ILE A 351 -43.77 -28.76 -16.34
C ILE A 351 -44.22 -28.26 -14.97
N GLU A 352 -45.25 -27.42 -14.96
CA GLU A 352 -45.80 -26.89 -13.72
C GLU A 352 -47.25 -27.34 -13.60
N MET A 353 -47.59 -27.94 -12.46
CA MET A 353 -48.96 -28.39 -12.21
C MET A 353 -49.51 -27.72 -10.96
N LYS A 354 -50.79 -27.32 -11.05
CA LYS A 354 -51.52 -26.65 -9.98
C LYS A 354 -52.95 -27.21 -9.96
N HIS A 355 -53.15 -28.29 -9.19
CA HIS A 355 -54.46 -28.83 -8.84
C HIS A 355 -55.23 -29.38 -10.05
N ASP A 356 -54.66 -29.26 -11.26
CA ASP A 356 -55.34 -29.67 -12.48
C ASP A 356 -54.73 -30.92 -13.10
N GLY A 357 -53.44 -30.89 -13.40
CA GLY A 357 -52.79 -32.03 -14.00
C GLY A 357 -51.49 -31.62 -14.66
N ILE A 358 -50.87 -32.61 -15.32
CA ILE A 358 -49.59 -32.39 -15.96
C ILE A 358 -49.77 -31.49 -17.16
N ARG A 359 -49.04 -30.38 -17.19
CA ARG A 359 -49.14 -29.40 -18.27
C ARG A 359 -47.81 -28.69 -18.42
N LYS A 360 -47.29 -28.69 -19.65
CA LYS A 360 -46.01 -28.05 -19.93
C LYS A 360 -46.22 -26.56 -20.18
N ILE A 361 -45.40 -25.73 -19.51
CA ILE A 361 -45.53 -24.28 -19.63
C ILE A 361 -44.42 -23.67 -20.49
N GLY A 362 -43.39 -24.43 -20.83
CA GLY A 362 -42.33 -23.90 -21.65
C GLY A 362 -41.12 -24.81 -21.66
N TYR A 363 -40.07 -24.34 -22.32
CA TYR A 363 -38.83 -25.11 -22.42
C TYR A 363 -37.63 -24.22 -22.12
N TRP A 364 -36.49 -24.86 -21.95
CA TRP A 364 -35.23 -24.19 -21.61
C TRP A 364 -34.16 -24.65 -22.58
N ASN A 365 -33.47 -23.68 -23.18
CA ASN A 365 -32.35 -23.91 -24.09
C ASN A 365 -31.17 -23.07 -23.64
N GLU A 366 -29.96 -23.52 -23.99
CA GLU A 366 -28.75 -22.82 -23.57
C GLU A 366 -28.66 -21.43 -24.17
N ASP A 367 -29.01 -21.29 -25.45
CA ASP A 367 -28.91 -20.00 -26.12
C ASP A 367 -30.17 -19.15 -25.96
N ASP A 368 -31.34 -19.78 -25.90
CA ASP A 368 -32.60 -19.06 -25.81
C ASP A 368 -33.08 -18.84 -24.39
N LYS A 369 -32.34 -19.33 -23.39
CA LYS A 369 -32.69 -19.24 -21.96
C LYS A 369 -34.05 -19.94 -21.79
N PHE A 370 -35.01 -19.34 -21.10
CA PHE A 370 -36.32 -19.95 -20.91
C PHE A 370 -37.31 -19.34 -21.89
N VAL A 371 -37.94 -20.18 -22.70
CA VAL A 371 -38.99 -19.76 -23.63
C VAL A 371 -40.31 -20.36 -23.12
N PRO A 372 -41.21 -19.55 -22.59
CA PRO A 372 -42.52 -20.07 -22.18
C PRO A 372 -43.37 -20.47 -23.38
N ALA A 373 -44.28 -21.40 -23.14
CA ALA A 373 -45.18 -21.87 -24.18
C ALA A 373 -46.60 -22.02 -23.65
N ALA B 1 11.98 -55.68 22.41
CA ALA B 1 12.80 -55.65 21.20
C ALA B 1 12.30 -54.59 20.24
N PHE B 2 12.12 -53.38 20.75
CA PHE B 2 11.65 -52.27 19.92
C PHE B 2 12.74 -51.87 18.93
N PRO B 3 12.42 -51.70 17.65
CA PRO B 3 13.45 -51.29 16.68
C PRO B 3 13.86 -49.84 16.90
N SER B 4 15.16 -49.59 16.92
CA SER B 4 15.67 -48.26 17.23
C SER B 4 15.29 -47.25 16.15
N SER B 5 15.35 -47.65 14.89
CA SER B 5 15.06 -46.76 13.77
C SER B 5 13.77 -47.20 13.09
N VAL B 6 12.73 -46.38 13.20
CA VAL B 6 11.48 -46.60 12.50
C VAL B 6 11.61 -46.09 11.08
N GLN B 7 10.66 -46.43 10.22
CA GLN B 7 10.70 -46.08 8.80
C GLN B 7 9.57 -45.11 8.45
N ILE B 8 9.35 -44.11 9.29
CA ILE B 8 8.22 -43.20 9.13
C ILE B 8 8.37 -42.37 7.88
N GLY B 9 7.28 -42.28 7.10
CA GLY B 9 7.24 -41.43 5.93
C GLY B 9 6.49 -40.13 6.19
N GLY B 10 6.46 -39.30 5.16
CA GLY B 10 5.77 -38.02 5.23
C GLY B 10 5.32 -37.57 3.86
N LEU B 11 4.27 -36.74 3.85
CA LEU B 11 3.69 -36.23 2.61
C LEU B 11 3.53 -34.73 2.73
N PHE B 12 3.95 -34.00 1.70
CA PHE B 12 3.83 -32.55 1.67
C PHE B 12 3.40 -32.10 0.28
N ILE B 13 2.77 -30.93 0.23
CA ILE B 13 2.26 -30.36 -1.01
C ILE B 13 3.06 -29.10 -1.34
N ARG B 14 2.61 -28.44 -2.40
CA ARG B 14 3.29 -27.22 -2.85
C ARG B 14 3.17 -26.11 -1.81
N ASN B 15 4.05 -25.11 -1.90
CA ASN B 15 3.97 -23.94 -1.02
C ASN B 15 3.93 -24.36 0.45
N THR B 16 4.74 -25.36 0.80
CA THR B 16 4.79 -25.90 2.15
C THR B 16 6.25 -26.06 2.58
N ASP B 17 7.03 -24.99 2.38
CA ASP B 17 8.43 -25.01 2.78
C ASP B 17 8.59 -24.67 4.26
N GLN B 18 7.75 -23.77 4.78
CA GLN B 18 7.82 -23.40 6.19
C GLN B 18 7.50 -24.60 7.08
N GLU B 19 6.45 -25.34 6.74
CA GLU B 19 6.08 -26.53 7.52
C GLU B 19 7.11 -27.63 7.37
N TYR B 20 7.71 -27.77 6.18
CA TYR B 20 8.78 -28.73 6.00
C TYR B 20 9.99 -28.39 6.88
N THR B 21 10.34 -27.10 6.96
CA THR B 21 11.45 -26.71 7.82
C THR B 21 11.12 -26.93 9.29
N ALA B 22 9.86 -26.69 9.69
CA ALA B 22 9.46 -26.98 11.05
C ALA B 22 9.55 -28.47 11.36
N PHE B 23 9.12 -29.31 10.41
CA PHE B 23 9.23 -30.76 10.57
C PHE B 23 10.69 -31.19 10.70
N ARG B 24 11.56 -30.65 9.85
CA ARG B 24 12.98 -30.99 9.90
C ARG B 24 13.62 -30.54 11.20
N LEU B 25 13.24 -29.35 11.69
CA LEU B 25 13.76 -28.86 12.97
C LEU B 25 13.29 -29.74 14.12
N ALA B 26 12.03 -30.19 14.08
CA ALA B 26 11.53 -31.07 15.13
C ALA B 26 12.24 -32.42 15.11
N ILE B 27 12.51 -32.96 13.91
CA ILE B 27 13.25 -34.22 13.81
C ILE B 27 14.68 -34.03 14.31
N PHE B 28 15.30 -32.89 14.00
CA PHE B 28 16.64 -32.59 14.48
C PHE B 28 16.67 -32.54 16.00
N LEU B 29 15.68 -31.87 16.61
CA LEU B 29 15.66 -31.75 18.06
C LEU B 29 15.32 -33.08 18.74
N HIS B 30 14.54 -33.93 18.10
CA HIS B 30 14.23 -35.22 18.70
C HIS B 30 15.39 -36.20 18.58
N ASN B 31 16.10 -36.19 17.45
CA ASN B 31 17.14 -37.18 17.23
C ASN B 31 18.38 -36.89 18.08
N THR B 32 19.01 -35.74 17.87
CA THR B 32 20.25 -35.39 18.56
C THR B 32 19.90 -34.54 19.79
N SER B 33 19.53 -35.22 20.86
CA SER B 33 19.17 -34.58 22.11
C SER B 33 19.73 -35.38 23.28
N PRO B 34 20.00 -34.72 24.41
CA PRO B 34 20.40 -35.45 25.62
C PRO B 34 19.22 -36.16 26.26
N ASN B 35 19.44 -36.77 27.43
CA ASN B 35 18.43 -37.52 28.18
C ASN B 35 17.84 -38.64 27.32
N ALA B 36 18.71 -39.62 27.02
CA ALA B 36 18.35 -40.73 26.16
C ALA B 36 17.22 -41.58 26.73
N SER B 37 16.99 -41.52 28.05
CA SER B 37 15.83 -42.18 28.63
C SER B 37 14.53 -41.54 28.16
N GLU B 38 14.54 -40.23 27.91
CA GLU B 38 13.36 -39.54 27.41
C GLU B 38 13.12 -39.77 25.92
N ALA B 39 14.12 -40.24 25.18
CA ALA B 39 13.98 -40.54 23.76
C ALA B 39 14.93 -41.66 23.38
N PRO B 40 14.55 -42.91 23.65
CA PRO B 40 15.44 -44.05 23.36
C PRO B 40 15.40 -44.52 21.91
N PHE B 41 14.71 -43.82 21.02
CA PHE B 41 14.58 -44.25 19.64
C PHE B 41 14.81 -43.05 18.71
N ASN B 42 15.25 -43.34 17.50
CA ASN B 42 15.53 -42.32 16.50
C ASN B 42 14.40 -42.25 15.47
N LEU B 43 14.43 -41.19 14.67
CA LEU B 43 13.44 -40.95 13.63
C LEU B 43 14.14 -40.60 12.33
N VAL B 44 13.81 -41.30 11.27
CA VAL B 44 14.25 -40.95 9.92
C VAL B 44 13.01 -40.77 9.04
N PRO B 45 12.80 -39.60 8.45
CA PRO B 45 11.62 -39.39 7.60
C PRO B 45 11.82 -39.91 6.19
N HIS B 46 10.69 -40.13 5.51
CA HIS B 46 10.64 -40.44 4.09
C HIS B 46 9.70 -39.42 3.47
N VAL B 47 10.25 -38.26 3.08
CA VAL B 47 9.46 -37.12 2.67
C VAL B 47 9.29 -37.15 1.14
N ASP B 48 8.05 -36.95 0.68
CA ASP B 48 7.75 -36.84 -0.74
C ASP B 48 7.03 -35.53 -1.01
N ASN B 49 7.55 -34.74 -1.94
CA ASN B 49 6.88 -33.54 -2.39
C ASN B 49 5.98 -33.87 -3.58
N ILE B 50 4.79 -33.29 -3.58
CA ILE B 50 3.71 -33.79 -4.41
C ILE B 50 3.44 -32.92 -5.64
N GLU B 51 3.65 -31.60 -5.55
CA GLU B 51 3.54 -30.69 -6.69
C GLU B 51 2.10 -30.66 -7.26
N THR B 52 1.26 -29.82 -6.64
CA THR B 52 -0.13 -29.59 -7.04
C THR B 52 -0.99 -30.83 -6.83
N ALA B 53 -1.30 -31.14 -5.57
CA ALA B 53 -1.78 -32.45 -5.17
C ALA B 53 -3.15 -32.81 -5.73
N ASN B 54 -3.14 -33.51 -6.87
CA ASN B 54 -4.31 -34.24 -7.31
C ASN B 54 -4.30 -35.62 -6.66
N SER B 55 -5.27 -36.46 -7.04
CA SER B 55 -5.37 -37.77 -6.41
C SER B 55 -4.33 -38.75 -6.91
N PHE B 56 -3.87 -38.60 -8.16
CA PHE B 56 -2.91 -39.56 -8.71
C PHE B 56 -1.56 -39.46 -8.03
N ALA B 57 -1.06 -38.23 -7.82
CA ALA B 57 0.24 -38.06 -7.17
C ALA B 57 0.18 -38.50 -5.71
N VAL B 58 -0.94 -38.20 -5.03
CA VAL B 58 -1.10 -38.63 -3.64
C VAL B 58 -1.16 -40.15 -3.56
N THR B 59 -1.87 -40.79 -4.49
CA THR B 59 -1.92 -42.25 -4.52
C THR B 59 -0.54 -42.85 -4.78
N ASN B 60 0.22 -42.26 -5.71
CA ASN B 60 1.56 -42.74 -6.00
C ASN B 60 2.48 -42.61 -4.78
N ALA B 61 2.40 -41.46 -4.09
CA ALA B 61 3.22 -41.27 -2.90
C ALA B 61 2.83 -42.23 -1.78
N PHE B 62 1.53 -42.46 -1.60
CA PHE B 62 1.08 -43.40 -0.57
C PHE B 62 1.53 -44.82 -0.89
N CYS B 63 1.46 -45.21 -2.16
CA CYS B 63 1.92 -46.55 -2.53
C CYS B 63 3.43 -46.69 -2.40
N SER B 64 4.17 -45.63 -2.72
CA SER B 64 5.62 -45.66 -2.52
C SER B 64 5.99 -45.77 -1.05
N GLN B 65 5.27 -45.05 -0.18
CA GLN B 65 5.52 -45.15 1.25
C GLN B 65 5.11 -46.52 1.79
N TYR B 66 4.03 -47.09 1.26
CA TYR B 66 3.63 -48.44 1.65
C TYR B 66 4.68 -49.46 1.26
N SER B 67 5.25 -49.32 0.06
CA SER B 67 6.35 -50.20 -0.34
C SER B 67 7.60 -49.95 0.49
N ARG B 68 7.79 -48.72 0.98
CA ARG B 68 8.95 -48.43 1.83
C ARG B 68 8.81 -49.09 3.20
N GLY B 69 7.59 -49.20 3.71
CA GLY B 69 7.38 -49.81 5.02
C GLY B 69 7.15 -48.80 6.11
N VAL B 70 6.32 -47.80 5.85
CA VAL B 70 6.09 -46.72 6.80
C VAL B 70 5.16 -47.20 7.92
N PHE B 71 5.23 -46.49 9.05
CA PHE B 71 4.41 -46.78 10.22
C PHE B 71 3.31 -45.75 10.41
N ALA B 72 3.66 -44.48 10.47
CA ALA B 72 2.70 -43.38 10.50
C ALA B 72 3.10 -42.35 9.46
N ILE B 73 2.10 -41.66 8.90
CA ILE B 73 2.32 -40.74 7.79
C ILE B 73 1.84 -39.35 8.20
N PHE B 74 2.73 -38.37 8.05
CA PHE B 74 2.39 -36.96 8.24
C PHE B 74 2.12 -36.37 6.87
N GLY B 75 0.85 -36.08 6.58
CA GLY B 75 0.46 -35.62 5.26
C GLY B 75 -0.42 -34.38 5.33
N LEU B 76 -0.56 -33.76 4.16
CA LEU B 76 -1.41 -32.59 3.99
C LEU B 76 -2.27 -32.79 2.74
N TYR B 77 -3.54 -32.40 2.81
CA TYR B 77 -4.45 -32.56 1.69
C TYR B 77 -5.24 -31.29 1.45
N ASP B 78 -5.63 -31.09 0.20
CA ASP B 78 -6.57 -30.04 -0.17
C ASP B 78 -7.99 -30.61 -0.19
N LYS B 79 -8.93 -29.87 -0.78
CA LYS B 79 -10.29 -30.37 -0.93
C LYS B 79 -10.35 -31.57 -1.86
N ARG B 80 -9.50 -31.59 -2.89
CA ARG B 80 -9.54 -32.64 -3.90
C ARG B 80 -8.81 -33.91 -3.49
N SER B 81 -8.20 -33.95 -2.30
CA SER B 81 -7.45 -35.11 -1.86
C SER B 81 -7.75 -35.51 -0.42
N VAL B 82 -8.78 -34.93 0.21
CA VAL B 82 -9.10 -35.28 1.58
C VAL B 82 -9.68 -36.69 1.65
N HIS B 83 -10.51 -37.06 0.68
CA HIS B 83 -11.26 -38.31 0.77
C HIS B 83 -10.37 -39.52 0.52
N THR B 84 -9.78 -39.59 -0.68
CA THR B 84 -9.10 -40.82 -1.13
C THR B 84 -7.95 -41.20 -0.22
N LEU B 85 -7.13 -40.22 0.19
CA LEU B 85 -6.05 -40.48 1.13
C LEU B 85 -6.60 -41.07 2.43
N THR B 86 -7.68 -40.48 2.95
CA THR B 86 -8.33 -41.03 4.13
C THR B 86 -8.79 -42.47 3.87
N SER B 87 -9.36 -42.72 2.68
CA SER B 87 -9.73 -44.07 2.30
C SER B 87 -8.50 -44.98 2.26
N PHE B 88 -7.38 -44.46 1.74
CA PHE B 88 -6.15 -45.23 1.74
C PHE B 88 -5.65 -45.52 3.15
N CYS B 89 -6.03 -44.70 4.12
CA CYS B 89 -5.68 -44.94 5.51
C CYS B 89 -6.77 -45.68 6.27
N SER B 90 -7.91 -45.95 5.62
CA SER B 90 -8.99 -46.63 6.32
C SER B 90 -8.92 -48.15 6.13
N ALA B 91 -8.79 -48.59 4.88
CA ALA B 91 -8.73 -50.02 4.61
C ALA B 91 -7.36 -50.62 4.93
N LEU B 92 -6.29 -49.84 4.77
CA LEU B 92 -4.94 -50.35 4.96
C LEU B 92 -4.44 -50.26 6.39
N HIS B 93 -5.24 -49.67 7.30
CA HIS B 93 -4.93 -49.62 8.73
C HIS B 93 -3.60 -48.91 9.01
N ILE B 94 -3.43 -47.73 8.40
CA ILE B 94 -2.23 -46.92 8.59
C ILE B 94 -2.66 -45.60 9.22
N SER B 95 -2.09 -45.29 10.38
CA SER B 95 -2.39 -44.04 11.06
C SER B 95 -1.80 -42.86 10.30
N LEU B 96 -2.53 -41.75 10.27
CA LEU B 96 -2.10 -40.57 9.52
C LEU B 96 -2.58 -39.32 10.22
N ILE B 97 -1.64 -38.42 10.51
CA ILE B 97 -1.89 -37.21 11.30
C ILE B 97 -1.61 -36.00 10.41
N THR B 98 -2.57 -35.08 10.35
CA THR B 98 -2.47 -33.93 9.47
C THR B 98 -2.67 -32.63 10.23
N PRO B 99 -2.06 -31.54 9.76
CA PRO B 99 -2.44 -30.20 10.22
C PRO B 99 -3.47 -29.51 9.33
N SER B 100 -4.10 -30.22 8.40
CA SER B 100 -5.01 -29.62 7.43
C SER B 100 -6.37 -29.33 8.08
N PHE B 101 -7.35 -28.97 7.26
CA PHE B 101 -8.64 -28.55 7.78
C PHE B 101 -9.38 -29.71 8.45
N PRO B 102 -10.11 -29.45 9.52
CA PRO B 102 -10.85 -30.53 10.20
C PRO B 102 -12.00 -31.04 9.35
N THR B 103 -12.31 -32.32 9.53
CA THR B 103 -13.45 -32.95 8.89
C THR B 103 -14.13 -33.86 9.90
N GLU B 104 -15.43 -34.10 9.68
CA GLU B 104 -16.24 -34.91 10.58
C GLU B 104 -16.84 -36.09 9.83
N GLY B 105 -16.85 -37.25 10.47
CA GLY B 105 -17.50 -38.42 9.91
C GLY B 105 -16.57 -39.55 9.52
N GLU B 106 -15.44 -39.22 8.90
CA GLU B 106 -14.52 -40.27 8.45
C GLU B 106 -13.88 -40.98 9.64
N SER B 107 -13.29 -40.23 10.56
CA SER B 107 -12.70 -40.70 11.83
C SER B 107 -11.74 -41.85 11.54
N GLN B 108 -11.79 -42.96 12.28
CA GLN B 108 -10.98 -44.17 12.08
C GLN B 108 -9.51 -43.82 12.23
N PHE B 109 -8.69 -43.95 11.19
CA PHE B 109 -7.24 -43.81 11.30
C PHE B 109 -6.74 -42.45 10.83
N VAL B 110 -7.56 -41.40 11.00
CA VAL B 110 -7.19 -40.05 10.58
C VAL B 110 -7.22 -39.15 11.81
N LEU B 111 -6.12 -38.43 12.04
CA LEU B 111 -6.01 -37.50 13.15
C LEU B 111 -5.82 -36.10 12.58
N GLN B 112 -6.57 -35.15 13.12
CA GLN B 112 -6.52 -33.76 12.68
C GLN B 112 -6.03 -32.89 13.82
N LEU B 113 -5.00 -32.09 13.54
CA LEU B 113 -4.40 -31.24 14.55
C LEU B 113 -4.98 -29.83 14.57
N ARG B 114 -5.52 -29.37 13.46
CA ARG B 114 -6.12 -28.04 13.43
C ARG B 114 -7.45 -28.06 14.17
N PRO B 115 -7.65 -27.20 15.16
CA PRO B 115 -8.93 -27.15 15.86
C PRO B 115 -10.01 -26.49 15.02
N SER B 116 -11.25 -26.83 15.34
CA SER B 116 -12.38 -26.30 14.59
C SER B 116 -12.62 -24.85 14.93
N LEU B 117 -12.77 -24.02 13.91
CA LEU B 117 -13.05 -22.60 14.06
C LEU B 117 -14.55 -22.31 14.06
N ARG B 118 -15.39 -23.34 13.97
CA ARG B 118 -16.84 -23.16 13.88
C ARG B 118 -17.40 -22.53 15.16
N GLY B 119 -17.07 -23.13 16.31
CA GLY B 119 -17.63 -22.66 17.56
C GLY B 119 -17.17 -21.27 17.94
N ALA B 120 -15.87 -21.00 17.75
CA ALA B 120 -15.34 -19.67 18.09
C ALA B 120 -15.94 -18.59 17.21
N LEU B 121 -16.05 -18.84 15.91
CA LEU B 121 -16.63 -17.86 15.00
C LEU B 121 -18.11 -17.64 15.31
N LEU B 122 -18.85 -18.71 15.59
CA LEU B 122 -20.27 -18.56 15.92
C LEU B 122 -20.46 -17.80 17.22
N SER B 123 -19.65 -18.09 18.24
CA SER B 123 -19.76 -17.39 19.51
C SER B 123 -19.39 -15.92 19.37
N LEU B 124 -18.35 -15.61 18.57
CA LEU B 124 -17.97 -14.22 18.37
C LEU B 124 -19.02 -13.46 17.57
N LEU B 125 -19.65 -14.13 16.60
CA LEU B 125 -20.75 -13.50 15.86
C LEU B 125 -21.94 -13.23 16.76
N ASP B 126 -22.26 -14.17 17.65
CA ASP B 126 -23.39 -13.98 18.56
C ASP B 126 -23.08 -12.88 19.58
N HIS B 127 -21.83 -12.79 20.03
CA HIS B 127 -21.47 -11.78 21.03
C HIS B 127 -21.50 -10.38 20.45
N TYR B 128 -21.09 -10.23 19.19
CA TYR B 128 -21.09 -8.91 18.55
C TYR B 128 -22.49 -8.45 18.16
N GLU B 129 -23.49 -9.33 18.25
CA GLU B 129 -24.89 -9.01 17.95
C GLU B 129 -25.05 -8.51 16.51
N TRP B 130 -24.66 -9.37 15.58
CA TRP B 130 -24.75 -9.06 14.15
C TRP B 130 -26.01 -9.67 13.56
N ASN B 131 -26.61 -8.96 12.62
CA ASN B 131 -27.80 -9.43 11.94
C ASN B 131 -27.76 -9.28 10.42
N CYS B 132 -26.74 -8.60 9.88
CA CYS B 132 -26.66 -8.38 8.44
C CYS B 132 -25.19 -8.15 8.10
N PHE B 133 -24.59 -9.10 7.38
CA PHE B 133 -23.19 -8.96 7.00
C PHE B 133 -22.92 -9.78 5.75
N VAL B 134 -21.72 -9.62 5.21
CA VAL B 134 -21.28 -10.30 3.99
C VAL B 134 -20.20 -11.30 4.36
N PHE B 135 -20.43 -12.56 3.98
CA PHE B 135 -19.50 -13.66 4.26
C PHE B 135 -18.79 -13.99 2.95
N LEU B 136 -17.53 -13.53 2.84
CA LEU B 136 -16.68 -13.86 1.71
C LEU B 136 -15.91 -15.13 2.02
N TYR B 137 -15.96 -16.10 1.11
CA TYR B 137 -15.38 -17.41 1.40
C TYR B 137 -14.86 -18.05 0.12
N ASP B 138 -14.22 -19.20 0.29
CA ASP B 138 -13.80 -20.06 -0.81
C ASP B 138 -14.12 -21.50 -0.48
N THR B 139 -13.92 -22.38 -1.45
CA THR B 139 -14.22 -23.80 -1.29
C THR B 139 -12.99 -24.65 -1.06
N ASP B 140 -11.85 -24.05 -0.71
CA ASP B 140 -10.59 -24.86 -0.65
C ASP B 140 -10.48 -25.64 0.65
N ARG B 141 -11.19 -25.23 1.69
CA ARG B 141 -11.12 -25.92 2.98
C ARG B 141 -12.48 -26.45 3.40
N GLY B 142 -13.20 -27.06 2.47
CA GLY B 142 -14.48 -27.66 2.79
C GLY B 142 -15.61 -26.66 2.84
N TYR B 143 -16.77 -27.15 3.28
CA TYR B 143 -17.99 -26.36 3.33
C TYR B 143 -18.61 -26.34 4.72
N SER B 144 -17.85 -26.71 5.76
CA SER B 144 -18.39 -26.75 7.11
C SER B 144 -18.74 -25.36 7.62
N ILE B 145 -17.86 -24.38 7.37
CA ILE B 145 -18.10 -23.02 7.85
C ILE B 145 -19.30 -22.41 7.14
N LEU B 146 -19.41 -22.60 5.83
CA LEU B 146 -20.55 -22.07 5.08
C LEU B 146 -21.86 -22.68 5.54
N GLN B 147 -21.89 -24.00 5.73
CA GLN B 147 -23.10 -24.67 6.20
C GLN B 147 -23.48 -24.22 7.60
N ALA B 148 -22.49 -24.04 8.47
CA ALA B 148 -22.78 -23.56 9.83
C ALA B 148 -23.32 -22.14 9.81
N ILE B 149 -22.76 -21.28 8.96
CA ILE B 149 -23.24 -19.91 8.85
C ILE B 149 -24.68 -19.89 8.32
N MET B 150 -24.97 -20.72 7.32
CA MET B 150 -26.33 -20.82 6.80
C MET B 150 -27.31 -21.32 7.86
N GLU B 151 -26.92 -22.34 8.62
CA GLU B 151 -27.79 -22.88 9.66
C GLU B 151 -28.04 -21.85 10.76
N LYS B 152 -26.99 -21.13 11.18
CA LYS B 152 -27.17 -20.11 12.21
C LYS B 152 -28.03 -18.96 11.72
N ALA B 153 -27.85 -18.55 10.46
CA ALA B 153 -28.68 -17.49 9.89
C ALA B 153 -30.13 -17.93 9.79
N GLY B 154 -30.37 -19.18 9.41
CA GLY B 154 -31.74 -19.68 9.37
C GLY B 154 -32.38 -19.76 10.75
N GLN B 155 -31.60 -20.15 11.76
CA GLN B 155 -32.13 -20.24 13.11
C GLN B 155 -32.27 -18.88 13.80
N ASN B 156 -31.59 -17.86 13.31
CA ASN B 156 -31.61 -16.54 13.95
C ASN B 156 -32.14 -15.43 13.06
N GLY B 157 -32.48 -15.72 11.80
CA GLY B 157 -33.00 -14.68 10.93
C GLY B 157 -31.98 -13.67 10.44
N TRP B 158 -30.70 -14.03 10.42
CA TRP B 158 -29.66 -13.12 9.97
C TRP B 158 -29.74 -12.93 8.46
N HIS B 159 -29.13 -11.84 7.99
CA HIS B 159 -29.02 -11.54 6.56
C HIS B 159 -27.55 -11.70 6.17
N VAL B 160 -27.22 -12.88 5.66
CA VAL B 160 -25.86 -13.23 5.29
C VAL B 160 -25.76 -13.18 3.77
N SER B 161 -24.81 -12.42 3.26
CA SER B 161 -24.54 -12.37 1.83
C SER B 161 -23.33 -13.24 1.55
N ALA B 162 -23.56 -14.48 1.14
CA ALA B 162 -22.48 -15.42 0.91
C ALA B 162 -21.91 -15.22 -0.49
N ILE B 163 -20.64 -14.84 -0.57
CA ILE B 163 -19.97 -14.59 -1.85
C ILE B 163 -18.71 -15.43 -1.92
N CYS B 164 -18.57 -16.19 -3.00
CA CYS B 164 -17.39 -16.99 -3.25
C CYS B 164 -16.44 -16.23 -4.17
N VAL B 165 -15.16 -16.21 -3.83
CA VAL B 165 -14.17 -15.42 -4.55
C VAL B 165 -13.08 -16.34 -5.09
N GLU B 166 -13.45 -17.57 -5.44
CA GLU B 166 -12.47 -18.54 -5.92
C GLU B 166 -11.91 -18.14 -7.28
N ASN B 167 -12.74 -17.61 -8.16
CA ASN B 167 -12.35 -17.26 -9.52
C ASN B 167 -12.46 -15.76 -9.77
N PHE B 168 -12.02 -14.96 -8.80
CA PHE B 168 -12.07 -13.51 -8.90
C PHE B 168 -10.66 -12.94 -9.02
N ASN B 169 -10.46 -12.07 -10.00
CA ASN B 169 -9.19 -11.37 -10.17
C ASN B 169 -9.29 -10.00 -9.50
N ASP B 170 -8.28 -9.17 -9.71
CA ASP B 170 -8.19 -7.88 -9.02
C ASP B 170 -9.33 -6.94 -9.42
N VAL B 171 -9.64 -6.89 -10.71
CA VAL B 171 -10.73 -6.01 -11.18
C VAL B 171 -12.06 -6.47 -10.62
N SER B 172 -12.29 -7.79 -10.57
CA SER B 172 -13.51 -8.32 -9.99
C SER B 172 -13.59 -8.02 -8.49
N TYR B 173 -12.45 -8.09 -7.80
CA TYR B 173 -12.42 -7.75 -6.38
C TYR B 173 -12.78 -6.29 -6.16
N ARG B 174 -12.22 -5.39 -6.96
CA ARG B 174 -12.52 -3.96 -6.82
C ARG B 174 -13.98 -3.67 -7.16
N GLN B 175 -14.51 -4.29 -8.21
CA GLN B 175 -15.92 -4.09 -8.57
C GLN B 175 -16.84 -4.61 -7.49
N LEU B 176 -16.53 -5.78 -6.93
CA LEU B 176 -17.35 -6.34 -5.85
C LEU B 176 -17.31 -5.46 -4.61
N LEU B 177 -16.12 -4.94 -4.26
CA LEU B 177 -16.02 -4.06 -3.09
C LEU B 177 -16.80 -2.77 -3.30
N GLU B 178 -16.71 -2.18 -4.49
CA GLU B 178 -17.45 -0.94 -4.76
C GLU B 178 -18.95 -1.18 -4.77
N GLU B 179 -19.41 -2.30 -5.36
CA GLU B 179 -20.83 -2.61 -5.38
C GLU B 179 -21.35 -2.88 -3.97
N LEU B 180 -20.53 -3.53 -3.14
CA LEU B 180 -20.92 -3.80 -1.76
C LEU B 180 -20.98 -2.52 -0.94
N ASP B 181 -20.06 -1.59 -1.20
CA ASP B 181 -20.11 -0.28 -0.54
C ASP B 181 -21.33 0.51 -1.00
N ARG B 182 -21.76 0.31 -2.25
CA ARG B 182 -22.98 0.97 -2.73
C ARG B 182 -24.22 0.52 -1.96
N ARG B 183 -24.22 -0.70 -1.45
CA ARG B 183 -25.35 -1.25 -0.71
C ARG B 183 -25.25 -1.02 0.79
N GLN B 184 -24.30 -0.19 1.24
CA GLN B 184 -24.11 0.14 2.66
C GLN B 184 -23.87 -1.11 3.51
N GLU B 185 -23.03 -2.00 3.00
CA GLU B 185 -22.64 -3.22 3.73
C GLU B 185 -21.24 -3.00 4.29
N LYS B 186 -21.17 -2.68 5.58
CA LYS B 186 -19.90 -2.38 6.25
C LYS B 186 -19.45 -3.49 7.18
N LYS B 187 -20.11 -4.64 7.17
CA LYS B 187 -19.77 -5.75 8.06
C LYS B 187 -19.36 -6.95 7.21
N PHE B 188 -18.14 -7.42 7.42
CA PHE B 188 -17.54 -8.45 6.59
C PHE B 188 -16.99 -9.57 7.47
N VAL B 189 -17.11 -10.81 6.97
CA VAL B 189 -16.46 -11.97 7.54
C VAL B 189 -15.74 -12.67 6.40
N ILE B 190 -14.41 -12.69 6.45
CA ILE B 190 -13.57 -13.21 5.38
C ILE B 190 -12.95 -14.52 5.83
N ASP B 191 -13.13 -15.57 5.02
CA ASP B 191 -12.57 -16.90 5.31
C ASP B 191 -12.02 -17.45 3.99
N CYS B 192 -10.73 -17.24 3.75
CA CYS B 192 -10.10 -17.64 2.51
C CYS B 192 -8.71 -18.18 2.82
N GLU B 193 -7.95 -18.47 1.76
CA GLU B 193 -6.57 -18.90 1.92
C GLU B 193 -5.71 -17.72 2.35
N ILE B 194 -4.47 -18.03 2.76
CA ILE B 194 -3.56 -17.01 3.25
C ILE B 194 -3.21 -16.00 2.15
N GLU B 195 -2.91 -16.50 0.94
CA GLU B 195 -2.63 -15.60 -0.17
C GLU B 195 -3.89 -14.87 -0.60
N ARG B 196 -5.03 -15.58 -0.58
CA ARG B 196 -6.30 -14.93 -0.91
C ARG B 196 -6.68 -13.87 0.12
N LEU B 197 -6.45 -14.14 1.41
CA LEU B 197 -6.70 -13.13 2.43
C LEU B 197 -5.79 -11.93 2.27
N GLN B 198 -4.52 -12.17 1.95
CA GLN B 198 -3.59 -11.06 1.73
C GLN B 198 -4.03 -10.22 0.53
N ASN B 199 -4.45 -10.87 -0.56
CA ASN B 199 -4.92 -10.13 -1.73
C ASN B 199 -6.19 -9.36 -1.43
N ILE B 200 -7.11 -9.94 -0.65
CA ILE B 200 -8.35 -9.26 -0.30
C ILE B 200 -8.05 -8.02 0.54
N LEU B 201 -7.16 -8.15 1.53
CA LEU B 201 -6.80 -7.01 2.35
C LEU B 201 -6.09 -5.93 1.54
N GLU B 202 -5.22 -6.35 0.61
CA GLU B 202 -4.53 -5.39 -0.25
C GLU B 202 -5.50 -4.63 -1.13
N GLN B 203 -6.49 -5.32 -1.71
CA GLN B 203 -7.47 -4.63 -2.54
C GLN B 203 -8.40 -3.75 -1.70
N ILE B 204 -8.70 -4.17 -0.47
CA ILE B 204 -9.54 -3.35 0.41
C ILE B 204 -8.82 -2.05 0.75
N VAL B 205 -7.53 -2.13 1.09
CA VAL B 205 -6.79 -0.91 1.42
C VAL B 205 -6.47 -0.10 0.17
N SER B 206 -6.45 -0.73 -1.01
CA SER B 206 -6.23 0.01 -2.24
C SER B 206 -7.48 0.81 -2.64
N VAL B 207 -8.67 0.20 -2.49
CA VAL B 207 -9.90 0.92 -2.81
C VAL B 207 -10.12 2.07 -1.83
N GLY B 208 -9.89 1.82 -0.54
CA GLY B 208 -10.06 2.85 0.46
C GLY B 208 -11.11 2.51 1.50
N LYS B 209 -11.30 1.21 1.76
CA LYS B 209 -12.29 0.73 2.72
C LYS B 209 -11.66 0.35 4.05
N HIS B 210 -10.46 0.84 4.35
CA HIS B 210 -9.80 0.59 5.62
C HIS B 210 -10.00 1.73 6.61
N VAL B 211 -10.84 2.70 6.27
CA VAL B 211 -11.13 3.82 7.17
C VAL B 211 -12.08 3.36 8.27
N LYS B 212 -12.25 4.19 9.29
CA LYS B 212 -13.13 3.85 10.39
C LYS B 212 -14.58 3.75 9.92
N GLY B 213 -15.30 2.77 10.48
CA GLY B 213 -16.67 2.48 10.09
C GLY B 213 -16.85 1.17 9.38
N TYR B 214 -15.78 0.46 9.07
CA TYR B 214 -15.84 -0.84 8.40
C TYR B 214 -15.34 -1.91 9.35
N HIS B 215 -16.06 -3.02 9.43
CA HIS B 215 -15.73 -4.12 10.33
C HIS B 215 -15.34 -5.35 9.51
N TYR B 216 -14.19 -5.93 9.84
CA TYR B 216 -13.69 -7.13 9.20
C TYR B 216 -13.35 -8.17 10.25
N ILE B 217 -13.70 -9.42 9.99
CA ILE B 217 -13.39 -10.53 10.87
C ILE B 217 -12.49 -11.49 10.11
N ILE B 218 -11.30 -11.73 10.63
CA ILE B 218 -10.33 -12.65 10.03
C ILE B 218 -10.63 -14.05 10.57
N ALA B 219 -11.11 -14.94 9.70
CA ALA B 219 -11.46 -16.30 10.10
C ALA B 219 -10.28 -17.22 9.80
N ASN B 220 -9.23 -17.06 10.61
CA ASN B 220 -8.03 -17.88 10.53
C ASN B 220 -7.53 -18.18 11.93
N LEU B 221 -6.76 -19.27 12.03
CA LEU B 221 -6.19 -19.66 13.32
C LEU B 221 -5.05 -18.75 13.76
N GLY B 222 -4.55 -17.89 12.88
CA GLY B 222 -3.48 -16.98 13.24
C GLY B 222 -3.84 -15.56 12.86
N PHE B 223 -3.34 -14.61 13.64
CA PHE B 223 -3.65 -13.20 13.44
C PHE B 223 -2.39 -12.36 13.30
N LYS B 224 -1.32 -12.75 14.00
CA LYS B 224 -0.08 -11.97 13.96
C LYS B 224 0.81 -12.33 12.78
N ASP B 225 0.46 -13.36 12.00
CA ASP B 225 1.28 -13.78 10.87
C ASP B 225 0.87 -13.11 9.56
N ILE B 226 -0.11 -12.22 9.58
CA ILE B 226 -0.54 -11.49 8.39
C ILE B 226 -0.10 -10.05 8.52
N SER B 227 0.18 -9.43 7.37
CA SER B 227 0.64 -8.04 7.33
C SER B 227 -0.54 -7.11 7.54
N LEU B 228 -0.75 -6.71 8.80
CA LEU B 228 -1.82 -5.79 9.17
C LEU B 228 -1.18 -4.55 9.77
N GLU B 229 -0.81 -3.60 8.92
CA GLU B 229 -0.22 -2.33 9.34
C GLU B 229 -0.99 -1.13 8.85
N ARG B 230 -1.52 -1.17 7.63
CA ARG B 230 -2.29 -0.05 7.12
C ARG B 230 -3.65 0.04 7.81
N PHE B 231 -4.19 -1.08 8.26
CA PHE B 231 -5.46 -1.06 8.99
C PHE B 231 -5.31 -0.41 10.36
N ILE B 232 -4.10 -0.47 10.93
CA ILE B 232 -3.83 0.24 12.17
C ILE B 232 -3.94 1.75 11.96
N HIS B 233 -3.34 2.26 10.88
CA HIS B 233 -3.44 3.68 10.58
C HIS B 233 -4.86 4.08 10.20
N GLY B 234 -5.55 3.23 9.45
CA GLY B 234 -6.92 3.53 9.06
C GLY B 234 -7.93 3.40 10.18
N GLY B 235 -7.60 2.62 11.22
CA GLY B 235 -8.50 2.47 12.35
C GLY B 235 -9.71 1.61 12.09
N ALA B 236 -9.66 0.73 11.10
CA ALA B 236 -10.79 -0.13 10.80
C ALA B 236 -10.96 -1.20 11.86
N ASN B 237 -12.21 -1.60 12.08
CA ASN B 237 -12.53 -2.65 13.05
C ASN B 237 -12.04 -3.99 12.53
N VAL B 238 -10.98 -4.52 13.11
CA VAL B 238 -10.43 -5.82 12.74
C VAL B 238 -10.42 -6.71 13.98
N THR B 239 -11.01 -7.90 13.87
CA THR B 239 -11.04 -8.87 14.95
C THR B 239 -10.65 -10.23 14.38
N GLY B 240 -9.72 -10.91 15.05
CA GLY B 240 -9.22 -12.20 14.58
C GLY B 240 -8.98 -13.15 15.73
N PHE B 241 -8.59 -14.38 15.35
CA PHE B 241 -8.32 -15.45 16.29
C PHE B 241 -6.86 -15.85 16.23
N GLN B 242 -6.33 -16.26 17.37
CA GLN B 242 -4.94 -16.71 17.48
C GLN B 242 -4.91 -18.02 18.25
N LEU B 243 -4.10 -18.96 17.76
CA LEU B 243 -4.01 -20.30 18.35
C LEU B 243 -2.80 -20.45 19.27
N VAL B 244 -1.63 -20.02 18.82
CA VAL B 244 -0.40 -20.16 19.60
C VAL B 244 -0.19 -18.88 20.41
N ASP B 245 0.39 -19.04 21.60
CA ASP B 245 0.68 -17.93 22.50
C ASP B 245 2.19 -17.73 22.58
N PHE B 246 2.65 -16.52 22.29
CA PHE B 246 4.08 -16.23 22.27
C PHE B 246 4.66 -16.00 23.66
N ASN B 247 3.83 -15.94 24.70
CA ASN B 247 4.29 -15.75 26.07
C ASN B 247 4.43 -17.07 26.83
N THR B 248 4.45 -18.19 26.11
CA THR B 248 4.62 -19.53 26.64
C THR B 248 6.11 -19.88 26.67
N PRO B 249 6.62 -20.47 27.76
CA PRO B 249 8.05 -20.83 27.80
C PRO B 249 8.49 -21.77 26.69
N MET B 250 7.65 -22.74 26.31
CA MET B 250 8.01 -23.62 25.20
C MET B 250 8.03 -22.86 23.87
N VAL B 251 7.07 -21.96 23.67
CA VAL B 251 7.00 -21.19 22.43
C VAL B 251 8.18 -20.24 22.33
N THR B 252 8.53 -19.57 23.43
CA THR B 252 9.67 -18.66 23.37
C THR B 252 10.99 -19.42 23.29
N LYS B 253 11.05 -20.65 23.82
CA LYS B 253 12.23 -21.49 23.61
C LYS B 253 12.38 -21.85 22.14
N LEU B 254 11.26 -22.20 21.48
CA LEU B 254 11.30 -22.48 20.05
C LEU B 254 11.71 -21.24 19.27
N MET B 255 11.20 -20.07 19.67
CA MET B 255 11.57 -18.83 18.99
C MET B 255 13.07 -18.52 19.15
N ASP B 256 13.61 -18.76 20.35
CA ASP B 256 15.03 -18.56 20.58
C ASP B 256 15.87 -19.52 19.74
N ARG B 257 15.43 -20.77 19.62
CA ARG B 257 16.15 -21.72 18.77
C ARG B 257 15.97 -21.40 17.29
N TRP B 258 14.86 -20.76 16.92
CA TRP B 258 14.60 -20.41 15.54
C TRP B 258 15.41 -19.20 15.10
N LYS B 259 15.63 -18.25 16.00
CA LYS B 259 16.50 -17.13 15.69
C LYS B 259 17.96 -17.54 15.57
N LYS B 260 18.32 -18.70 16.12
CA LYS B 260 19.66 -19.26 15.96
C LYS B 260 19.56 -20.33 14.88
N LEU B 261 19.59 -19.89 13.62
CA LEU B 261 19.45 -20.76 12.48
C LEU B 261 20.16 -20.15 11.28
N ASP B 262 20.42 -20.99 10.29
CA ASP B 262 20.99 -20.54 9.02
C ASP B 262 19.86 -20.23 8.04
N GLN B 263 20.20 -19.98 6.78
CA GLN B 263 19.23 -19.56 5.79
C GLN B 263 19.04 -20.56 4.66
N ARG B 264 20.13 -20.98 4.01
CA ARG B 264 19.99 -21.83 2.82
C ARG B 264 19.60 -23.26 3.17
N GLU B 265 20.05 -23.77 4.32
CA GLU B 265 19.68 -25.13 4.71
C GLU B 265 18.25 -25.19 5.25
N TYR B 266 17.77 -24.12 5.85
CA TYR B 266 16.42 -24.04 6.40
C TYR B 266 15.75 -22.80 5.81
N PRO B 267 15.24 -22.89 4.60
CA PRO B 267 14.68 -21.71 3.93
C PRO B 267 13.38 -21.25 4.58
N GLY B 268 13.09 -19.97 4.39
CA GLY B 268 11.89 -19.36 4.96
C GLY B 268 11.90 -19.25 6.47
N SER B 269 13.07 -18.99 7.05
CA SER B 269 13.19 -18.81 8.49
C SER B 269 13.24 -17.34 8.90
N GLU B 270 12.97 -16.43 7.96
CA GLU B 270 13.03 -15.00 8.25
C GLU B 270 11.83 -14.51 9.04
N THR B 271 10.72 -15.27 9.04
CA THR B 271 9.50 -14.86 9.71
C THR B 271 9.20 -15.81 10.87
N PRO B 272 8.45 -15.34 11.88
CA PRO B 272 7.97 -16.27 12.90
C PRO B 272 7.08 -17.34 12.30
N PRO B 273 7.10 -18.54 12.85
CA PRO B 273 6.29 -19.63 12.28
C PRO B 273 4.80 -19.36 12.38
N LYS B 274 4.08 -19.82 11.37
CA LYS B 274 2.64 -19.65 11.30
C LYS B 274 1.96 -20.71 12.17
N TYR B 275 0.63 -20.78 12.10
CA TYR B 275 -0.09 -21.79 12.87
C TYR B 275 0.14 -23.19 12.32
N THR B 276 0.33 -23.32 11.00
CA THR B 276 0.56 -24.63 10.42
C THR B 276 1.89 -25.23 10.88
N SER B 277 2.93 -24.39 11.00
CA SER B 277 4.22 -24.89 11.50
C SER B 277 4.12 -25.30 12.96
N ALA B 278 3.37 -24.55 13.76
CA ALA B 278 3.13 -24.95 15.14
C ALA B 278 2.39 -26.28 15.22
N LEU B 279 1.40 -26.47 14.34
CA LEU B 279 0.68 -27.73 14.30
C LEU B 279 1.59 -28.87 13.88
N THR B 280 2.49 -28.63 12.94
CA THR B 280 3.45 -29.65 12.52
C THR B 280 4.39 -30.03 13.66
N TYR B 281 4.89 -29.03 14.40
CA TYR B 281 5.76 -29.32 15.54
C TYR B 281 5.01 -30.08 16.63
N ASP B 282 3.76 -29.70 16.90
CA ASP B 282 2.95 -30.42 17.88
C ASP B 282 2.68 -31.84 17.42
N GLY B 283 2.50 -32.04 16.10
CA GLY B 283 2.29 -33.38 15.58
C GLY B 283 3.51 -34.25 15.75
N VAL B 284 4.71 -33.70 15.51
CA VAL B 284 5.93 -34.47 15.73
C VAL B 284 6.09 -34.80 17.21
N LEU B 285 5.77 -33.84 18.09
CA LEU B 285 5.85 -34.11 19.53
C LEU B 285 4.90 -35.22 19.94
N VAL B 286 3.65 -35.15 19.49
CA VAL B 286 2.67 -36.16 19.86
C VAL B 286 2.99 -37.50 19.21
N MET B 287 3.67 -37.47 18.07
CA MET B 287 4.11 -38.70 17.40
C MET B 287 5.20 -39.40 18.20
N ALA B 288 6.19 -38.64 18.65
CA ALA B 288 7.22 -39.21 19.51
C ALA B 288 6.63 -39.70 20.84
N GLU B 289 5.68 -38.94 21.39
CA GLU B 289 5.08 -39.34 22.66
C GLU B 289 4.24 -40.60 22.51
N THR B 290 3.51 -40.75 21.41
CA THR B 290 2.71 -41.96 21.23
C THR B 290 3.59 -43.16 20.89
N PHE B 291 4.75 -42.94 20.25
CA PHE B 291 5.68 -44.05 20.09
C PHE B 291 6.26 -44.48 21.44
N ARG B 292 6.58 -43.52 22.31
CA ARG B 292 7.04 -43.86 23.65
C ARG B 292 5.97 -44.58 24.44
N SER B 293 4.72 -44.13 24.32
CA SER B 293 3.61 -44.79 25.02
C SER B 293 3.38 -46.20 24.50
N LEU B 294 3.53 -46.40 23.19
CA LEU B 294 3.46 -47.74 22.64
C LEU B 294 4.59 -48.62 23.17
N ARG B 295 5.78 -48.03 23.35
CA ARG B 295 6.88 -48.77 23.96
C ARG B 295 6.58 -49.11 25.42
N ARG B 296 5.82 -48.25 26.11
CA ARG B 296 5.63 -48.43 27.55
C ARG B 296 4.70 -49.60 27.88
N GLN B 297 3.73 -49.90 27.02
CA GLN B 297 2.74 -50.92 27.31
C GLN B 297 3.19 -52.33 26.94
N LYS B 298 4.50 -52.54 26.78
CA LYS B 298 5.10 -53.87 26.57
C LYS B 298 4.55 -54.56 25.33
N ILE B 299 4.43 -53.80 24.24
CA ILE B 299 4.03 -54.35 22.95
C ILE B 299 5.11 -53.97 21.93
N ASP B 300 5.58 -54.95 21.17
CA ASP B 300 6.64 -54.74 20.19
C ASP B 300 6.03 -54.48 18.83
N ILE B 301 6.34 -53.34 18.25
CA ILE B 301 5.84 -52.97 16.93
C ILE B 301 6.83 -53.47 15.88
N SER B 302 6.29 -53.90 14.73
CA SER B 302 7.09 -54.42 13.63
C SER B 302 6.23 -54.43 12.38
N ARG B 303 6.89 -54.34 11.23
CA ARG B 303 6.19 -54.41 9.94
C ARG B 303 7.14 -55.05 8.93
N ARG B 304 7.03 -56.36 8.78
CA ARG B 304 7.82 -57.10 7.80
C ARG B 304 6.97 -57.96 6.89
N GLY B 305 5.90 -58.58 7.40
CA GLY B 305 5.02 -59.37 6.56
C GLY B 305 4.08 -58.53 5.73
N ASN B 306 3.67 -57.37 6.24
CA ASN B 306 2.76 -56.48 5.52
C ASN B 306 3.55 -55.42 4.75
N ALA B 307 4.35 -55.88 3.79
CA ALA B 307 5.15 -55.00 2.95
C ALA B 307 5.07 -55.41 1.49
N GLY B 308 3.91 -55.90 1.05
CA GLY B 308 3.75 -56.37 -0.31
C GLY B 308 3.31 -55.29 -1.27
N ASP B 309 2.24 -55.54 -2.01
CA ASP B 309 1.76 -54.61 -3.02
C ASP B 309 0.82 -53.59 -2.42
N CYS B 310 0.81 -52.39 -3.02
CA CYS B 310 -0.12 -51.35 -2.60
C CYS B 310 -1.57 -51.75 -2.90
N LEU B 311 -1.80 -52.36 -4.05
CA LEU B 311 -3.13 -52.79 -4.47
C LEU B 311 -3.07 -54.30 -4.69
N ALA B 312 -3.56 -55.06 -3.71
CA ALA B 312 -3.58 -56.51 -3.75
C ALA B 312 -5.02 -57.01 -3.86
N ASN B 313 -5.15 -58.29 -4.23
CA ASN B 313 -6.47 -58.90 -4.34
C ASN B 313 -7.23 -58.96 -3.02
N PRO B 314 -6.66 -59.45 -1.89
CA PRO B 314 -7.39 -59.34 -0.62
C PRO B 314 -7.02 -58.09 0.15
N ALA B 315 -7.72 -57.84 1.25
CA ALA B 315 -7.34 -56.77 2.16
C ALA B 315 -6.27 -57.27 3.11
N ALA B 316 -5.29 -56.43 3.39
CA ALA B 316 -4.16 -56.77 4.27
C ALA B 316 -4.02 -55.71 5.35
N PRO B 317 -4.90 -55.73 6.36
CA PRO B 317 -4.77 -54.76 7.44
C PRO B 317 -3.55 -55.04 8.30
N TRP B 318 -3.03 -53.97 8.90
CA TRP B 318 -1.90 -54.10 9.81
C TRP B 318 -2.37 -54.70 11.13
N GLY B 319 -1.70 -55.77 11.57
CA GLY B 319 -2.14 -56.46 12.77
C GLY B 319 -1.98 -55.63 14.03
N GLN B 320 -0.86 -54.92 14.15
CA GLN B 320 -0.58 -54.09 15.30
C GLN B 320 -0.99 -52.63 15.11
N GLY B 321 -1.59 -52.30 13.96
CA GLY B 321 -2.02 -50.93 13.72
C GLY B 321 -3.22 -50.51 14.54
N ILE B 322 -4.03 -51.46 14.98
CA ILE B 322 -5.17 -51.13 15.83
C ILE B 322 -4.69 -50.63 17.19
N ASP B 323 -3.65 -51.25 17.73
CA ASP B 323 -3.08 -50.80 19.00
C ASP B 323 -2.47 -49.41 18.85
N MET B 324 -1.81 -49.13 17.73
CA MET B 324 -1.28 -47.80 17.47
C MET B 324 -2.39 -46.77 17.36
N GLU B 325 -3.49 -47.13 16.69
CA GLU B 325 -4.62 -46.22 16.58
C GLU B 325 -5.25 -45.94 17.95
N ARG B 326 -5.33 -46.97 18.80
CA ARG B 326 -5.84 -46.77 20.15
C ARG B 326 -4.90 -45.87 20.96
N THR B 327 -3.60 -46.07 20.84
CA THR B 327 -2.64 -45.29 21.60
C THR B 327 -2.58 -43.83 21.14
N LEU B 328 -2.86 -43.59 19.85
CA LEU B 328 -2.78 -42.23 19.32
C LEU B 328 -3.83 -41.31 19.91
N LYS B 329 -4.97 -41.86 20.35
CA LYS B 329 -6.04 -41.06 20.92
C LYS B 329 -5.95 -40.91 22.44
N GLN B 330 -4.98 -41.56 23.07
CA GLN B 330 -4.84 -41.52 24.53
C GLN B 330 -3.71 -40.60 24.99
N VAL B 331 -3.28 -39.68 24.14
CA VAL B 331 -2.19 -38.78 24.49
C VAL B 331 -2.68 -37.70 25.43
N ARG B 332 -1.79 -37.24 26.30
CA ARG B 332 -2.10 -36.21 27.29
C ARG B 332 -0.97 -35.19 27.34
N ILE B 333 -0.54 -34.71 26.18
CA ILE B 333 0.63 -33.85 26.08
C ILE B 333 0.20 -32.38 26.04
N GLN B 334 1.17 -31.50 26.30
CA GLN B 334 0.98 -30.07 26.16
C GLN B 334 2.07 -29.56 25.21
N GLY B 335 1.65 -28.91 24.13
CA GLY B 335 2.56 -28.41 23.13
C GLY B 335 2.28 -26.94 22.83
N LEU B 336 2.71 -26.53 21.64
CA LEU B 336 2.68 -25.12 21.26
C LEU B 336 1.27 -24.55 21.28
N THR B 337 0.30 -25.32 20.80
CA THR B 337 -1.08 -24.88 20.75
C THR B 337 -1.82 -25.12 22.07
N GLY B 338 -1.14 -25.65 23.09
CA GLY B 338 -1.80 -25.89 24.36
C GLY B 338 -1.94 -27.36 24.66
N ASN B 339 -2.99 -27.73 25.41
CA ASN B 339 -3.21 -29.12 25.77
C ASN B 339 -3.76 -29.87 24.55
N VAL B 340 -3.03 -30.88 24.09
CA VAL B 340 -3.41 -31.66 22.92
C VAL B 340 -4.22 -32.86 23.41
N GLN B 341 -5.54 -32.80 23.20
CA GLN B 341 -6.45 -33.87 23.59
C GLN B 341 -7.22 -34.35 22.38
N PHE B 342 -7.40 -35.68 22.30
CA PHE B 342 -8.11 -36.30 21.20
C PHE B 342 -9.30 -37.09 21.74
N ASP B 343 -10.26 -37.34 20.85
CA ASP B 343 -11.49 -38.05 21.20
C ASP B 343 -11.56 -39.35 20.42
N HIS B 344 -12.72 -40.01 20.49
CA HIS B 344 -12.90 -41.29 19.81
C HIS B 344 -12.85 -41.14 18.29
N TYR B 345 -13.20 -39.96 17.77
CA TYR B 345 -13.23 -39.74 16.33
C TYR B 345 -11.91 -39.21 15.80
N GLY B 346 -11.34 -38.19 16.45
CA GLY B 346 -10.05 -37.69 16.03
C GLY B 346 -9.89 -36.18 16.10
N ARG B 347 -11.00 -35.45 16.10
CA ARG B 347 -10.93 -34.00 16.15
C ARG B 347 -10.43 -33.54 17.52
N ARG B 348 -9.68 -32.43 17.52
CA ARG B 348 -9.10 -31.94 18.75
C ARG B 348 -10.18 -31.35 19.65
N VAL B 349 -10.13 -31.70 20.93
CA VAL B 349 -11.11 -31.27 21.92
C VAL B 349 -10.31 -30.71 23.10
N ASN B 350 -10.99 -29.86 23.89
CA ASN B 350 -10.43 -29.28 25.13
C ASN B 350 -9.18 -28.46 24.82
N TYR B 351 -9.37 -27.41 24.02
CA TYR B 351 -8.28 -26.54 23.59
C TYR B 351 -8.63 -25.10 23.90
N THR B 352 -7.65 -24.22 23.70
CA THR B 352 -7.79 -22.80 24.03
C THR B 352 -7.44 -21.96 22.81
N MET B 353 -8.23 -20.91 22.56
CA MET B 353 -7.97 -19.95 21.50
C MET B 353 -8.07 -18.54 22.09
N ASP B 354 -7.45 -17.57 21.42
CA ASP B 354 -7.46 -16.19 21.88
C ASP B 354 -8.07 -15.30 20.82
N VAL B 355 -8.69 -14.20 21.27
CA VAL B 355 -9.33 -13.24 20.38
C VAL B 355 -8.54 -11.94 20.43
N PHE B 356 -8.18 -11.41 19.27
CA PHE B 356 -7.40 -10.19 19.17
C PHE B 356 -8.17 -9.13 18.39
N GLU B 357 -8.08 -7.89 18.84
CA GLU B 357 -8.68 -6.75 18.17
C GLU B 357 -7.61 -5.75 17.80
N LEU B 358 -7.73 -5.17 16.61
CA LEU B 358 -6.71 -4.29 16.05
C LEU B 358 -7.15 -2.83 16.16
N LYS B 359 -6.26 -1.99 16.67
CA LYS B 359 -6.50 -0.56 16.78
C LYS B 359 -5.17 0.16 16.64
N SER B 360 -5.12 1.43 17.06
CA SER B 360 -3.93 2.25 16.88
C SER B 360 -2.74 1.70 17.66
N THR B 361 -2.96 1.23 18.89
CA THR B 361 -1.88 0.72 19.69
C THR B 361 -1.41 -0.66 19.24
N GLY B 362 -2.15 -1.33 18.35
CA GLY B 362 -1.79 -2.64 17.88
C GLY B 362 -2.71 -3.71 18.43
N PRO B 363 -2.56 -4.94 17.94
CA PRO B 363 -3.40 -6.03 18.44
C PRO B 363 -3.08 -6.38 19.88
N ARG B 364 -4.11 -6.79 20.61
CA ARG B 364 -3.94 -7.23 21.99
C ARG B 364 -5.09 -8.16 22.36
N LYS B 365 -4.89 -8.89 23.46
CA LYS B 365 -5.87 -9.87 23.90
C LYS B 365 -7.15 -9.21 24.38
N VAL B 366 -8.28 -9.76 23.96
CA VAL B 366 -9.59 -9.26 24.38
C VAL B 366 -10.26 -10.35 25.21
N GLY B 367 -9.97 -11.61 24.89
CA GLY B 367 -10.56 -12.72 25.61
C GLY B 367 -10.08 -14.04 25.04
N TYR B 368 -10.60 -15.11 25.62
CA TYR B 368 -10.25 -16.46 25.22
C TYR B 368 -11.51 -17.27 24.98
N TRP B 369 -11.35 -18.35 24.22
CA TRP B 369 -12.44 -19.25 23.89
C TRP B 369 -11.99 -20.69 24.16
N ASN B 370 -12.81 -21.41 24.92
CA ASN B 370 -12.67 -22.84 25.15
C ASN B 370 -13.94 -23.53 24.63
N ASP B 371 -13.91 -24.86 24.58
CA ASP B 371 -15.09 -25.61 24.20
C ASP B 371 -15.95 -26.00 25.40
N MET B 372 -15.56 -25.61 26.62
CA MET B 372 -16.33 -25.82 27.82
C MET B 372 -16.86 -24.54 28.44
N ASP B 373 -16.02 -23.50 28.53
CA ASP B 373 -16.43 -22.21 29.07
C ASP B 373 -16.88 -21.22 28.00
N LYS B 374 -16.86 -21.63 26.73
CA LYS B 374 -17.23 -20.80 25.57
C LYS B 374 -16.32 -19.57 25.56
N LEU B 375 -16.83 -18.40 25.19
CA LEU B 375 -16.01 -17.20 25.08
C LEU B 375 -16.08 -16.40 26.37
N VAL B 376 -14.92 -16.13 26.96
CA VAL B 376 -14.82 -15.31 28.18
C VAL B 376 -13.87 -14.15 27.86
N LEU B 377 -14.36 -12.93 28.05
CA LEU B 377 -13.60 -11.73 27.75
C LEU B 377 -12.95 -11.19 29.01
N ILE B 378 -11.71 -10.74 28.87
CA ILE B 378 -10.96 -10.16 29.99
C ILE B 378 -11.13 -8.65 30.00
N ASN C 2 53.31 27.30 28.57
CA ASN C 2 52.12 26.64 28.06
C ASN C 2 51.46 27.48 26.96
N PHE C 3 50.59 28.41 27.38
CA PHE C 3 49.89 29.27 26.44
C PHE C 3 50.70 30.53 26.19
N PRO C 4 51.05 30.85 24.95
CA PRO C 4 51.74 32.11 24.66
C PRO C 4 50.86 33.30 25.00
N ASN C 5 51.51 34.39 25.42
CA ASN C 5 50.79 35.58 25.84
C ASN C 5 50.09 36.29 24.67
N ASN C 6 50.60 36.12 23.45
CA ASN C 6 50.02 36.73 22.26
C ASN C 6 49.43 35.64 21.36
N ILE C 7 48.17 35.79 20.99
CA ILE C 7 47.52 34.88 20.06
C ILE C 7 46.79 35.70 19.00
N GLN C 8 46.73 35.16 17.79
CA GLN C 8 46.23 35.88 16.63
C GLN C 8 44.76 35.52 16.37
N ILE C 9 43.96 36.54 16.09
CA ILE C 9 42.57 36.33 15.67
C ILE C 9 42.34 37.11 14.38
N GLY C 10 41.49 36.56 13.52
CA GLY C 10 41.22 37.17 12.23
C GLY C 10 39.87 37.87 12.18
N GLY C 11 39.69 38.76 11.20
CA GLY C 11 38.45 39.49 11.11
C GLY C 11 37.90 39.62 9.69
N LEU C 12 36.66 39.18 9.47
CA LEU C 12 36.02 39.33 8.17
C LEU C 12 35.08 40.53 8.18
N PHE C 13 35.67 41.73 8.32
CA PHE C 13 34.78 42.87 8.50
C PHE C 13 34.28 43.40 7.15
N PRO C 14 33.02 43.83 7.07
CA PRO C 14 32.47 44.33 5.79
C PRO C 14 33.10 45.64 5.33
N ASN C 15 33.11 46.64 6.21
CA ASN C 15 33.65 47.96 5.89
C ASN C 15 34.55 48.43 7.02
N GLN C 16 35.61 49.17 6.65
CA GLN C 16 36.53 49.71 7.64
C GLN C 16 35.94 50.91 8.38
N GLN C 17 35.14 51.72 7.69
CA GLN C 17 34.49 52.88 8.32
C GLN C 17 33.10 52.45 8.77
N SER C 18 33.01 51.97 10.00
CA SER C 18 31.73 51.55 10.56
C SER C 18 31.79 51.64 12.08
N GLN C 19 30.62 51.68 12.70
CA GLN C 19 30.54 51.72 14.15
C GLN C 19 30.98 50.40 14.77
N GLU C 20 30.74 49.28 14.08
CA GLU C 20 31.18 47.98 14.57
C GLU C 20 32.71 47.91 14.64
N HIS C 21 33.38 48.52 13.65
CA HIS C 21 34.84 48.56 13.68
C HIS C 21 35.37 49.36 14.87
N ALA C 22 34.74 50.50 15.16
CA ALA C 22 35.13 51.30 16.31
C ALA C 22 34.90 50.56 17.62
N ALA C 23 33.76 49.86 17.72
CA ALA C 23 33.48 49.06 18.91
C ALA C 23 34.50 47.93 19.05
N PHE C 24 34.89 47.30 17.93
CA PHE C 24 35.91 46.26 17.93
C PHE C 24 37.24 46.80 18.45
N ARG C 25 37.65 47.98 17.95
CA ARG C 25 38.91 48.56 18.38
C ARG C 25 38.88 48.94 19.86
N PHE C 26 37.78 49.54 20.32
CA PHE C 26 37.68 49.92 21.73
C PHE C 26 37.68 48.70 22.63
N ALA C 27 36.94 47.65 22.26
CA ALA C 27 36.89 46.44 23.07
C ALA C 27 38.23 45.72 23.08
N LEU C 28 38.98 45.74 21.98
CA LEU C 28 40.32 45.18 21.99
C LEU C 28 41.28 46.03 22.82
N SER C 29 41.07 47.35 22.85
CA SER C 29 41.91 48.22 23.67
C SER C 29 41.58 48.12 25.15
N GLN C 30 40.41 47.57 25.49
CA GLN C 30 40.05 47.39 26.90
C GLN C 30 40.72 46.20 27.56
N LEU C 31 41.51 45.41 26.82
CA LEU C 31 42.12 44.21 27.37
C LEU C 31 43.29 44.54 28.28
N THR C 32 43.30 43.95 29.48
CA THR C 32 44.41 44.09 30.41
C THR C 32 45.03 42.76 30.83
N GLU C 33 44.39 41.63 30.51
CA GLU C 33 44.88 40.34 30.96
C GLU C 33 46.14 39.94 30.20
N PRO C 34 46.99 39.09 30.80
CA PRO C 34 48.22 38.64 30.11
C PRO C 34 47.97 37.93 28.79
N PRO C 35 46.85 37.19 28.61
CA PRO C 35 46.51 36.78 27.24
C PRO C 35 46.12 37.99 26.39
N LYS C 36 46.76 38.12 25.24
CA LYS C 36 46.58 39.27 24.36
C LYS C 36 46.13 38.80 22.98
N LEU C 37 45.26 39.58 22.35
CA LEU C 37 44.68 39.27 21.06
C LEU C 37 45.29 40.18 20.00
N LEU C 38 45.71 39.59 18.87
CA LEU C 38 46.30 40.32 17.76
C LEU C 38 45.32 40.33 16.60
N PRO C 39 44.81 41.49 16.20
CA PRO C 39 43.79 41.53 15.14
C PRO C 39 44.36 41.35 13.75
N GLN C 40 43.57 40.68 12.91
CA GLN C 40 43.90 40.42 11.51
C GLN C 40 42.67 40.73 10.65
N ILE C 41 42.17 41.96 10.79
CA ILE C 41 40.96 42.38 10.07
C ILE C 41 41.22 42.44 8.56
N ASP C 42 40.16 42.24 7.79
CA ASP C 42 40.18 42.26 6.34
C ASP C 42 38.84 42.76 5.84
N ILE C 43 38.86 43.59 4.80
CA ILE C 43 37.68 44.27 4.28
C ILE C 43 37.36 43.68 2.90
N VAL C 44 36.26 42.93 2.81
CA VAL C 44 35.80 42.31 1.57
C VAL C 44 34.30 42.54 1.43
N ASN C 45 33.77 42.14 0.27
CA ASN C 45 32.33 42.16 0.06
C ASN C 45 31.66 41.15 0.98
N ILE C 46 30.50 41.53 1.52
CA ILE C 46 29.71 40.59 2.32
C ILE C 46 29.23 39.44 1.45
N SER C 47 28.80 39.74 0.22
CA SER C 47 28.55 38.73 -0.80
C SER C 47 29.87 38.33 -1.45
N ASP C 48 29.80 37.65 -2.60
CA ASP C 48 30.98 37.19 -3.35
C ASP C 48 31.82 36.23 -2.49
N SER C 49 31.23 35.06 -2.26
CA SER C 49 31.83 34.04 -1.40
C SER C 49 33.18 33.55 -1.90
N PHE C 50 33.51 33.78 -3.18
CA PHE C 50 34.85 33.47 -3.66
C PHE C 50 35.90 34.28 -2.91
N GLU C 51 35.69 35.59 -2.80
CA GLU C 51 36.64 36.43 -2.07
C GLU C 51 36.65 36.08 -0.59
N MET C 52 35.48 35.76 -0.03
CA MET C 52 35.42 35.43 1.39
C MET C 52 36.15 34.13 1.70
N THR C 53 36.03 33.12 0.82
CA THR C 53 36.78 31.88 1.05
C THR C 53 38.25 32.04 0.72
N TYR C 54 38.59 32.96 -0.19
CA TYR C 54 40.00 33.30 -0.41
C TYR C 54 40.63 33.87 0.85
N ARG C 55 39.93 34.81 1.50
CA ARG C 55 40.44 35.39 2.73
C ARG C 55 40.41 34.39 3.88
N PHE C 56 39.42 33.48 3.89
CA PHE C 56 39.38 32.44 4.91
C PHE C 56 40.58 31.51 4.79
N CYS C 57 40.92 31.10 3.57
CA CYS C 57 42.09 30.25 3.35
C CYS C 57 43.38 31.00 3.68
N SER C 58 43.44 32.29 3.33
CA SER C 58 44.63 33.08 3.65
C SER C 58 44.82 33.21 5.16
N GLN C 59 43.72 33.46 5.89
CA GLN C 59 43.81 33.58 7.35
C GLN C 59 44.15 32.24 7.99
N PHE C 60 43.61 31.14 7.47
CA PHE C 60 43.98 29.82 7.99
C PHE C 60 45.44 29.51 7.71
N SER C 61 45.97 29.96 6.58
CA SER C 61 47.40 29.83 6.31
C SER C 61 48.21 30.70 7.26
N LYS C 62 47.69 31.86 7.66
CA LYS C 62 48.38 32.70 8.64
C LYS C 62 48.46 32.01 9.99
N GLY C 63 47.39 31.33 10.41
CA GLY C 63 47.39 30.60 11.65
C GLY C 63 46.58 31.23 12.77
N VAL C 64 45.43 31.81 12.42
CA VAL C 64 44.57 32.43 13.43
C VAL C 64 43.85 31.34 14.22
N TYR C 65 43.39 31.71 15.42
CA TYR C 65 42.67 30.81 16.30
C TYR C 65 41.16 30.95 16.19
N ALA C 66 40.65 32.18 16.28
CA ALA C 66 39.22 32.44 16.16
C ALA C 66 39.02 33.59 15.18
N ILE C 67 37.89 33.53 14.47
CA ILE C 67 37.57 34.49 13.41
C ILE C 67 36.26 35.19 13.75
N PHE C 68 36.26 36.51 13.65
CA PHE C 68 35.08 37.33 13.90
C PHE C 68 34.69 38.03 12.60
N GLY C 69 33.43 37.87 12.19
CA GLY C 69 33.04 38.44 10.92
C GLY C 69 31.54 38.46 10.73
N PHE C 70 31.13 38.95 9.56
CA PHE C 70 29.74 39.09 9.19
C PHE C 70 29.48 38.26 7.92
N TYR C 71 28.20 38.01 7.64
CA TYR C 71 27.84 37.30 6.42
C TYR C 71 26.41 37.65 6.04
N GLU C 72 26.05 37.31 4.81
CA GLU C 72 24.70 37.39 4.28
C GLU C 72 24.16 35.97 4.08
N ARG C 73 22.98 35.88 3.46
CA ARG C 73 22.41 34.58 3.15
C ARG C 73 23.23 33.81 2.11
N ARG C 74 24.03 34.50 1.30
CA ARG C 74 24.81 33.82 0.28
C ARG C 74 26.00 33.07 0.88
N THR C 75 26.70 33.69 1.83
CA THR C 75 27.96 33.16 2.33
C THR C 75 27.84 32.53 3.72
N VAL C 76 26.63 32.43 4.27
CA VAL C 76 26.48 31.83 5.60
C VAL C 76 26.73 30.33 5.53
N ASN C 77 26.19 29.65 4.50
CA ASN C 77 26.36 28.21 4.38
C ASN C 77 27.82 27.85 4.12
N MET C 78 28.51 28.64 3.31
CA MET C 78 29.91 28.37 3.01
C MET C 78 30.77 28.51 4.26
N LEU C 79 30.57 29.58 5.03
CA LEU C 79 31.32 29.77 6.26
C LEU C 79 31.02 28.68 7.27
N THR C 80 29.74 28.29 7.38
CA THR C 80 29.37 27.21 8.30
C THR C 80 30.03 25.90 7.91
N SER C 81 30.02 25.56 6.61
CA SER C 81 30.63 24.32 6.17
C SER C 81 32.14 24.33 6.35
N PHE C 82 32.78 25.46 6.05
CA PHE C 82 34.23 25.55 6.23
C PHE C 82 34.62 25.48 7.70
N CYS C 83 33.84 26.09 8.59
CA CYS C 83 34.16 26.03 10.00
C CYS C 83 33.83 24.65 10.60
N GLY C 84 32.87 23.93 10.01
CA GLY C 84 32.59 22.59 10.46
C GLY C 84 33.57 21.55 9.94
N ALA C 85 34.19 21.82 8.79
CA ALA C 85 35.15 20.89 8.21
C ALA C 85 36.56 21.13 8.75
N LEU C 86 37.05 22.37 8.68
CA LEU C 86 38.37 22.71 9.18
C LEU C 86 38.42 22.83 10.70
N HIS C 87 37.27 22.78 11.37
CA HIS C 87 37.15 22.87 12.84
C HIS C 87 37.77 24.16 13.36
N VAL C 88 37.47 25.28 12.70
CA VAL C 88 37.95 26.60 13.09
C VAL C 88 36.79 27.35 13.73
N CYS C 89 37.04 27.91 14.91
CA CYS C 89 35.98 28.59 15.65
C CYS C 89 35.63 29.92 14.99
N PHE C 90 34.33 30.16 14.82
CA PHE C 90 33.80 31.38 14.25
C PHE C 90 32.83 32.01 15.24
N ILE C 91 32.93 33.33 15.41
CA ILE C 91 32.02 34.08 16.27
C ILE C 91 31.44 35.22 15.45
N THR C 92 30.12 35.29 15.35
CA THR C 92 29.52 36.30 14.49
C THR C 92 28.35 37.00 15.19
N PRO C 93 28.17 38.29 14.93
CA PRO C 93 26.97 38.99 15.40
C PRO C 93 25.84 39.09 14.37
N SER C 94 25.95 38.39 13.25
CA SER C 94 24.93 38.45 12.20
C SER C 94 23.71 37.63 12.59
N PHE C 95 22.79 37.44 11.65
CA PHE C 95 21.55 36.75 11.94
C PHE C 95 21.80 35.26 12.21
N PRO C 96 21.01 34.65 13.08
CA PRO C 96 21.12 33.20 13.29
C PRO C 96 20.44 32.42 12.18
N VAL C 97 20.80 31.15 12.08
CA VAL C 97 20.24 30.24 11.09
C VAL C 97 19.74 29.00 11.82
N ASP C 98 18.79 28.31 11.17
CA ASP C 98 18.19 27.12 11.76
C ASP C 98 19.18 25.96 11.81
N THR C 99 19.95 25.77 10.75
CA THR C 99 20.90 24.66 10.65
C THR C 99 22.32 25.21 10.67
N SER C 100 23.08 24.83 11.70
CA SER C 100 24.48 25.22 11.82
C SER C 100 25.17 24.27 12.77
N ASN C 101 26.48 24.14 12.61
CA ASN C 101 27.26 23.29 13.50
C ASN C 101 27.52 24.02 14.83
N GLN C 102 27.99 23.25 15.81
CA GLN C 102 28.25 23.81 17.13
C GLN C 102 29.55 24.61 17.19
N PHE C 103 30.37 24.58 16.14
CA PHE C 103 31.63 25.30 16.12
C PHE C 103 31.49 26.72 15.61
N VAL C 104 30.28 27.17 15.30
CA VAL C 104 29.99 28.57 15.00
C VAL C 104 29.14 29.13 16.13
N LEU C 105 29.39 30.38 16.49
CA LEU C 105 28.73 31.03 17.60
C LEU C 105 27.94 32.22 17.09
N GLN C 106 26.66 32.27 17.43
CA GLN C 106 25.78 33.36 17.04
C GLN C 106 25.43 34.18 18.27
N LEU C 107 25.67 35.48 18.21
CA LEU C 107 25.39 36.36 19.33
C LEU C 107 24.03 37.04 19.26
N ARG C 108 23.45 37.15 18.08
CA ARG C 108 22.11 37.72 17.94
C ARG C 108 21.08 36.74 18.47
N PRO C 109 20.27 37.09 19.46
CA PRO C 109 19.25 36.17 19.95
C PRO C 109 18.16 35.95 18.92
N GLU C 110 17.55 34.77 18.98
CA GLU C 110 16.51 34.42 18.03
C GLU C 110 15.25 35.24 18.29
N LEU C 111 14.62 35.69 17.20
CA LEU C 111 13.39 36.46 17.26
C LEU C 111 12.25 35.71 16.58
N GLN C 112 12.31 34.38 16.58
CA GLN C 112 11.28 33.56 15.97
C GLN C 112 10.20 33.12 16.93
N GLU C 113 10.46 33.19 18.24
CA GLU C 113 9.47 32.81 19.25
C GLU C 113 8.92 34.00 20.03
N ALA C 114 9.70 35.06 20.20
CA ALA C 114 9.19 36.25 20.88
C ALA C 114 8.14 36.96 20.03
N LEU C 115 8.32 36.98 18.72
CA LEU C 115 7.34 37.60 17.83
C LEU C 115 6.01 36.87 17.88
N ILE C 116 6.05 35.53 17.93
CA ILE C 116 4.83 34.75 18.00
C ILE C 116 4.10 35.02 19.31
N SER C 117 4.84 35.12 20.42
CA SER C 117 4.23 35.41 21.71
C SER C 117 3.63 36.81 21.73
N ILE C 118 4.32 37.78 21.12
CA ILE C 118 3.78 39.14 21.05
C ILE C 118 2.51 39.18 20.23
N ILE C 119 2.48 38.47 19.10
CA ILE C 119 1.27 38.41 18.28
C ILE C 119 0.14 37.73 19.03
N ASP C 120 0.46 36.67 19.79
CA ASP C 120 -0.55 35.99 20.60
C ASP C 120 -1.07 36.88 21.72
N HIS C 121 -0.25 37.81 22.21
CA HIS C 121 -0.69 38.72 23.26
C HIS C 121 -1.82 39.62 22.78
N TYR C 122 -1.70 40.14 21.56
CA TYR C 122 -2.65 41.11 21.05
C TYR C 122 -3.84 40.47 20.33
N LYS C 123 -3.92 39.13 20.33
CA LYS C 123 -5.04 38.37 19.74
C LYS C 123 -5.23 38.71 18.26
N TRP C 124 -4.12 38.74 17.52
CA TRP C 124 -4.15 39.05 16.10
C TRP C 124 -4.63 37.85 15.29
N GLN C 125 -5.43 38.12 14.28
CA GLN C 125 -5.91 37.08 13.38
C GLN C 125 -5.61 37.36 11.91
N THR C 126 -5.76 38.61 11.47
CA THR C 126 -5.50 39.00 10.09
C THR C 126 -4.50 40.14 10.10
N PHE C 127 -3.39 39.97 9.37
CA PHE C 127 -2.38 41.02 9.32
C PHE C 127 -1.51 40.85 8.08
N VAL C 128 -0.73 41.88 7.80
CA VAL C 128 0.15 41.94 6.65
C VAL C 128 1.60 41.87 7.15
N TYR C 129 2.31 40.84 6.72
CA TYR C 129 3.71 40.63 7.07
C TYR C 129 4.57 41.16 5.93
N ILE C 130 5.58 41.97 6.27
CA ILE C 130 6.45 42.61 5.29
C ILE C 130 7.88 42.21 5.62
N TYR C 131 8.46 41.31 4.81
CA TYR C 131 9.75 40.73 5.09
C TYR C 131 10.76 41.11 4.01
N ASP C 132 12.04 41.02 4.39
CA ASP C 132 13.15 41.28 3.48
C ASP C 132 13.71 39.95 2.98
N ALA C 133 13.91 39.86 1.67
CA ALA C 133 14.40 38.60 1.08
C ALA C 133 15.82 38.29 1.53
N ASP C 134 16.69 39.31 1.57
CA ASP C 134 18.09 39.11 1.93
C ASP C 134 18.32 39.17 3.43
N ARG C 135 17.44 38.50 4.18
CA ARG C 135 17.56 38.44 5.64
C ARG C 135 17.42 37.04 6.22
N GLY C 136 16.81 36.10 5.50
CA GLY C 136 16.54 34.78 6.05
C GLY C 136 15.05 34.55 6.20
N LEU C 137 14.56 33.46 5.61
CA LEU C 137 13.12 33.17 5.58
C LEU C 137 12.69 32.20 6.67
N SER C 138 13.57 31.91 7.63
CA SER C 138 13.19 31.00 8.73
C SER C 138 12.10 31.61 9.60
N VAL C 139 12.18 32.91 9.88
CA VAL C 139 11.15 33.57 10.68
C VAL C 139 9.84 33.62 9.90
N LEU C 140 9.90 33.83 8.58
CA LEU C 140 8.70 33.78 7.76
C LEU C 140 8.11 32.37 7.75
N GLN C 141 8.96 31.34 7.71
CA GLN C 141 8.47 29.97 7.77
C GLN C 141 7.77 29.68 9.10
N ARG C 142 8.35 30.15 10.21
CA ARG C 142 7.73 29.95 11.51
C ARG C 142 6.39 30.69 11.61
N VAL C 143 6.34 31.92 11.10
CA VAL C 143 5.10 32.69 11.12
C VAL C 143 4.03 32.01 10.28
N LEU C 144 4.41 31.51 9.10
CA LEU C 144 3.44 30.83 8.24
C LEU C 144 2.95 29.52 8.86
N ASP C 145 3.85 28.77 9.51
CA ASP C 145 3.44 27.54 10.19
C ASP C 145 2.49 27.83 11.34
N THR C 146 2.79 28.87 12.13
CA THR C 146 1.91 29.25 13.22
C THR C 146 0.55 29.73 12.70
N ALA C 147 0.55 30.46 11.59
CA ALA C 147 -0.70 30.91 10.99
C ALA C 147 -1.53 29.73 10.48
N ALA C 148 -0.88 28.75 9.87
CA ALA C 148 -1.60 27.56 9.39
C ALA C 148 -2.15 26.75 10.55
N GLU C 149 -1.40 26.67 11.65
CA GLU C 149 -1.86 25.89 12.80
C GLU C 149 -2.99 26.59 13.54
N LYS C 150 -2.91 27.92 13.66
CA LYS C 150 -3.87 28.69 14.43
C LYS C 150 -4.95 29.36 13.58
N ASN C 151 -4.97 29.06 12.28
CA ASN C 151 -5.97 29.58 11.33
C ASN C 151 -5.96 31.11 11.30
N TRP C 152 -4.81 31.66 10.91
CA TRP C 152 -4.63 33.10 10.77
C TRP C 152 -4.64 33.49 9.30
N GLN C 153 -4.75 34.80 9.06
CA GLN C 153 -4.64 35.38 7.74
C GLN C 153 -3.38 36.23 7.69
N VAL C 154 -2.42 35.85 6.87
CA VAL C 154 -1.14 36.55 6.74
C VAL C 154 -0.96 36.93 5.28
N THR C 155 -0.74 38.22 5.03
CA THR C 155 -0.43 38.71 3.69
C THR C 155 1.08 38.91 3.61
N ALA C 156 1.79 37.96 3.03
CA ALA C 156 3.25 37.99 2.99
C ALA C 156 3.72 38.83 1.81
N VAL C 157 4.54 39.84 2.09
CA VAL C 157 4.98 40.81 1.09
C VAL C 157 6.51 40.92 1.16
N ASN C 158 7.16 40.72 0.00
CA ASN C 158 8.58 40.96 -0.12
C ASN C 158 8.83 42.43 -0.41
N ILE C 159 9.86 42.99 0.23
CA ILE C 159 10.13 44.42 0.10
C ILE C 159 10.62 44.76 -1.31
N LEU C 160 11.57 43.98 -1.83
CA LEU C 160 12.15 44.27 -3.14
C LEU C 160 11.19 43.91 -4.26
N THR C 161 10.31 42.93 -4.05
CA THR C 161 9.37 42.54 -5.09
C THR C 161 8.31 43.62 -5.31
N THR C 162 7.74 44.14 -4.22
CA THR C 162 6.69 45.14 -4.32
C THR C 162 7.26 46.48 -4.76
N THR C 163 6.37 47.40 -5.09
CA THR C 163 6.75 48.71 -5.62
C THR C 163 5.73 49.74 -5.14
N GLU C 164 5.71 50.91 -5.79
CA GLU C 164 4.86 52.00 -5.36
C GLU C 164 3.38 51.66 -5.54
N GLU C 165 3.00 51.19 -6.73
CA GLU C 165 1.60 50.85 -6.98
C GLU C 165 1.15 49.66 -6.14
N GLY C 166 2.04 48.70 -5.93
CA GLY C 166 1.71 47.58 -5.04
C GLY C 166 1.48 48.04 -3.61
N TYR C 167 2.32 48.96 -3.12
CA TYR C 167 2.13 49.51 -1.78
C TYR C 167 0.82 50.28 -1.68
N ARG C 168 0.49 51.05 -2.71
CA ARG C 168 -0.77 51.81 -2.68
C ARG C 168 -1.98 50.89 -2.72
N MET C 169 -1.94 49.83 -3.54
CA MET C 169 -3.07 48.90 -3.57
C MET C 169 -3.19 48.14 -2.26
N LEU C 170 -2.06 47.79 -1.63
CA LEU C 170 -2.08 47.14 -0.34
C LEU C 170 -2.68 48.05 0.73
N PHE C 171 -2.30 49.33 0.73
CA PHE C 171 -2.80 50.23 1.76
C PHE C 171 -4.25 50.60 1.54
N GLN C 172 -4.70 50.70 0.29
CA GLN C 172 -6.12 50.95 0.05
C GLN C 172 -6.96 49.71 0.33
N ASP C 173 -6.37 48.51 0.21
CA ASP C 173 -7.07 47.31 0.65
C ASP C 173 -7.15 47.26 2.17
N LEU C 174 -6.09 47.67 2.86
CA LEU C 174 -6.09 47.66 4.31
C LEU C 174 -7.03 48.71 4.89
N GLU C 175 -7.13 49.87 4.23
CA GLU C 175 -7.98 50.95 4.72
C GLU C 175 -9.46 50.60 4.66
N LYS C 176 -9.85 49.67 3.79
CA LYS C 176 -11.24 49.22 3.75
C LYS C 176 -11.63 48.41 4.98
N LYS C 177 -10.65 47.88 5.72
CA LYS C 177 -10.91 47.13 6.93
C LYS C 177 -10.67 48.03 8.14
N LYS C 178 -11.57 47.91 9.13
CA LYS C 178 -11.47 48.74 10.33
C LYS C 178 -10.20 48.40 11.11
N GLU C 179 -9.89 47.12 11.27
CA GLU C 179 -8.71 46.68 11.99
C GLU C 179 -7.58 46.46 10.99
N ARG C 180 -6.58 47.34 11.03
CA ARG C 180 -5.46 47.31 10.10
C ARG C 180 -4.20 46.95 10.87
N LEU C 181 -3.64 45.77 10.61
CA LEU C 181 -2.53 45.24 11.39
C LEU C 181 -1.39 44.84 10.47
N VAL C 182 -0.19 45.32 10.79
CA VAL C 182 1.00 45.02 9.98
C VAL C 182 2.16 44.66 10.90
N VAL C 183 2.97 43.70 10.46
CA VAL C 183 4.27 43.38 11.04
C VAL C 183 5.31 43.58 9.95
N VAL C 184 6.45 44.16 10.31
CA VAL C 184 7.57 44.30 9.38
C VAL C 184 8.81 43.71 10.04
N ASP C 185 9.74 43.22 9.23
CA ASP C 185 11.02 42.79 9.76
C ASP C 185 12.10 42.96 8.70
N CYS C 186 13.07 43.82 9.00
CA CYS C 186 14.25 44.04 8.16
C CYS C 186 15.28 44.78 9.01
N GLU C 187 16.46 44.97 8.44
CA GLU C 187 17.51 45.71 9.13
C GLU C 187 17.12 47.18 9.27
N SER C 188 17.68 47.82 10.30
CA SER C 188 17.27 49.18 10.64
C SER C 188 17.64 50.18 9.56
N GLU C 189 18.73 49.93 8.82
CA GLU C 189 19.13 50.82 7.73
C GLU C 189 18.07 50.82 6.62
N ARG C 190 17.57 49.64 6.27
CA ARG C 190 16.49 49.56 5.28
C ARG C 190 15.15 49.95 5.90
N LEU C 191 14.96 49.62 7.17
CA LEU C 191 13.70 49.93 7.84
C LEU C 191 13.48 51.43 7.98
N ASN C 192 14.56 52.20 8.08
CA ASN C 192 14.43 53.66 8.14
C ASN C 192 13.82 54.21 6.86
N ALA C 193 14.33 53.76 5.70
CA ALA C 193 13.76 54.19 4.43
C ALA C 193 12.35 53.65 4.23
N ILE C 194 12.09 52.43 4.70
CA ILE C 194 10.75 51.85 4.59
C ILE C 194 9.75 52.68 5.39
N LEU C 195 10.11 53.04 6.63
CA LEU C 195 9.23 53.84 7.47
C LEU C 195 9.08 55.25 6.93
N GLY C 196 10.13 55.81 6.31
CA GLY C 196 9.99 57.09 5.65
C GLY C 196 9.02 57.06 4.50
N GLN C 197 9.07 55.98 3.70
CA GLN C 197 8.10 55.79 2.63
C GLN C 197 6.70 55.66 3.20
N ILE C 198 6.57 54.98 4.34
CA ILE C 198 5.26 54.84 4.99
C ILE C 198 4.73 56.20 5.42
N VAL C 199 5.57 57.03 6.03
CA VAL C 199 5.05 58.25 6.65
C VAL C 199 4.86 59.38 5.64
N LYS C 200 5.72 59.48 4.61
CA LYS C 200 5.68 60.66 3.75
C LYS C 200 4.69 60.50 2.59
N LEU C 201 3.99 59.37 2.50
CA LEU C 201 2.97 59.18 1.46
C LEU C 201 1.56 59.08 2.03
N GLU C 202 1.34 58.22 3.02
CA GLU C 202 0.00 57.94 3.52
C GLU C 202 -0.10 58.28 5.00
N LYS C 203 -1.20 58.94 5.38
CA LYS C 203 -1.45 59.30 6.76
C LYS C 203 -1.92 58.07 7.54
N ASN C 204 -1.23 57.74 8.63
CA ASN C 204 -1.53 56.52 9.37
C ASN C 204 -2.82 56.66 10.16
N GLY C 205 -2.84 57.58 11.13
CA GLY C 205 -4.06 57.86 11.87
C GLY C 205 -4.51 56.69 12.73
N ILE C 206 -5.79 56.36 12.62
CA ILE C 206 -6.40 55.34 13.46
C ILE C 206 -5.91 53.95 13.04
N GLY C 207 -5.71 53.08 14.03
CA GLY C 207 -5.25 51.74 13.75
C GLY C 207 -3.75 51.70 13.46
N TYR C 208 -3.37 50.79 12.56
CA TYR C 208 -1.98 50.61 12.12
C TYR C 208 -1.06 50.30 13.31
N HIS C 209 -1.32 49.16 13.94
CA HIS C 209 -0.51 48.68 15.07
C HIS C 209 0.75 48.05 14.50
N TYR C 210 1.74 48.89 14.22
CA TYR C 210 2.99 48.43 13.64
C TYR C 210 3.80 47.65 14.68
N ILE C 211 4.36 46.53 14.26
CA ILE C 211 5.26 45.72 15.08
C ILE C 211 6.61 45.70 14.39
N LEU C 212 7.61 46.28 15.04
CA LEU C 212 8.96 46.36 14.49
C LEU C 212 9.75 45.16 15.00
N ALA C 213 9.88 44.13 14.16
CA ALA C 213 10.52 42.87 14.56
C ALA C 213 12.02 42.97 14.29
N ASN C 214 12.72 43.61 15.22
CA ASN C 214 14.17 43.68 15.18
C ASN C 214 14.69 43.88 16.60
N LEU C 215 15.98 43.58 16.78
CA LEU C 215 16.59 43.64 18.10
C LEU C 215 16.79 45.07 18.60
N GLY C 216 16.76 46.05 17.71
CA GLY C 216 16.95 47.43 18.12
C GLY C 216 15.71 48.28 17.90
N PHE C 217 15.21 48.88 18.99
CA PHE C 217 14.02 49.72 18.93
C PHE C 217 14.34 51.20 18.89
N MET C 218 15.15 51.68 19.84
CA MET C 218 15.51 53.10 19.89
C MET C 218 16.47 53.50 18.77
N ASP C 219 17.01 52.55 18.02
CA ASP C 219 17.85 52.87 16.87
C ASP C 219 17.06 53.50 15.73
N ILE C 220 15.74 53.32 15.72
CA ILE C 220 14.88 53.79 14.64
C ILE C 220 14.34 55.17 14.99
N ASP C 221 14.50 56.11 14.06
CA ASP C 221 14.04 57.49 14.25
C ASP C 221 12.54 57.54 13.96
N LEU C 222 11.75 57.17 14.97
CA LEU C 222 10.29 57.18 14.85
C LEU C 222 9.68 58.50 15.31
N ASN C 223 10.23 59.61 14.80
CA ASN C 223 9.70 60.92 15.12
C ASN C 223 8.53 61.31 14.23
N LYS C 224 8.58 60.95 12.95
CA LYS C 224 7.45 61.15 12.06
C LYS C 224 6.38 60.09 12.23
N PHE C 225 6.65 59.05 13.04
CA PHE C 225 5.63 58.01 13.30
C PHE C 225 4.84 58.40 14.55
N LYS C 226 4.94 59.67 14.97
CA LYS C 226 4.23 60.18 16.13
C LYS C 226 3.07 61.08 15.75
N GLU C 227 2.81 61.27 14.46
CA GLU C 227 1.91 62.34 14.04
C GLU C 227 0.45 62.01 14.39
N SER C 228 0.05 60.74 14.28
CA SER C 228 -1.33 60.35 14.59
C SER C 228 -1.39 58.84 14.75
N GLY C 229 -1.80 58.39 15.93
CA GLY C 229 -1.97 56.96 16.16
C GLY C 229 -0.66 56.20 15.99
N ALA C 230 -0.72 55.15 15.15
CA ALA C 230 0.45 54.35 14.77
C ALA C 230 1.14 53.75 16.00
N ASN C 231 0.40 52.86 16.67
CA ASN C 231 0.93 52.16 17.83
C ASN C 231 2.08 51.25 17.41
N VAL C 232 3.18 51.31 18.15
CA VAL C 232 4.41 50.59 17.81
C VAL C 232 4.70 49.59 18.92
N THR C 233 4.99 48.35 18.53
CA THR C 233 5.48 47.32 19.44
C THR C 233 6.84 46.87 18.96
N GLY C 234 7.87 47.08 19.78
CA GLY C 234 9.23 46.78 19.40
C GLY C 234 9.94 45.93 20.43
N PHE C 235 11.14 45.48 20.06
CA PHE C 235 11.99 44.67 20.92
C PHE C 235 13.32 45.38 21.12
N GLN C 236 13.81 45.35 22.36
CA GLN C 236 15.11 45.93 22.68
C GLN C 236 15.96 44.91 23.41
N LEU C 237 17.23 44.84 23.04
CA LEU C 237 18.19 43.93 23.66
C LEU C 237 19.11 44.62 24.67
N VAL C 238 19.61 45.80 24.32
CA VAL C 238 20.54 46.55 25.16
C VAL C 238 19.79 47.76 25.71
N ASN C 239 19.78 47.92 27.02
CA ASN C 239 19.09 49.03 27.65
C ASN C 239 20.14 49.84 28.40
N TYR C 240 20.30 51.10 28.01
CA TYR C 240 21.39 51.96 28.47
C TYR C 240 21.05 52.69 29.77
N THR C 241 20.61 51.96 30.78
CA THR C 241 20.33 52.57 32.07
C THR C 241 20.98 51.74 33.18
N ASP C 242 21.13 50.43 32.94
CA ASP C 242 21.70 49.52 33.92
C ASP C 242 23.17 49.87 34.18
N THR C 243 23.67 49.40 35.33
CA THR C 243 24.95 49.88 35.85
C THR C 243 26.11 49.49 34.94
N ILE C 244 26.19 48.22 34.54
CA ILE C 244 27.28 47.74 33.69
C ILE C 244 27.23 48.40 32.31
N PRO C 245 26.10 48.45 31.59
CA PRO C 245 26.12 49.18 30.30
C PRO C 245 26.40 50.67 30.44
N ALA C 246 25.93 51.32 31.51
CA ALA C 246 26.21 52.74 31.69
C ALA C 246 27.69 52.97 31.95
N ARG C 247 28.31 52.13 32.79
CA ARG C 247 29.75 52.24 33.02
C ARG C 247 30.54 51.98 31.74
N ILE C 248 30.11 51.00 30.94
CA ILE C 248 30.82 50.67 29.72
C ILE C 248 30.72 51.81 28.72
N MET C 249 29.52 52.41 28.58
CA MET C 249 29.34 53.53 27.68
C MET C 249 30.12 54.76 28.17
N GLN C 250 30.18 54.97 29.48
CA GLN C 250 30.98 56.07 30.02
C GLN C 250 32.46 55.87 29.72
N GLN C 251 32.95 54.64 29.88
CA GLN C 251 34.35 54.34 29.55
C GLN C 251 34.60 54.55 28.05
N TRP C 252 33.65 54.17 27.21
CA TRP C 252 33.79 54.39 25.77
C TRP C 252 33.81 55.87 25.43
N ARG C 253 32.98 56.67 26.11
CA ARG C 253 32.87 58.09 25.78
C ARG C 253 34.07 58.89 26.28
N THR C 254 34.57 58.58 27.48
CA THR C 254 35.65 59.35 28.08
C THR C 254 37.04 58.77 27.80
N SER C 255 37.14 57.74 26.96
CA SER C 255 38.43 57.19 26.61
C SER C 255 39.18 58.10 25.64
N ASP C 256 40.50 58.03 25.67
CA ASP C 256 41.36 58.73 24.74
C ASP C 256 41.83 57.85 23.60
N SER C 257 41.03 56.87 23.20
CA SER C 257 41.58 56.00 22.13
C SER C 257 41.25 56.61 20.75
N ARG C 258 40.68 57.82 20.73
CA ARG C 258 40.32 58.51 19.46
C ARG C 258 39.13 57.82 18.77
N ASP C 259 39.14 56.50 18.60
CA ASP C 259 38.06 55.84 17.81
C ASP C 259 38.07 56.45 16.42
N HIS C 260 38.95 55.99 15.54
CA HIS C 260 39.14 56.65 14.21
C HIS C 260 37.98 56.49 13.22
N THR C 261 36.93 55.75 13.55
CA THR C 261 35.89 55.55 12.51
C THR C 261 34.95 56.72 12.51
N ARG C 262 35.50 57.94 12.54
CA ARG C 262 34.66 59.16 12.46
C ARG C 262 33.58 59.15 13.54
N VAL C 263 32.49 59.89 13.34
CA VAL C 263 31.48 59.97 14.44
C VAL C 263 31.05 58.54 14.79
N ASP C 264 31.13 58.17 16.06
CA ASP C 264 30.74 56.81 16.49
C ASP C 264 29.41 56.88 17.22
N TRP C 265 28.66 57.99 17.12
CA TRP C 265 27.41 58.07 17.94
C TRP C 265 26.16 57.90 17.10
N LYS C 266 25.83 58.90 16.28
CA LYS C 266 24.54 58.77 15.56
C LYS C 266 23.54 58.19 16.56
N ARG C 267 23.00 57.00 16.29
CA ARG C 267 22.15 56.36 17.33
C ARG C 267 22.92 55.10 17.75
N PRO C 268 23.37 54.96 19.01
CA PRO C 268 24.19 53.82 19.36
C PRO C 268 23.47 52.64 18.77
N LYS C 269 24.16 51.81 18.00
CA LYS C 269 23.53 50.64 17.35
C LYS C 269 23.86 49.37 18.16
N TYR C 270 22.94 48.40 18.20
CA TYR C 270 23.11 47.16 18.96
C TYR C 270 24.17 46.26 18.35
N THR C 271 24.50 46.44 17.08
CA THR C 271 25.57 45.65 16.47
C THR C 271 26.92 45.98 17.07
N SER C 272 27.13 47.25 17.47
CA SER C 272 28.35 47.60 18.18
C SER C 272 28.43 46.90 19.53
N ALA C 273 27.30 46.80 20.23
CA ALA C 273 27.26 46.07 21.50
C ALA C 273 27.53 44.58 21.27
N LEU C 274 27.01 44.02 20.19
CA LEU C 274 27.28 42.62 19.87
C LEU C 274 28.75 42.39 19.56
N THR C 275 29.39 43.32 18.83
CA THR C 275 30.81 43.21 18.57
C THR C 275 31.63 43.31 19.85
N TYR C 276 31.25 44.23 20.74
CA TYR C 276 31.91 44.34 22.04
C TYR C 276 31.79 43.04 22.83
N ASP C 277 30.59 42.45 22.83
CA ASP C 277 30.38 41.19 23.54
C ASP C 277 31.15 40.05 22.89
N GLY C 278 31.31 40.07 21.56
CA GLY C 278 32.13 39.05 20.92
C GLY C 278 33.59 39.14 21.32
N VAL C 279 34.14 40.35 21.37
CA VAL C 279 35.51 40.51 21.84
C VAL C 279 35.62 40.07 23.30
N LYS C 280 34.63 40.43 24.11
CA LYS C 280 34.65 40.07 25.53
C LYS C 280 34.60 38.56 25.72
N VAL C 281 33.73 37.86 25.00
CA VAL C 281 33.63 36.41 25.16
C VAL C 281 34.90 35.73 24.65
N MET C 282 35.48 36.23 23.56
CA MET C 282 36.73 35.65 23.07
C MET C 282 37.86 35.81 24.08
N ALA C 283 38.03 37.03 24.60
CA ALA C 283 39.11 37.28 25.56
C ALA C 283 38.92 36.51 26.85
N GLU C 284 37.69 36.48 27.39
CA GLU C 284 37.46 35.81 28.66
C GLU C 284 37.57 34.31 28.51
N ALA C 285 37.10 33.76 27.38
CA ALA C 285 37.23 32.32 27.15
C ALA C 285 38.68 31.92 26.98
N PHE C 286 39.49 32.73 26.30
CA PHE C 286 40.90 32.41 26.16
C PHE C 286 41.62 32.53 27.51
N GLN C 287 41.23 33.51 28.33
CA GLN C 287 41.79 33.62 29.67
C GLN C 287 41.45 32.41 30.53
N SER C 288 40.19 31.95 30.46
CA SER C 288 39.78 30.78 31.22
C SER C 288 40.47 29.52 30.72
N LEU C 289 40.69 29.43 29.40
CA LEU C 289 41.43 28.29 28.85
C LEU C 289 42.88 28.29 29.31
N ARG C 290 43.50 29.48 29.39
CA ARG C 290 44.84 29.59 29.94
C ARG C 290 44.87 29.23 31.41
N ARG C 291 43.80 29.54 32.15
CA ARG C 291 43.74 29.23 33.58
C ARG C 291 43.72 27.72 33.83
N GLN C 292 43.21 26.94 32.88
CA GLN C 292 43.14 25.49 33.04
C GLN C 292 44.44 24.78 32.67
N ARG C 293 45.45 25.53 32.20
CA ARG C 293 46.77 24.99 31.85
C ARG C 293 46.65 23.90 30.79
N ILE C 294 46.11 24.29 29.63
CA ILE C 294 45.96 23.39 28.49
C ILE C 294 46.78 23.94 27.34
N ASP C 295 47.62 23.08 26.76
CA ASP C 295 48.48 23.49 25.65
C ASP C 295 47.64 23.76 24.41
N ILE C 296 47.83 24.94 23.82
CA ILE C 296 47.09 25.34 22.61
C ILE C 296 48.08 25.83 21.57
N SER C 297 49.37 25.60 21.81
CA SER C 297 50.39 26.00 20.85
C SER C 297 50.32 25.15 19.59
N ARG C 298 50.44 25.81 18.44
CA ARG C 298 50.37 25.11 17.17
C ARG C 298 51.66 24.31 16.94
N ARG C 299 51.50 23.03 16.58
CA ARG C 299 52.64 22.15 16.33
C ARG C 299 53.09 22.30 14.87
N GLY C 300 53.66 23.47 14.58
CA GLY C 300 54.12 23.77 13.24
C GLY C 300 53.26 24.79 12.53
N ASN C 301 52.93 24.51 11.27
CA ASN C 301 52.08 25.39 10.48
C ASN C 301 50.97 24.59 9.84
N ALA C 302 49.84 25.26 9.61
CA ALA C 302 48.64 24.64 9.04
C ALA C 302 48.31 25.37 7.74
N GLY C 303 48.92 24.92 6.64
CA GLY C 303 48.63 25.47 5.34
C GLY C 303 47.83 24.51 4.48
N ASP C 304 46.85 23.85 5.09
CA ASP C 304 46.08 22.81 4.42
C ASP C 304 44.62 23.21 4.26
N CYS C 305 44.38 24.45 3.82
CA CYS C 305 43.01 24.88 3.56
C CYS C 305 42.37 24.07 2.44
N LEU C 306 43.15 23.72 1.43
CA LEU C 306 42.69 22.89 0.32
C LEU C 306 43.65 21.71 0.18
N ALA C 307 43.29 20.57 0.77
CA ALA C 307 44.11 19.37 0.70
C ALA C 307 43.21 18.16 0.75
N ASN C 308 43.61 17.09 0.06
CA ASN C 308 42.83 15.86 0.06
C ASN C 308 42.78 15.14 1.41
N PRO C 309 43.76 15.28 2.35
CA PRO C 309 43.44 14.87 3.73
C PRO C 309 42.84 16.02 4.52
N ALA C 310 41.61 15.85 4.99
CA ALA C 310 40.89 16.90 5.72
C ALA C 310 40.97 16.69 7.23
N VAL C 311 42.10 16.20 7.71
CA VAL C 311 42.25 15.95 9.15
C VAL C 311 42.33 17.28 9.90
N PRO C 312 41.47 17.52 10.88
CA PRO C 312 41.52 18.78 11.63
C PRO C 312 42.63 18.78 12.67
N TRP C 313 42.92 19.97 13.17
CA TRP C 313 43.89 20.11 14.25
C TRP C 313 43.29 19.60 15.56
N GLY C 314 44.17 19.09 16.43
CA GLY C 314 43.72 18.28 17.55
C GLY C 314 42.93 19.04 18.59
N GLN C 315 43.37 20.24 18.96
CA GLN C 315 42.80 20.95 20.10
C GLN C 315 41.67 21.89 19.72
N GLY C 316 41.22 21.87 18.46
CA GLY C 316 40.13 22.74 18.04
C GLY C 316 38.82 22.45 18.75
N ILE C 317 38.56 21.18 19.05
CA ILE C 317 37.37 20.82 19.82
C ILE C 317 37.46 21.40 21.23
N ASP C 318 38.66 21.42 21.80
CA ASP C 318 38.86 22.08 23.09
C ASP C 318 38.66 23.58 22.99
N ILE C 319 39.05 24.19 21.87
CA ILE C 319 38.80 25.62 21.66
C ILE C 319 37.31 25.89 21.62
N GLN C 320 36.55 25.04 20.93
CA GLN C 320 35.10 25.19 20.90
C GLN C 320 34.50 24.96 22.28
N ARG C 321 35.06 24.03 23.05
CA ARG C 321 34.59 23.80 24.41
C ARG C 321 34.81 25.04 25.27
N ALA C 322 35.94 25.74 25.07
CA ALA C 322 36.18 26.99 25.78
C ALA C 322 35.18 28.06 25.38
N LEU C 323 34.66 27.99 24.16
CA LEU C 323 33.66 28.95 23.67
C LEU C 323 32.23 28.50 23.94
N GLN C 324 31.95 27.33 24.46
CA GLN C 324 30.51 27.05 24.63
C GLN C 324 30.16 27.22 26.11
N GLN C 325 30.91 28.07 26.82
CA GLN C 325 30.68 28.18 28.28
C GLN C 325 30.83 29.62 28.76
N VAL C 326 31.30 30.52 27.90
CA VAL C 326 31.57 31.92 28.38
C VAL C 326 30.32 32.44 29.09
N ARG C 327 30.51 33.25 30.13
CA ARG C 327 29.35 33.75 30.92
C ARG C 327 29.70 35.03 31.65
N PHE C 328 28.98 36.11 31.38
CA PHE C 328 29.20 37.37 32.13
C PHE C 328 28.07 38.30 31.82
N GLU C 329 27.98 39.41 32.55
CA GLU C 329 26.92 40.41 32.25
C GLU C 329 27.56 41.54 31.45
N GLY C 330 27.35 41.55 30.15
CA GLY C 330 27.94 42.59 29.31
C GLY C 330 26.87 43.51 28.82
N LEU C 331 27.06 44.12 27.66
CA LEU C 331 26.11 45.12 27.15
C LEU C 331 24.75 44.50 26.87
N THR C 332 24.72 43.32 26.26
CA THR C 332 23.46 42.67 25.90
C THR C 332 22.85 41.91 27.07
N GLY C 333 23.48 41.90 28.23
CA GLY C 333 22.96 41.20 29.38
C GLY C 333 23.71 39.91 29.66
N ASN C 334 23.01 38.91 30.19
CA ASN C 334 23.64 37.62 30.44
C ASN C 334 23.93 36.91 29.12
N VAL C 335 25.11 36.30 29.04
CA VAL C 335 25.55 35.58 27.85
C VAL C 335 25.67 34.10 28.22
N GLN C 336 25.09 33.24 27.39
CA GLN C 336 25.18 31.81 27.60
C GLN C 336 24.91 31.10 26.28
N PHE C 337 25.44 29.89 26.15
CA PHE C 337 25.27 29.09 24.95
C PHE C 337 24.87 27.68 25.32
N ASN C 338 24.02 27.08 24.48
CA ASN C 338 23.57 25.71 24.69
C ASN C 338 24.51 24.75 23.95
N GLU C 339 24.09 23.49 23.81
CA GLU C 339 24.91 22.50 23.12
C GLU C 339 25.07 22.85 21.64
N LYS C 340 24.03 23.38 21.01
CA LYS C 340 24.07 23.72 19.59
C LYS C 340 25.00 24.89 19.28
N GLY C 341 25.47 25.62 20.28
CA GLY C 341 26.39 26.72 20.07
C GLY C 341 25.74 28.05 19.73
N ARG C 342 24.43 28.17 19.89
CA ARG C 342 23.72 29.42 19.63
C ARG C 342 23.43 30.15 20.94
N ARG C 343 23.03 31.40 20.82
CA ARG C 343 22.74 32.22 21.99
C ARG C 343 21.42 31.81 22.61
N THR C 344 21.44 31.50 23.89
CA THR C 344 20.25 31.19 24.68
C THR C 344 20.34 31.92 26.01
N ASN C 345 19.28 31.80 26.81
CA ASN C 345 19.19 32.40 28.14
C ASN C 345 19.37 33.91 28.08
N TYR C 346 18.43 34.57 27.40
CA TYR C 346 18.47 36.00 27.21
C TYR C 346 17.12 36.61 27.58
N THR C 347 17.11 37.93 27.75
CA THR C 347 15.91 38.67 28.12
C THR C 347 15.74 39.85 27.16
N LEU C 348 14.57 39.94 26.54
CA LEU C 348 14.23 41.04 25.64
C LEU C 348 13.21 41.94 26.31
N HIS C 349 13.48 43.24 26.31
CA HIS C 349 12.57 44.22 26.90
C HIS C 349 11.59 44.68 25.84
N VAL C 350 10.31 44.38 26.04
CA VAL C 350 9.26 44.72 25.09
C VAL C 350 8.76 46.13 25.42
N ILE C 351 8.87 47.03 24.45
CA ILE C 351 8.51 48.44 24.62
C ILE C 351 7.40 48.76 23.63
N GLU C 352 6.30 49.32 24.14
CA GLU C 352 5.16 49.71 23.33
C GLU C 352 4.86 51.18 23.58
N MET C 353 4.67 51.94 22.51
CA MET C 353 4.30 53.34 22.60
C MET C 353 2.88 53.54 22.10
N LYS C 354 2.10 54.35 22.84
CA LYS C 354 0.74 54.72 22.42
C LYS C 354 0.56 56.21 22.67
N HIS C 355 0.99 57.02 21.68
CA HIS C 355 0.83 58.48 21.63
C HIS C 355 1.42 59.18 22.87
N ASP C 356 2.19 58.50 23.69
CA ASP C 356 2.70 59.06 24.95
C ASP C 356 4.21 59.11 24.99
N GLY C 357 4.88 58.00 24.68
CA GLY C 357 6.32 57.93 24.74
C GLY C 357 6.77 56.50 24.95
N ILE C 358 8.02 56.37 25.38
CA ILE C 358 8.64 55.06 25.57
C ILE C 358 8.10 54.45 26.86
N ARG C 359 7.51 53.26 26.75
CA ARG C 359 6.96 52.56 27.91
C ARG C 359 7.17 51.06 27.73
N LYS C 360 7.70 50.41 28.75
CA LYS C 360 7.96 48.97 28.73
C LYS C 360 6.75 48.23 29.27
N ILE C 361 6.30 47.21 28.55
CA ILE C 361 5.09 46.47 28.92
C ILE C 361 5.38 45.07 29.42
N GLY C 362 6.61 44.59 29.35
CA GLY C 362 6.93 43.27 29.82
C GLY C 362 8.28 42.83 29.31
N TYR C 363 8.56 41.55 29.52
CA TYR C 363 9.83 40.99 29.07
C TYR C 363 9.65 39.54 28.63
N TRP C 364 10.54 39.10 27.76
CA TRP C 364 10.50 37.76 27.19
C TRP C 364 11.67 36.93 27.69
N ASN C 365 11.39 35.69 28.08
CA ASN C 365 12.38 34.76 28.57
C ASN C 365 12.19 33.42 27.88
N GLU C 366 13.30 32.67 27.75
CA GLU C 366 13.25 31.39 27.06
C GLU C 366 12.36 30.38 27.78
N ASP C 367 12.40 30.36 29.10
CA ASP C 367 11.59 29.44 29.89
C ASP C 367 10.27 30.04 30.36
N ASP C 368 10.24 31.33 30.65
CA ASP C 368 9.04 31.98 31.18
C ASP C 368 8.15 32.57 30.10
N LYS C 369 8.56 32.50 28.83
CA LYS C 369 7.81 33.06 27.68
C LYS C 369 7.63 34.56 27.93
N PHE C 370 6.46 35.13 27.66
CA PHE C 370 6.23 36.55 27.84
C PHE C 370 5.63 36.79 29.23
N VAL C 371 6.29 37.64 30.01
CA VAL C 371 5.79 38.08 31.32
C VAL C 371 5.43 39.55 31.19
N PRO C 372 4.14 39.92 31.20
CA PRO C 372 3.77 41.32 31.16
C PRO C 372 4.14 42.04 32.46
N ALA C 373 4.35 43.35 32.34
CA ALA C 373 4.69 44.17 33.48
C ALA C 373 4.08 45.56 33.37
N ALA D 1 43.08 25.49 -34.66
CA ALA D 1 43.76 24.28 -34.20
C ALA D 1 43.16 23.79 -32.88
N PHE D 2 41.86 23.52 -32.91
CA PHE D 2 41.17 23.00 -31.74
C PHE D 2 41.55 21.54 -31.54
N PRO D 3 42.16 21.16 -30.41
CA PRO D 3 42.49 19.76 -30.18
C PRO D 3 41.24 18.89 -30.04
N SER D 4 41.41 17.62 -30.38
CA SER D 4 40.28 16.69 -30.37
C SER D 4 39.79 16.41 -28.96
N SER D 5 40.71 16.28 -28.00
CA SER D 5 40.37 15.85 -26.66
C SER D 5 40.37 17.06 -25.73
N VAL D 6 39.19 17.42 -25.23
CA VAL D 6 39.06 18.44 -24.20
C VAL D 6 39.09 17.75 -22.83
N GLN D 7 39.31 18.55 -21.78
CA GLN D 7 39.48 18.04 -20.43
C GLN D 7 38.32 18.46 -19.53
N ILE D 8 37.10 18.34 -20.04
CA ILE D 8 35.91 18.77 -19.31
C ILE D 8 35.70 17.92 -18.06
N GLY D 9 35.30 18.56 -16.97
CA GLY D 9 34.99 17.89 -15.72
C GLY D 9 33.50 17.82 -15.45
N GLY D 10 33.18 17.16 -14.35
CA GLY D 10 31.79 17.00 -13.94
C GLY D 10 31.69 16.89 -12.44
N LEU D 11 30.55 17.33 -11.91
CA LEU D 11 30.28 17.31 -10.48
C LEU D 11 28.93 16.65 -10.22
N PHE D 12 28.89 15.68 -9.32
CA PHE D 12 27.67 14.97 -9.00
C PHE D 12 27.56 14.78 -7.49
N ILE D 13 26.33 14.66 -7.00
CA ILE D 13 26.03 14.54 -5.58
C ILE D 13 25.51 13.15 -5.31
N ARG D 14 25.20 12.84 -4.04
CA ARG D 14 24.69 11.52 -3.70
C ARG D 14 23.31 11.31 -4.31
N ASN D 15 22.93 10.03 -4.43
CA ASN D 15 21.66 9.60 -5.05
C ASN D 15 21.54 10.13 -6.47
N THR D 16 22.66 10.13 -7.21
CA THR D 16 22.72 10.62 -8.57
C THR D 16 23.48 9.62 -9.44
N ASP D 17 23.11 8.34 -9.30
CA ASP D 17 23.64 7.30 -10.17
C ASP D 17 22.83 7.15 -11.45
N GLN D 18 21.54 7.50 -11.39
CA GLN D 18 20.70 7.51 -12.58
C GLN D 18 21.17 8.57 -13.58
N GLU D 19 21.40 9.79 -13.09
CA GLU D 19 21.88 10.86 -13.94
C GLU D 19 23.32 10.62 -14.39
N TYR D 20 24.13 9.98 -13.55
CA TYR D 20 25.45 9.54 -13.99
C TYR D 20 25.35 8.53 -15.12
N THR D 21 24.39 7.61 -15.03
CA THR D 21 24.19 6.65 -16.10
C THR D 21 23.78 7.35 -17.40
N ALA D 22 22.89 8.35 -17.31
CA ALA D 22 22.51 9.12 -18.49
C ALA D 22 23.70 9.89 -19.06
N PHE D 23 24.54 10.47 -18.18
CA PHE D 23 25.72 11.20 -18.62
C PHE D 23 26.70 10.29 -19.34
N ARG D 24 26.93 9.09 -18.81
CA ARG D 24 27.83 8.15 -19.46
C ARG D 24 27.27 7.64 -20.77
N LEU D 25 25.94 7.44 -20.85
CA LEU D 25 25.30 7.08 -22.11
C LEU D 25 25.50 8.16 -23.16
N ALA D 26 25.29 9.42 -22.77
CA ALA D 26 25.45 10.53 -23.71
C ALA D 26 26.90 10.65 -24.16
N ILE D 27 27.85 10.47 -23.25
CA ILE D 27 29.26 10.54 -23.62
C ILE D 27 29.64 9.36 -24.50
N PHE D 28 28.98 8.21 -24.34
CA PHE D 28 29.25 7.06 -25.21
C PHE D 28 28.77 7.34 -26.62
N LEU D 29 27.52 7.80 -26.76
CA LEU D 29 26.99 8.07 -28.10
C LEU D 29 27.61 9.30 -28.75
N HIS D 30 28.19 10.21 -27.97
CA HIS D 30 28.97 11.28 -28.60
C HIS D 30 30.35 10.81 -29.02
N ASN D 31 30.98 9.96 -28.20
CA ASN D 31 32.37 9.58 -28.45
C ASN D 31 32.48 8.64 -29.65
N THR D 32 31.64 7.62 -29.71
CA THR D 32 31.66 6.63 -30.79
C THR D 32 30.36 6.79 -31.58
N SER D 33 30.47 7.40 -32.77
CA SER D 33 29.31 7.62 -33.62
C SER D 33 29.81 7.83 -35.05
N PRO D 34 28.99 7.52 -36.05
CA PRO D 34 29.38 7.82 -37.44
C PRO D 34 29.22 9.31 -37.74
N ASN D 35 29.43 9.67 -39.01
CA ASN D 35 29.38 11.07 -39.48
C ASN D 35 30.39 11.93 -38.70
N ALA D 36 31.67 11.60 -38.93
CA ALA D 36 32.76 12.28 -38.23
C ALA D 36 32.84 13.75 -38.55
N SER D 37 32.27 14.19 -39.68
CA SER D 37 32.19 15.62 -39.97
C SER D 37 31.27 16.35 -39.01
N GLU D 38 30.35 15.65 -38.36
CA GLU D 38 29.46 16.25 -37.37
C GLU D 38 30.04 16.23 -35.97
N ALA D 39 31.19 15.57 -35.76
CA ALA D 39 31.85 15.56 -34.46
C ALA D 39 33.33 15.24 -34.61
N PRO D 40 34.16 16.20 -35.01
CA PRO D 40 35.60 15.95 -35.18
C PRO D 40 36.41 16.00 -33.88
N PHE D 41 35.76 16.05 -32.72
CA PHE D 41 36.46 16.18 -31.45
C PHE D 41 35.97 15.12 -30.48
N ASN D 42 36.85 14.73 -29.55
CA ASN D 42 36.58 13.69 -28.57
C ASN D 42 36.17 14.32 -27.25
N LEU D 43 35.54 13.51 -26.40
CA LEU D 43 35.05 13.98 -25.10
C LEU D 43 35.43 12.98 -24.03
N VAL D 44 36.19 13.44 -23.03
CA VAL D 44 36.51 12.62 -21.87
C VAL D 44 36.17 13.39 -20.59
N PRO D 45 35.19 12.94 -19.82
CA PRO D 45 34.83 13.64 -18.59
C PRO D 45 35.86 13.44 -17.49
N HIS D 46 35.82 14.36 -16.52
CA HIS D 46 36.64 14.27 -15.30
C HIS D 46 35.67 14.38 -14.13
N VAL D 47 35.11 13.25 -13.72
CA VAL D 47 34.00 13.25 -12.78
C VAL D 47 34.52 13.34 -11.34
N ASP D 48 33.65 13.79 -10.45
CA ASP D 48 33.94 13.84 -9.01
C ASP D 48 32.65 13.55 -8.26
N ASN D 49 32.65 12.49 -7.44
CA ASN D 49 31.53 12.21 -6.55
C ASN D 49 31.76 12.90 -5.22
N ILE D 50 30.71 13.51 -4.69
CA ILE D 50 30.86 14.49 -3.62
C ILE D 50 30.36 13.99 -2.27
N GLU D 51 29.41 13.03 -2.24
CA GLU D 51 28.97 12.39 -1.00
C GLU D 51 28.35 13.38 -0.02
N THR D 52 27.10 13.79 -0.28
CA THR D 52 26.28 14.73 0.50
C THR D 52 27.00 16.08 0.65
N ALA D 53 27.04 16.75 -0.51
CA ALA D 53 27.74 18.02 -0.72
C ALA D 53 27.43 19.06 0.34
N ASN D 54 28.48 19.48 1.04
CA ASN D 54 28.51 20.75 1.73
C ASN D 54 29.32 21.72 0.87
N SER D 55 29.60 22.91 1.40
CA SER D 55 30.36 23.88 0.62
C SER D 55 31.84 23.51 0.54
N PHE D 56 32.36 22.83 1.57
CA PHE D 56 33.78 22.47 1.58
C PHE D 56 34.11 21.45 0.51
N ALA D 57 33.30 20.40 0.39
CA ALA D 57 33.55 19.38 -0.62
C ALA D 57 33.36 19.92 -2.03
N VAL D 58 32.35 20.77 -2.23
CA VAL D 58 32.13 21.39 -3.54
C VAL D 58 33.29 22.30 -3.91
N THR D 59 33.79 23.08 -2.94
CA THR D 59 34.94 23.93 -3.18
C THR D 59 36.18 23.10 -3.53
N ASN D 60 36.40 22.00 -2.80
CA ASN D 60 37.53 21.13 -3.09
C ASN D 60 37.42 20.52 -4.48
N ALA D 61 36.22 20.08 -4.87
CA ALA D 61 36.02 19.51 -6.20
C ALA D 61 36.25 20.55 -7.29
N PHE D 62 35.75 21.77 -7.09
CA PHE D 62 35.97 22.83 -8.07
C PHE D 62 37.45 23.17 -8.19
N CYS D 63 38.17 23.21 -7.07
CA CYS D 63 39.60 23.50 -7.11
C CYS D 63 40.37 22.38 -7.79
N SER D 64 39.99 21.12 -7.54
CA SER D 64 40.64 19.99 -8.21
C SER D 64 40.39 20.02 -9.71
N GLN D 65 39.16 20.34 -10.11
CA GLN D 65 38.85 20.43 -11.54
C GLN D 65 39.59 21.59 -12.19
N TYR D 66 39.71 22.72 -11.50
CA TYR D 66 40.47 23.85 -12.03
C TYR D 66 41.94 23.50 -12.17
N SER D 67 42.51 22.79 -11.20
CA SER D 67 43.89 22.34 -11.30
C SER D 67 44.07 21.32 -12.42
N ARG D 68 43.04 20.53 -12.70
CA ARG D 68 43.09 19.57 -13.80
C ARG D 68 42.93 20.22 -15.16
N GLY D 69 42.45 21.46 -15.22
CA GLY D 69 42.33 22.17 -16.48
C GLY D 69 41.05 21.90 -17.22
N VAL D 70 39.91 22.15 -16.57
CA VAL D 70 38.61 21.91 -17.19
C VAL D 70 38.21 23.11 -18.04
N PHE D 71 37.33 22.85 -19.00
CA PHE D 71 36.78 23.87 -19.89
C PHE D 71 35.38 24.31 -19.47
N ALA D 72 34.47 23.35 -19.30
CA ALA D 72 33.16 23.57 -18.72
C ALA D 72 32.95 22.58 -17.59
N ILE D 73 31.92 22.81 -16.78
CA ILE D 73 31.63 21.96 -15.63
C ILE D 73 30.14 21.64 -15.63
N PHE D 74 29.81 20.35 -15.59
CA PHE D 74 28.44 19.89 -15.40
C PHE D 74 28.28 19.52 -13.93
N GLY D 75 27.56 20.34 -13.19
CA GLY D 75 27.46 20.17 -11.76
C GLY D 75 26.01 20.22 -11.28
N LEU D 76 25.83 19.77 -10.04
CA LEU D 76 24.54 19.80 -9.35
C LEU D 76 24.74 20.40 -7.97
N TYR D 77 23.77 21.20 -7.54
CA TYR D 77 23.84 21.83 -6.23
C TYR D 77 22.53 21.68 -5.48
N ASP D 78 22.63 21.64 -4.15
CA ASP D 78 21.48 21.71 -3.27
C ASP D 78 21.26 23.18 -2.85
N LYS D 79 20.42 23.38 -1.83
CA LYS D 79 20.18 24.74 -1.33
C LYS D 79 21.44 25.34 -0.71
N ARG D 80 22.22 24.53 0.00
CA ARG D 80 23.37 25.03 0.73
C ARG D 80 24.63 25.12 -0.11
N SER D 81 24.56 24.84 -1.41
CA SER D 81 25.73 24.94 -2.27
C SER D 81 25.45 25.61 -3.60
N VAL D 82 24.26 26.19 -3.79
CA VAL D 82 23.94 26.85 -5.05
C VAL D 82 24.77 28.12 -5.22
N HIS D 83 25.00 28.85 -4.12
CA HIS D 83 25.64 30.15 -4.20
C HIS D 83 27.12 30.04 -4.53
N THR D 84 27.88 29.38 -3.64
CA THR D 84 29.34 29.48 -3.68
C THR D 84 29.93 28.96 -4.99
N LEU D 85 29.42 27.81 -5.47
CA LEU D 85 29.88 27.28 -6.75
C LEU D 85 29.62 28.28 -7.86
N THR D 86 28.41 28.85 -7.87
CA THR D 86 28.09 29.91 -8.82
C THR D 86 29.04 31.09 -8.66
N SER D 87 29.34 31.46 -7.41
CA SER D 87 30.28 32.55 -7.17
C SER D 87 31.65 32.21 -7.74
N PHE D 88 32.05 30.93 -7.64
CA PHE D 88 33.30 30.51 -8.26
C PHE D 88 33.24 30.73 -9.76
N CYS D 89 32.13 30.33 -10.39
CA CYS D 89 31.98 30.58 -11.81
C CYS D 89 31.80 32.05 -12.12
N SER D 90 31.43 32.86 -11.13
CA SER D 90 31.38 34.29 -11.34
C SER D 90 32.76 34.95 -11.20
N ALA D 91 33.77 34.19 -10.80
CA ALA D 91 35.11 34.75 -10.59
C ALA D 91 36.15 34.15 -11.51
N LEU D 92 36.10 32.84 -11.77
CA LEU D 92 37.11 32.17 -12.57
C LEU D 92 36.75 32.10 -14.05
N HIS D 93 35.59 32.66 -14.44
CA HIS D 93 35.14 32.71 -15.84
C HIS D 93 35.06 31.32 -16.46
N ILE D 94 34.57 30.36 -15.69
CA ILE D 94 34.39 28.98 -16.15
C ILE D 94 32.90 28.75 -16.32
N SER D 95 32.49 28.44 -17.55
CA SER D 95 31.08 28.19 -17.84
C SER D 95 30.62 26.90 -17.18
N LEU D 96 29.35 26.89 -16.78
CA LEU D 96 28.79 25.76 -16.04
C LEU D 96 27.29 25.67 -16.28
N ILE D 97 26.82 24.45 -16.52
CA ILE D 97 25.41 24.16 -16.79
C ILE D 97 24.94 23.12 -15.79
N THR D 98 23.72 23.30 -15.28
CA THR D 98 23.17 22.39 -14.28
C THR D 98 21.80 21.90 -14.69
N PRO D 99 21.43 20.69 -14.26
CA PRO D 99 20.02 20.27 -14.29
C PRO D 99 19.26 20.55 -13.00
N SER D 100 19.84 21.31 -12.06
CA SER D 100 19.22 21.55 -10.77
C SER D 100 18.19 22.68 -10.88
N PHE D 101 17.70 23.15 -9.73
CA PHE D 101 16.64 24.14 -9.72
C PHE D 101 17.16 25.49 -10.22
N PRO D 102 16.37 26.21 -11.01
CA PRO D 102 16.80 27.54 -11.45
C PRO D 102 16.73 28.56 -10.33
N THR D 103 17.59 29.57 -10.43
CA THR D 103 17.61 30.67 -9.48
C THR D 103 17.81 31.96 -10.24
N GLU D 104 17.33 33.06 -9.64
CA GLU D 104 17.32 34.37 -10.28
C GLU D 104 18.29 35.30 -9.57
N GLY D 105 18.96 36.15 -10.34
CA GLY D 105 19.85 37.15 -9.78
C GLY D 105 21.30 36.98 -10.16
N GLU D 106 21.76 35.73 -10.25
CA GLU D 106 23.18 35.47 -10.52
C GLU D 106 23.51 35.72 -11.98
N SER D 107 22.88 34.97 -12.89
CA SER D 107 23.08 35.05 -14.35
C SER D 107 24.57 34.81 -14.64
N GLN D 108 25.20 35.61 -15.50
CA GLN D 108 26.62 35.51 -15.82
C GLN D 108 27.01 34.15 -16.40
N PHE D 109 27.70 33.33 -15.61
CA PHE D 109 28.36 32.14 -16.12
C PHE D 109 27.73 30.83 -15.63
N VAL D 110 26.47 30.85 -15.23
CA VAL D 110 25.76 29.65 -14.82
C VAL D 110 24.47 29.54 -15.60
N LEU D 111 24.21 28.37 -16.19
CA LEU D 111 22.98 28.09 -16.90
C LEU D 111 22.22 26.97 -16.20
N GLN D 112 20.89 27.10 -16.19
CA GLN D 112 20.02 26.13 -15.54
C GLN D 112 19.15 25.48 -16.62
N LEU D 113 19.27 24.16 -16.75
CA LEU D 113 18.51 23.44 -17.76
C LEU D 113 17.08 23.15 -17.32
N ARG D 114 16.81 23.14 -16.02
CA ARG D 114 15.46 22.88 -15.54
C ARG D 114 14.61 24.14 -15.71
N PRO D 115 13.51 24.08 -16.45
CA PRO D 115 12.67 25.27 -16.62
C PRO D 115 11.87 25.56 -15.36
N SER D 116 11.45 26.82 -15.24
CA SER D 116 10.72 27.26 -14.07
C SER D 116 9.30 26.70 -14.06
N LEU D 117 8.87 26.20 -12.91
CA LEU D 117 7.51 25.70 -12.72
C LEU D 117 6.57 26.77 -12.19
N ARG D 118 7.04 28.01 -12.04
CA ARG D 118 6.23 29.07 -11.46
C ARG D 118 5.02 29.40 -12.33
N GLY D 119 5.27 29.66 -13.62
CA GLY D 119 4.18 30.10 -14.50
C GLY D 119 3.14 29.02 -14.73
N ALA D 120 3.58 27.78 -14.96
CA ALA D 120 2.63 26.69 -15.19
C ALA D 120 1.78 26.42 -13.96
N LEU D 121 2.39 26.41 -12.78
CA LEU D 121 1.64 26.19 -11.55
C LEU D 121 0.65 27.32 -11.28
N LEU D 122 1.08 28.57 -11.51
CA LEU D 122 0.16 29.70 -11.30
C LEU D 122 -1.00 29.66 -12.28
N SER D 123 -0.73 29.32 -13.54
CA SER D 123 -1.79 29.25 -14.54
C SER D 123 -2.75 28.11 -14.24
N LEU D 124 -2.24 26.97 -13.77
CA LEU D 124 -3.11 25.84 -13.42
C LEU D 124 -3.95 26.17 -12.20
N LEU D 125 -3.38 26.88 -11.23
CA LEU D 125 -4.15 27.29 -10.06
C LEU D 125 -5.23 28.30 -10.44
N ASP D 126 -4.93 29.22 -11.35
CA ASP D 126 -5.94 30.18 -11.79
C ASP D 126 -7.03 29.52 -12.64
N HIS D 127 -6.67 28.51 -13.43
CA HIS D 127 -7.66 27.84 -14.28
C HIS D 127 -8.63 27.01 -13.45
N TYR D 128 -8.15 26.40 -12.37
CA TYR D 128 -8.99 25.57 -11.52
C TYR D 128 -9.85 26.39 -10.55
N GLU D 129 -9.67 27.71 -10.53
CA GLU D 129 -10.44 28.62 -9.69
C GLU D 129 -10.35 28.26 -8.20
N TRP D 130 -9.12 28.00 -7.76
CA TRP D 130 -8.88 27.66 -6.37
C TRP D 130 -8.78 28.91 -5.51
N ASN D 131 -9.36 28.86 -4.31
CA ASN D 131 -9.36 30.01 -3.42
C ASN D 131 -8.83 29.64 -2.04
N CYS D 132 -8.99 28.38 -1.65
CA CYS D 132 -8.56 27.90 -0.35
C CYS D 132 -7.93 26.53 -0.50
N PHE D 133 -6.64 26.43 -0.18
CA PHE D 133 -5.96 25.15 -0.28
C PHE D 133 -4.74 25.13 0.63
N VAL D 134 -4.16 23.94 0.78
CA VAL D 134 -2.99 23.72 1.63
C VAL D 134 -1.79 23.45 0.75
N PHE D 135 -0.73 24.22 0.95
CA PHE D 135 0.50 24.13 0.17
C PHE D 135 1.57 23.50 1.06
N LEU D 136 1.85 22.23 0.82
CA LEU D 136 2.91 21.52 1.52
C LEU D 136 4.20 21.67 0.71
N TYR D 137 5.28 22.06 1.38
CA TYR D 137 6.51 22.38 0.66
C TYR D 137 7.73 22.06 1.51
N ASP D 138 8.87 22.06 0.86
CA ASP D 138 10.19 21.98 1.49
C ASP D 138 11.06 23.13 1.04
N THR D 139 12.18 23.32 1.73
CA THR D 139 13.09 24.43 1.46
C THR D 139 14.32 23.98 0.67
N ASP D 140 14.36 22.74 0.19
CA ASP D 140 15.57 22.21 -0.44
C ASP D 140 15.81 22.77 -1.83
N ARG D 141 14.79 23.34 -2.48
CA ARG D 141 14.96 23.86 -3.83
C ARG D 141 14.61 25.34 -3.90
N GLY D 142 15.09 26.12 -2.94
CA GLY D 142 14.86 27.55 -2.95
C GLY D 142 13.49 27.91 -2.40
N TYR D 143 13.19 29.22 -2.50
CA TYR D 143 11.94 29.76 -1.98
C TYR D 143 11.16 30.52 -3.05
N SER D 144 11.47 30.32 -4.32
CA SER D 144 10.79 31.04 -5.39
C SER D 144 9.31 30.65 -5.47
N ILE D 145 9.03 29.34 -5.36
CA ILE D 145 7.64 28.87 -5.45
C ILE D 145 6.82 29.38 -4.27
N LEU D 146 7.38 29.33 -3.06
CA LEU D 146 6.67 29.81 -1.88
C LEU D 146 6.40 31.30 -1.97
N GLN D 147 7.38 32.09 -2.39
CA GLN D 147 7.19 33.52 -2.52
C GLN D 147 6.16 33.86 -3.59
N ALA D 148 6.19 33.12 -4.71
CA ALA D 148 5.20 33.34 -5.76
C ALA D 148 3.79 33.01 -5.29
N ILE D 149 3.65 31.91 -4.53
CA ILE D 149 2.35 31.53 -3.99
C ILE D 149 1.84 32.58 -3.02
N MET D 150 2.73 33.08 -2.15
CA MET D 150 2.35 34.15 -1.22
C MET D 150 1.94 35.42 -1.96
N GLU D 151 2.68 35.81 -3.00
CA GLU D 151 2.34 37.01 -3.74
C GLU D 151 1.01 36.87 -4.48
N LYS D 152 0.77 35.70 -5.08
CA LYS D 152 -0.49 35.48 -5.77
C LYS D 152 -1.67 35.45 -4.80
N ALA D 153 -1.47 34.83 -3.62
CA ALA D 153 -2.53 34.82 -2.61
C ALA D 153 -2.82 36.23 -2.10
N GLY D 154 -1.78 37.04 -1.92
CA GLY D 154 -2.00 38.41 -1.50
C GLY D 154 -2.71 39.24 -2.55
N GLN D 155 -2.36 39.04 -3.83
CA GLN D 155 -2.98 39.79 -4.90
C GLN D 155 -4.36 39.27 -5.30
N ASN D 156 -4.74 38.08 -4.85
CA ASN D 156 -6.02 37.50 -5.20
C ASN D 156 -6.91 37.15 -4.01
N GLY D 157 -6.42 37.34 -2.79
CA GLY D 157 -7.22 37.03 -1.62
C GLY D 157 -7.39 35.55 -1.33
N TRP D 158 -6.47 34.71 -1.81
CA TRP D 158 -6.58 33.28 -1.59
C TRP D 158 -6.25 32.94 -0.13
N HIS D 159 -6.73 31.77 0.30
CA HIS D 159 -6.45 31.23 1.62
C HIS D 159 -5.51 30.05 1.47
N VAL D 160 -4.22 30.31 1.65
CA VAL D 160 -3.17 29.31 1.46
C VAL D 160 -2.66 28.91 2.84
N SER D 161 -2.66 27.61 3.11
CA SER D 161 -2.10 27.07 4.35
C SER D 161 -0.72 26.52 4.02
N ALA D 162 0.32 27.33 4.24
CA ALA D 162 1.67 26.92 3.91
C ALA D 162 2.27 26.09 5.04
N ILE D 163 2.59 24.84 4.75
CA ILE D 163 3.15 23.93 5.75
C ILE D 163 4.45 23.35 5.23
N CYS D 164 5.50 23.45 6.04
CA CYS D 164 6.81 22.89 5.71
C CYS D 164 6.94 21.52 6.38
N VAL D 165 7.41 20.54 5.61
CA VAL D 165 7.49 19.17 6.09
C VAL D 165 8.94 18.69 6.03
N GLU D 166 9.88 19.61 6.23
CA GLU D 166 11.29 19.26 6.16
C GLU D 166 11.71 18.32 7.28
N ASN D 167 11.19 18.54 8.49
CA ASN D 167 11.56 17.77 9.67
C ASN D 167 10.37 16.99 10.22
N PHE D 168 9.61 16.34 9.33
CA PHE D 168 8.44 15.58 9.71
C PHE D 168 8.69 14.10 9.46
N ASN D 169 8.31 13.27 10.44
CA ASN D 169 8.39 11.83 10.31
C ASN D 169 6.98 11.28 10.01
N ASP D 170 6.87 9.95 10.00
CA ASP D 170 5.62 9.31 9.57
C ASP D 170 4.47 9.61 10.50
N VAL D 171 4.72 9.57 11.82
CA VAL D 171 3.66 9.86 12.79
C VAL D 171 3.19 11.30 12.67
N SER D 172 4.14 12.23 12.49
CA SER D 172 3.78 13.63 12.30
C SER D 172 3.02 13.82 10.99
N TYR D 173 3.40 13.09 9.94
CA TYR D 173 2.68 13.17 8.68
C TYR D 173 1.23 12.71 8.84
N ARG D 174 1.03 11.59 9.55
CA ARG D 174 -0.33 11.10 9.77
C ARG D 174 -1.14 12.06 10.62
N GLN D 175 -0.53 12.61 11.67
CA GLN D 175 -1.24 13.56 12.53
C GLN D 175 -1.60 14.82 11.76
N LEU D 176 -0.69 15.32 10.92
CA LEU D 176 -0.98 16.50 10.11
C LEU D 176 -2.10 16.22 9.11
N LEU D 177 -2.07 15.06 8.46
CA LEU D 177 -3.14 14.71 7.52
C LEU D 177 -4.49 14.60 8.21
N GLU D 178 -4.53 13.97 9.38
CA GLU D 178 -5.79 13.85 10.11
C GLU D 178 -6.31 15.20 10.60
N GLU D 179 -5.41 16.06 11.09
CA GLU D 179 -5.82 17.40 11.53
C GLU D 179 -6.30 18.23 10.35
N LEU D 180 -5.68 18.08 9.18
CA LEU D 180 -6.11 18.81 8.00
C LEU D 180 -7.46 18.30 7.51
N ASP D 181 -7.70 16.99 7.60
CA ASP D 181 -9.02 16.45 7.28
C ASP D 181 -10.08 16.92 8.26
N ARG D 182 -9.70 17.15 9.53
CA ARG D 182 -10.64 17.68 10.50
C ARG D 182 -11.11 19.07 10.14
N ARG D 183 -10.28 19.86 9.46
CA ARG D 183 -10.64 21.22 9.07
C ARG D 183 -11.29 21.28 7.70
N GLN D 184 -11.69 20.13 7.14
CA GLN D 184 -12.37 20.05 5.85
C GLN D 184 -11.55 20.66 4.72
N GLU D 185 -10.25 20.41 4.74
CA GLU D 185 -9.33 20.87 3.70
C GLU D 185 -9.05 19.71 2.76
N LYS D 186 -9.63 19.76 1.56
CA LYS D 186 -9.50 18.69 0.58
C LYS D 186 -8.73 19.11 -0.66
N LYS D 187 -8.13 20.30 -0.66
CA LYS D 187 -7.39 20.82 -1.81
C LYS D 187 -5.93 20.99 -1.41
N PHE D 188 -5.04 20.28 -2.11
CA PHE D 188 -3.64 20.20 -1.73
C PHE D 188 -2.75 20.51 -2.92
N VAL D 189 -1.66 21.21 -2.66
CA VAL D 189 -0.56 21.39 -3.61
C VAL D 189 0.72 20.96 -2.91
N ILE D 190 1.40 19.96 -3.45
CA ILE D 190 2.58 19.37 -2.83
C ILE D 190 3.80 19.67 -3.69
N ASP D 191 4.83 20.23 -3.07
CA ASP D 191 6.08 20.58 -3.78
C ASP D 191 7.24 20.16 -2.88
N CYS D 192 7.73 18.93 -3.08
CA CYS D 192 8.79 18.38 -2.26
C CYS D 192 9.74 17.59 -3.16
N GLU D 193 10.74 16.95 -2.53
CA GLU D 193 11.64 16.08 -3.25
C GLU D 193 10.91 14.80 -3.67
N ILE D 194 11.55 14.04 -4.57
CA ILE D 194 10.94 12.83 -5.10
C ILE D 194 10.73 11.79 -4.00
N GLU D 195 11.73 11.61 -3.13
CA GLU D 195 11.56 10.70 -2.01
C GLU D 195 10.53 11.23 -1.03
N ARG D 196 10.56 12.54 -0.76
CA ARG D 196 9.56 13.14 0.13
C ARG D 196 8.16 13.06 -0.46
N LEU D 197 8.04 13.27 -1.78
CA LEU D 197 6.74 13.14 -2.44
C LEU D 197 6.23 11.70 -2.37
N GLN D 198 7.12 10.73 -2.56
CA GLN D 198 6.74 9.33 -2.45
C GLN D 198 6.28 8.99 -1.05
N ASN D 199 6.99 9.50 -0.03
CA ASN D 199 6.58 9.27 1.35
C ASN D 199 5.24 9.92 1.66
N ILE D 200 5.02 11.14 1.14
CA ILE D 200 3.76 11.83 1.37
C ILE D 200 2.60 11.08 0.74
N LEU D 201 2.78 10.61 -0.50
CA LEU D 201 1.75 9.83 -1.16
C LEU D 201 1.49 8.51 -0.45
N GLU D 202 2.55 7.86 0.04
CA GLU D 202 2.39 6.61 0.77
C GLU D 202 1.61 6.83 2.07
N GLN D 203 1.91 7.90 2.80
CA GLN D 203 1.17 8.18 4.02
C GLN D 203 -0.27 8.59 3.73
N ILE D 204 -0.51 9.30 2.63
CA ILE D 204 -1.86 9.67 2.24
C ILE D 204 -2.69 8.43 1.93
N VAL D 205 -2.12 7.49 1.17
CA VAL D 205 -2.85 6.27 0.85
C VAL D 205 -2.93 5.34 2.06
N SER D 206 -2.04 5.49 3.04
CA SER D 206 -2.13 4.70 4.26
C SER D 206 -3.25 5.21 5.17
N VAL D 207 -3.38 6.53 5.31
CA VAL D 207 -4.45 7.08 6.14
C VAL D 207 -5.81 6.82 5.51
N GLY D 208 -5.92 7.01 4.20
CA GLY D 208 -7.18 6.76 3.51
C GLY D 208 -7.75 8.00 2.86
N LYS D 209 -6.88 8.91 2.44
CA LYS D 209 -7.29 10.16 1.80
C LYS D 209 -7.14 10.10 0.28
N HIS D 210 -7.08 8.90 -0.29
CA HIS D 210 -6.98 8.73 -1.74
C HIS D 210 -8.34 8.47 -2.39
N VAL D 211 -9.42 8.55 -1.62
CA VAL D 211 -10.77 8.34 -2.14
C VAL D 211 -11.21 9.58 -2.90
N LYS D 212 -12.33 9.46 -3.63
CA LYS D 212 -12.84 10.59 -4.40
C LYS D 212 -13.28 11.72 -3.49
N GLY D 213 -13.01 12.95 -3.92
CA GLY D 213 -13.29 14.13 -3.14
C GLY D 213 -12.07 14.88 -2.66
N TYR D 214 -10.88 14.35 -2.90
CA TYR D 214 -9.63 14.99 -2.51
C TYR D 214 -8.84 15.36 -3.76
N HIS D 215 -8.33 16.58 -3.80
CA HIS D 215 -7.58 17.08 -4.95
C HIS D 215 -6.11 17.22 -4.58
N TYR D 216 -5.25 16.68 -5.44
CA TYR D 216 -3.80 16.74 -5.25
C TYR D 216 -3.15 17.27 -6.51
N ILE D 217 -2.24 18.22 -6.37
CA ILE D 217 -1.49 18.79 -7.48
C ILE D 217 -0.02 18.45 -7.27
N ILE D 218 0.58 17.78 -8.25
CA ILE D 218 1.97 17.37 -8.17
C ILE D 218 2.80 18.48 -8.80
N ALA D 219 3.64 19.13 -7.99
CA ALA D 219 4.48 20.23 -8.46
C ALA D 219 5.89 19.71 -8.76
N ASN D 220 5.96 18.90 -9.81
CA ASN D 220 7.23 18.34 -10.27
C ASN D 220 7.27 18.37 -11.79
N LEU D 221 8.49 18.36 -12.33
CA LEU D 221 8.66 18.34 -13.79
C LEU D 221 8.29 16.99 -14.39
N GLY D 222 8.21 15.94 -13.58
CA GLY D 222 7.87 14.61 -14.06
C GLY D 222 6.65 14.07 -13.36
N PHE D 223 5.83 13.34 -14.10
CA PHE D 223 4.61 12.75 -13.56
C PHE D 223 4.54 11.24 -13.72
N LYS D 224 5.02 10.71 -14.86
CA LYS D 224 4.95 9.27 -15.09
C LYS D 224 6.02 8.50 -14.31
N ASP D 225 7.03 9.18 -13.79
CA ASP D 225 8.07 8.51 -13.01
C ASP D 225 7.67 8.30 -11.55
N ILE D 226 6.52 8.81 -11.13
CA ILE D 226 6.01 8.63 -9.78
C ILE D 226 5.03 7.46 -9.79
N SER D 227 5.21 6.53 -8.85
CA SER D 227 4.36 5.34 -8.76
C SER D 227 2.99 5.77 -8.27
N LEU D 228 2.05 5.91 -9.21
CA LEU D 228 0.68 6.34 -8.92
C LEU D 228 -0.26 5.25 -9.44
N GLU D 229 -0.51 4.24 -8.61
CA GLU D 229 -1.40 3.15 -8.96
C GLU D 229 -2.59 3.03 -8.02
N ARG D 230 -2.40 3.24 -6.72
CA ARG D 230 -3.51 3.19 -5.79
C ARG D 230 -4.44 4.39 -5.94
N PHE D 231 -3.90 5.52 -6.39
CA PHE D 231 -4.74 6.70 -6.62
C PHE D 231 -5.67 6.50 -7.81
N ILE D 232 -5.28 5.64 -8.76
CA ILE D 232 -6.19 5.27 -9.84
C ILE D 232 -7.39 4.51 -9.30
N HIS D 233 -7.15 3.57 -8.38
CA HIS D 233 -8.24 2.80 -7.79
C HIS D 233 -9.11 3.67 -6.89
N GLY D 234 -8.48 4.59 -6.14
CA GLY D 234 -9.24 5.47 -5.28
C GLY D 234 -9.98 6.57 -6.01
N GLY D 235 -9.55 6.90 -7.23
CA GLY D 235 -10.23 7.92 -8.00
C GLY D 235 -10.01 9.34 -7.52
N ALA D 236 -8.91 9.60 -6.82
CA ALA D 236 -8.65 10.95 -6.33
C ALA D 236 -8.23 11.87 -7.48
N ASN D 237 -8.48 13.16 -7.30
CA ASN D 237 -8.13 14.17 -8.29
C ASN D 237 -6.62 14.42 -8.22
N VAL D 238 -5.90 13.91 -9.21
CA VAL D 238 -4.45 14.09 -9.30
C VAL D 238 -4.13 14.79 -10.61
N THR D 239 -3.39 15.90 -10.52
CA THR D 239 -2.97 16.67 -11.69
C THR D 239 -1.49 16.99 -11.55
N GLY D 240 -0.71 16.69 -12.59
CA GLY D 240 0.72 16.90 -12.57
C GLY D 240 1.22 17.46 -13.89
N PHE D 241 2.53 17.69 -13.93
CA PHE D 241 3.19 18.25 -15.10
C PHE D 241 4.25 17.28 -15.61
N GLN D 242 4.45 17.29 -16.92
CA GLN D 242 5.44 16.46 -17.58
C GLN D 242 6.25 17.31 -18.56
N LEU D 243 7.56 17.09 -18.58
CA LEU D 243 8.46 17.87 -19.42
C LEU D 243 8.87 17.13 -20.68
N VAL D 244 9.18 15.85 -20.59
CA VAL D 244 9.62 15.05 -21.74
C VAL D 244 8.42 14.30 -22.29
N ASP D 245 8.25 14.34 -23.62
CA ASP D 245 7.15 13.67 -24.29
C ASP D 245 7.65 12.33 -24.83
N PHE D 246 7.02 11.24 -24.36
CA PHE D 246 7.45 9.91 -24.77
C PHE D 246 7.08 9.59 -26.20
N ASN D 247 6.14 10.32 -26.80
CA ASN D 247 5.74 10.10 -28.19
C ASN D 247 6.57 10.99 -29.13
N THR D 248 7.89 10.81 -29.06
CA THR D 248 8.84 11.54 -29.86
C THR D 248 9.87 10.56 -30.42
N PRO D 249 10.24 10.69 -31.70
CA PRO D 249 11.25 9.78 -32.27
C PRO D 249 12.57 9.75 -31.53
N MET D 250 13.01 10.93 -31.04
CA MET D 250 14.30 11.04 -30.29
C MET D 250 14.17 10.37 -28.92
N VAL D 251 13.03 10.49 -28.27
CA VAL D 251 12.79 9.88 -26.97
C VAL D 251 12.62 8.37 -27.11
N THR D 252 11.91 7.91 -28.14
CA THR D 252 11.75 6.46 -28.32
C THR D 252 13.04 5.82 -28.81
N LYS D 253 13.89 6.56 -29.52
CA LYS D 253 15.22 6.04 -29.86
C LYS D 253 16.08 5.87 -28.62
N LEU D 254 16.04 6.85 -27.71
CA LEU D 254 16.76 6.71 -26.45
C LEU D 254 16.19 5.56 -25.62
N MET D 255 14.87 5.38 -25.65
CA MET D 255 14.25 4.26 -24.93
C MET D 255 14.71 2.92 -25.49
N ASP D 256 14.82 2.81 -26.82
CA ASP D 256 15.33 1.59 -27.43
C ASP D 256 16.78 1.34 -27.02
N ARG D 257 17.61 2.39 -27.04
CA ARG D 257 18.99 2.23 -26.60
C ARG D 257 19.08 1.92 -25.11
N TRP D 258 18.10 2.38 -24.33
CA TRP D 258 18.08 2.12 -22.90
C TRP D 258 17.73 0.67 -22.61
N LYS D 259 16.73 0.13 -23.30
CA LYS D 259 16.41 -1.28 -23.18
C LYS D 259 17.49 -2.16 -23.81
N LYS D 260 18.33 -1.60 -24.69
CA LYS D 260 19.48 -2.31 -25.21
C LYS D 260 20.62 -2.41 -24.19
N LEU D 261 20.62 -1.56 -23.17
CA LEU D 261 21.75 -1.45 -22.26
C LEU D 261 21.87 -2.68 -21.36
N ASP D 262 23.03 -2.79 -20.72
CA ASP D 262 23.32 -3.83 -19.75
C ASP D 262 22.86 -3.41 -18.36
N GLN D 263 22.83 -4.38 -17.43
CA GLN D 263 22.33 -4.12 -16.09
C GLN D 263 23.40 -3.52 -15.18
N ARG D 264 24.49 -4.26 -14.95
CA ARG D 264 25.47 -3.84 -13.96
C ARG D 264 26.50 -2.86 -14.50
N GLU D 265 26.68 -2.80 -15.82
CA GLU D 265 27.62 -1.82 -16.39
C GLU D 265 27.11 -0.41 -16.19
N TYR D 266 25.83 -0.18 -16.43
CA TYR D 266 25.19 1.13 -16.22
C TYR D 266 24.08 0.97 -15.19
N PRO D 267 24.31 1.34 -13.94
CA PRO D 267 23.29 1.14 -12.91
C PRO D 267 22.11 2.09 -13.08
N GLY D 268 20.96 1.66 -12.57
CA GLY D 268 19.74 2.42 -12.72
C GLY D 268 19.07 2.29 -14.06
N SER D 269 19.46 1.31 -14.88
CA SER D 269 18.87 1.13 -16.20
C SER D 269 17.54 0.40 -16.17
N GLU D 270 17.13 -0.14 -15.02
CA GLU D 270 15.87 -0.86 -14.93
C GLU D 270 14.66 0.07 -14.99
N THR D 271 14.84 1.33 -14.60
CA THR D 271 13.79 2.34 -14.55
C THR D 271 13.86 3.26 -15.77
N PRO D 272 12.71 3.67 -16.29
CA PRO D 272 12.72 4.70 -17.34
C PRO D 272 13.35 5.98 -16.81
N PRO D 273 14.05 6.73 -17.68
CA PRO D 273 14.72 7.94 -17.22
C PRO D 273 13.74 9.00 -16.73
N LYS D 274 14.14 9.72 -15.68
CA LYS D 274 13.33 10.78 -15.11
C LYS D 274 13.60 12.07 -15.87
N TYR D 275 13.09 13.19 -15.34
CA TYR D 275 13.32 14.48 -16.00
C TYR D 275 14.78 14.92 -15.83
N THR D 276 15.42 14.55 -14.73
CA THR D 276 16.81 14.94 -14.51
C THR D 276 17.75 14.25 -15.51
N SER D 277 17.47 12.99 -15.85
CA SER D 277 18.26 12.31 -16.87
C SER D 277 18.08 12.97 -18.23
N ALA D 278 16.85 13.39 -18.55
CA ALA D 278 16.61 14.13 -19.78
C ALA D 278 17.37 15.44 -19.81
N LEU D 279 17.40 16.14 -18.67
CA LEU D 279 18.15 17.39 -18.59
C LEU D 279 19.65 17.15 -18.73
N THR D 280 20.16 16.05 -18.16
CA THR D 280 21.57 15.72 -18.32
C THR D 280 21.92 15.41 -19.78
N TYR D 281 21.07 14.65 -20.46
CA TYR D 281 21.30 14.35 -21.87
C TYR D 281 21.24 15.62 -22.71
N ASP D 282 20.29 16.50 -22.41
CA ASP D 282 20.23 17.79 -23.10
C ASP D 282 21.44 18.66 -22.80
N GLY D 283 21.99 18.55 -21.59
CA GLY D 283 23.21 19.29 -21.27
C GLY D 283 24.41 18.79 -22.06
N VAL D 284 24.54 17.48 -22.22
CA VAL D 284 25.62 16.95 -23.05
C VAL D 284 25.41 17.36 -24.51
N LEU D 285 24.16 17.34 -24.99
CA LEU D 285 23.88 17.74 -26.35
C LEU D 285 24.21 19.21 -26.60
N VAL D 286 23.84 20.08 -25.64
CA VAL D 286 24.12 21.50 -25.81
C VAL D 286 25.61 21.78 -25.65
N MET D 287 26.32 20.96 -24.86
CA MET D 287 27.77 21.07 -24.78
C MET D 287 28.42 20.73 -26.12
N ALA D 288 27.97 19.65 -26.75
CA ALA D 288 28.48 19.30 -28.07
C ALA D 288 28.15 20.38 -29.10
N GLU D 289 26.93 20.93 -29.03
CA GLU D 289 26.53 21.98 -29.96
C GLU D 289 27.35 23.24 -29.78
N THR D 290 27.61 23.65 -28.53
CA THR D 290 28.36 24.87 -28.32
C THR D 290 29.84 24.69 -28.67
N PHE D 291 30.39 23.47 -28.52
CA PHE D 291 31.75 23.26 -28.97
C PHE D 291 31.84 23.21 -30.50
N ARG D 292 30.81 22.67 -31.16
CA ARG D 292 30.76 22.74 -32.61
C ARG D 292 30.62 24.18 -33.09
N SER D 293 29.85 24.99 -32.36
CA SER D 293 29.72 26.41 -32.69
C SER D 293 31.04 27.14 -32.51
N LEU D 294 31.79 26.80 -31.45
CA LEU D 294 33.12 27.36 -31.27
C LEU D 294 34.06 26.96 -32.40
N ARG D 295 33.90 25.72 -32.90
CA ARG D 295 34.63 25.31 -34.10
C ARG D 295 34.23 26.15 -35.31
N ARG D 296 32.94 26.46 -35.44
CA ARG D 296 32.43 27.10 -36.65
C ARG D 296 33.00 28.51 -36.84
N GLN D 297 33.15 29.24 -35.72
CA GLN D 297 33.57 30.68 -35.73
C GLN D 297 35.08 30.81 -35.83
N LYS D 298 35.78 29.70 -35.91
CA LYS D 298 37.25 29.69 -36.05
C LYS D 298 37.94 30.42 -34.92
N ILE D 299 37.55 30.12 -33.69
CA ILE D 299 38.19 30.64 -32.48
C ILE D 299 38.85 29.49 -31.76
N ASP D 300 40.14 29.64 -31.47
CA ASP D 300 40.89 28.54 -30.82
C ASP D 300 40.88 28.76 -29.31
N ILE D 301 40.39 27.79 -28.54
CA ILE D 301 40.28 27.83 -27.08
C ILE D 301 41.29 26.87 -26.50
N SER D 302 42.14 27.36 -25.61
CA SER D 302 43.15 26.55 -24.96
C SER D 302 43.46 27.13 -23.60
N ARG D 303 43.67 26.27 -22.62
CA ARG D 303 43.94 26.67 -21.24
C ARG D 303 45.30 26.08 -20.83
N ARG D 304 46.37 26.84 -21.09
CA ARG D 304 47.72 26.43 -20.75
C ARG D 304 48.31 27.27 -19.62
N GLY D 305 48.33 28.59 -19.78
CA GLY D 305 48.80 29.45 -18.71
C GLY D 305 47.85 29.61 -17.55
N ASN D 306 46.56 29.39 -17.78
CA ASN D 306 45.54 29.51 -16.73
C ASN D 306 45.29 28.17 -16.05
N ALA D 307 46.37 27.55 -15.55
CA ALA D 307 46.28 26.28 -14.84
C ALA D 307 46.98 26.37 -13.49
N GLY D 308 47.00 27.56 -12.90
CA GLY D 308 47.67 27.77 -11.63
C GLY D 308 46.85 27.34 -10.43
N ASP D 309 46.97 28.09 -9.34
CA ASP D 309 46.25 27.76 -8.12
C ASP D 309 44.76 28.04 -8.28
N CYS D 310 43.96 27.34 -7.47
CA CYS D 310 42.52 27.57 -7.45
C CYS D 310 42.20 28.98 -6.99
N LEU D 311 42.90 29.46 -5.95
CA LEU D 311 42.73 30.80 -5.44
C LEU D 311 44.09 31.46 -5.29
N ALA D 312 44.26 32.60 -5.94
CA ALA D 312 45.51 33.36 -5.91
C ALA D 312 45.24 34.78 -5.42
N ASN D 313 46.33 35.54 -5.24
CA ASN D 313 46.20 36.94 -4.84
C ASN D 313 45.49 37.79 -5.88
N PRO D 314 45.83 37.75 -7.19
CA PRO D 314 44.97 38.42 -8.17
C PRO D 314 43.96 37.46 -8.79
N ALA D 315 43.02 38.01 -9.56
CA ALA D 315 42.10 37.16 -10.30
C ALA D 315 42.79 36.57 -11.52
N ALA D 316 42.42 35.33 -11.86
CA ALA D 316 43.01 34.62 -12.99
C ALA D 316 41.89 34.12 -13.89
N PRO D 317 41.27 35.00 -14.67
CA PRO D 317 40.17 34.58 -15.54
C PRO D 317 40.66 34.05 -16.88
N TRP D 318 39.78 33.30 -17.54
CA TRP D 318 40.05 32.76 -18.86
C TRP D 318 39.66 33.80 -19.91
N GLY D 319 40.61 34.13 -20.79
CA GLY D 319 40.37 35.18 -21.76
C GLY D 319 39.29 34.84 -22.78
N GLN D 320 39.32 33.62 -23.31
CA GLN D 320 38.33 33.20 -24.29
C GLN D 320 37.02 32.75 -23.67
N GLY D 321 37.00 32.51 -22.35
CA GLY D 321 35.82 31.93 -21.73
C GLY D 321 34.58 32.77 -21.88
N ILE D 322 34.73 34.10 -21.83
CA ILE D 322 33.62 35.01 -22.07
C ILE D 322 32.98 34.73 -23.42
N ASP D 323 33.84 34.59 -24.45
CA ASP D 323 33.33 34.21 -25.77
C ASP D 323 32.61 32.89 -25.72
N MET D 324 33.17 31.91 -24.99
CA MET D 324 32.49 30.63 -24.79
C MET D 324 31.12 30.85 -24.17
N GLU D 325 31.04 31.70 -23.15
CA GLU D 325 29.76 32.02 -22.55
C GLU D 325 28.83 32.64 -23.59
N ARG D 326 29.37 33.57 -24.39
CA ARG D 326 28.58 34.21 -25.44
C ARG D 326 28.12 33.17 -26.45
N THR D 327 28.92 32.13 -26.67
CA THR D 327 28.52 31.09 -27.61
C THR D 327 27.53 30.13 -26.97
N LEU D 328 27.61 29.93 -25.64
CA LEU D 328 26.85 28.86 -25.02
C LEU D 328 25.39 29.24 -24.75
N LYS D 329 25.04 30.53 -24.83
CA LYS D 329 23.67 30.97 -24.64
C LYS D 329 22.95 31.20 -25.96
N GLN D 330 23.54 30.80 -27.09
CA GLN D 330 22.94 31.05 -28.40
C GLN D 330 22.70 29.76 -29.17
N VAL D 331 22.11 28.77 -28.52
CA VAL D 331 21.90 27.46 -29.11
C VAL D 331 20.46 27.33 -29.58
N ARG D 332 20.24 26.46 -30.56
CA ARG D 332 18.91 26.22 -31.12
C ARG D 332 18.70 24.72 -31.33
N ILE D 333 19.02 23.91 -30.32
CA ILE D 333 18.90 22.47 -30.44
C ILE D 333 17.51 22.03 -30.03
N GLN D 334 17.15 20.81 -30.43
CA GLN D 334 15.88 20.18 -30.06
C GLN D 334 16.20 18.85 -29.38
N GLY D 335 16.04 18.81 -28.07
CA GLY D 335 16.30 17.60 -27.32
C GLY D 335 15.05 17.01 -26.69
N LEU D 336 15.25 16.17 -25.67
CA LEU D 336 14.15 15.44 -25.05
C LEU D 336 13.13 16.40 -24.43
N THR D 337 13.61 17.48 -23.82
CA THR D 337 12.74 18.47 -23.22
C THR D 337 12.20 19.48 -24.24
N GLY D 338 12.30 19.18 -25.53
CA GLY D 338 11.79 20.08 -26.54
C GLY D 338 12.85 21.02 -27.09
N ASN D 339 12.46 22.20 -27.51
CA ASN D 339 13.41 23.17 -28.02
C ASN D 339 14.19 23.78 -26.87
N VAL D 340 15.51 23.65 -26.90
CA VAL D 340 16.39 24.17 -25.84
C VAL D 340 16.90 25.52 -26.30
N GLN D 341 16.53 26.57 -25.57
CA GLN D 341 16.93 27.93 -25.89
C GLN D 341 17.15 28.70 -24.59
N PHE D 342 18.01 29.71 -24.65
CA PHE D 342 18.38 30.48 -23.47
C PHE D 342 18.32 31.96 -23.78
N ASP D 343 18.39 32.77 -22.74
CA ASP D 343 18.39 34.22 -22.82
C ASP D 343 19.71 34.76 -22.26
N HIS D 344 19.77 36.08 -22.07
CA HIS D 344 20.97 36.71 -21.54
C HIS D 344 21.29 36.21 -20.13
N TYR D 345 20.26 36.06 -19.28
CA TYR D 345 20.49 35.59 -17.92
C TYR D 345 20.81 34.10 -17.89
N GLY D 346 20.09 33.31 -18.67
CA GLY D 346 20.32 31.87 -18.71
C GLY D 346 19.07 31.04 -18.55
N ARG D 347 17.97 31.68 -18.23
CA ARG D 347 16.81 30.79 -18.02
C ARG D 347 16.44 30.25 -19.40
N ARG D 348 15.50 29.34 -19.45
CA ARG D 348 15.00 28.70 -20.67
C ARG D 348 13.73 29.37 -21.14
N VAL D 349 13.66 29.62 -22.45
CA VAL D 349 12.48 30.19 -23.09
C VAL D 349 11.86 29.11 -23.97
N ASN D 350 10.71 29.44 -24.59
CA ASN D 350 9.89 28.62 -25.49
C ASN D 350 9.97 27.12 -25.20
N TYR D 351 9.63 26.73 -23.98
CA TYR D 351 9.61 25.33 -23.57
C TYR D 351 8.17 24.86 -23.40
N THR D 352 7.88 23.67 -23.92
CA THR D 352 6.54 23.11 -23.90
C THR D 352 6.41 22.11 -22.77
N MET D 353 5.40 22.31 -21.92
CA MET D 353 5.10 21.40 -20.81
C MET D 353 3.71 20.82 -21.00
N ASP D 354 3.49 19.60 -20.52
CA ASP D 354 2.24 18.90 -20.71
C ASP D 354 1.55 18.70 -19.36
N VAL D 355 0.26 19.05 -19.29
CA VAL D 355 -0.51 18.86 -18.07
C VAL D 355 -1.22 17.50 -18.15
N PHE D 356 -0.97 16.66 -17.16
CA PHE D 356 -1.56 15.33 -17.10
C PHE D 356 -2.53 15.22 -15.94
N GLU D 357 -3.68 14.60 -16.18
CA GLU D 357 -4.67 14.34 -15.15
C GLU D 357 -4.86 12.84 -15.01
N LEU D 358 -4.81 12.35 -13.78
CA LEU D 358 -4.91 10.93 -13.51
C LEU D 358 -6.37 10.52 -13.35
N LYS D 359 -6.79 9.54 -14.14
CA LYS D 359 -8.19 9.09 -14.13
C LYS D 359 -8.25 7.57 -14.09
N SER D 360 -9.44 7.01 -14.33
CA SER D 360 -9.64 5.57 -14.20
C SER D 360 -8.82 4.79 -15.22
N THR D 361 -8.69 5.32 -16.43
CA THR D 361 -7.90 4.67 -17.48
C THR D 361 -6.42 5.02 -17.40
N GLY D 362 -6.01 5.86 -16.46
CA GLY D 362 -4.64 6.27 -16.33
C GLY D 362 -4.45 7.73 -16.68
N PRO D 363 -3.21 8.21 -16.58
CA PRO D 363 -2.94 9.61 -16.93
C PRO D 363 -3.07 9.84 -18.42
N ARG D 364 -3.53 11.04 -18.77
CA ARG D 364 -3.69 11.41 -20.18
C ARG D 364 -3.55 12.92 -20.32
N LYS D 365 -3.22 13.35 -21.53
CA LYS D 365 -2.98 14.76 -21.80
C LYS D 365 -4.27 15.56 -21.71
N VAL D 366 -4.19 16.73 -21.08
CA VAL D 366 -5.33 17.64 -20.98
C VAL D 366 -5.00 18.92 -21.72
N GLY D 367 -3.73 19.29 -21.74
CA GLY D 367 -3.32 20.51 -22.41
C GLY D 367 -1.83 20.72 -22.29
N TYR D 368 -1.38 21.83 -22.87
CA TYR D 368 0.03 22.17 -22.88
C TYR D 368 0.23 23.62 -22.49
N TRP D 369 1.36 23.89 -21.83
CA TRP D 369 1.73 25.21 -21.35
C TRP D 369 3.03 25.64 -22.01
N ASN D 370 3.01 26.84 -22.60
CA ASN D 370 4.16 27.51 -23.15
C ASN D 370 4.33 28.86 -22.47
N ASP D 371 5.43 29.55 -22.78
CA ASP D 371 5.67 30.87 -22.23
C ASP D 371 5.16 32.01 -23.11
N MET D 372 4.52 31.70 -24.24
CA MET D 372 3.87 32.70 -25.07
C MET D 372 2.36 32.54 -25.10
N ASP D 373 1.88 31.32 -25.32
CA ASP D 373 0.45 31.05 -25.40
C ASP D 373 -0.17 30.67 -24.06
N LYS D 374 0.63 30.61 -22.99
CA LYS D 374 0.21 30.23 -21.63
C LYS D 374 -0.38 28.82 -21.70
N LEU D 375 -1.46 28.54 -20.96
CA LEU D 375 -2.04 27.21 -20.91
C LEU D 375 -3.14 27.10 -21.97
N VAL D 376 -3.02 26.09 -22.84
CA VAL D 376 -4.02 25.80 -23.86
C VAL D 376 -4.44 24.35 -23.68
N LEU D 377 -5.73 24.14 -23.46
CA LEU D 377 -6.27 22.80 -23.19
C LEU D 377 -6.83 22.20 -24.46
N ILE D 378 -6.58 20.92 -24.66
CA ILE D 378 -7.09 20.19 -25.82
C ILE D 378 -8.42 19.52 -25.48
N GLU E 1 22.48 72.97 16.51
CA GLU E 1 23.53 73.81 17.05
C GLU E 1 23.28 74.11 18.52
N VAL E 2 24.24 73.70 19.37
CA VAL E 2 24.10 73.95 20.81
C VAL E 2 24.38 75.42 21.10
N LYS E 3 23.88 75.87 22.26
CA LYS E 3 24.00 77.26 22.69
C LYS E 3 24.79 77.31 24.00
N LEU E 4 25.81 78.15 24.02
CA LEU E 4 26.64 78.35 25.21
C LEU E 4 26.66 79.83 25.57
N LEU E 5 26.41 80.13 26.83
CA LEU E 5 26.36 81.50 27.33
C LEU E 5 27.49 81.72 28.32
N GLU E 6 28.27 82.79 28.11
CA GLU E 6 29.37 83.13 29.02
C GLU E 6 29.48 84.65 29.03
N SER E 7 28.85 85.27 30.03
CA SER E 7 28.85 86.73 30.15
C SER E 7 29.13 87.10 31.60
N GLY E 8 29.67 88.30 31.79
CA GLY E 8 29.98 88.79 33.12
C GLY E 8 31.46 89.00 33.35
N GLY E 9 32.20 89.25 32.28
CA GLY E 9 33.63 89.49 32.37
C GLY E 9 33.95 90.84 32.96
N GLY E 10 34.50 90.85 34.18
CA GLY E 10 34.82 92.10 34.86
C GLY E 10 36.02 91.94 35.77
N LEU E 11 36.44 93.06 36.33
CA LEU E 11 37.59 93.07 37.23
C LEU E 11 37.23 92.42 38.56
N VAL E 12 38.27 91.93 39.26
CA VAL E 12 38.12 91.27 40.54
C VAL E 12 39.16 91.83 41.51
N GLN E 13 38.98 91.51 42.79
CA GLN E 13 39.90 91.96 43.81
C GLN E 13 41.22 91.20 43.72
N PRO E 14 42.30 91.75 44.28
CA PRO E 14 43.60 91.08 44.24
C PRO E 14 43.65 89.95 45.26
N GLY E 15 43.82 88.73 44.76
CA GLY E 15 43.89 87.56 45.60
C GLY E 15 42.56 86.94 45.99
N GLY E 16 41.44 87.57 45.59
CA GLY E 16 40.15 87.01 45.93
C GLY E 16 39.77 85.83 45.04
N SER E 17 38.79 85.07 45.52
CA SER E 17 38.30 83.91 44.79
C SER E 17 37.31 84.38 43.73
N LEU E 18 37.69 84.26 42.46
CA LEU E 18 36.87 84.69 41.34
C LEU E 18 36.20 83.48 40.69
N LYS E 19 34.94 83.66 40.29
CA LYS E 19 34.17 82.59 39.67
C LYS E 19 33.58 83.10 38.37
N LEU E 20 33.64 82.26 37.33
CA LEU E 20 33.06 82.55 36.03
C LEU E 20 31.95 81.56 35.76
N SER E 21 30.75 82.07 35.47
CA SER E 21 29.58 81.24 35.25
C SER E 21 29.42 80.98 33.74
N CYS E 22 29.37 79.71 33.37
CA CYS E 22 29.16 79.30 31.99
C CYS E 22 27.96 78.39 31.91
N ALA E 23 27.02 78.71 31.04
CA ALA E 23 25.77 77.96 30.91
C ALA E 23 25.72 77.26 29.57
N ALA E 24 25.29 76.00 29.59
CA ALA E 24 25.05 75.22 28.36
C ALA E 24 23.54 75.18 28.14
N SER E 25 23.04 76.21 27.46
CA SER E 25 21.60 76.36 27.29
C SER E 25 21.08 75.44 26.22
N GLY E 26 19.93 74.82 26.49
CA GLY E 26 19.32 73.91 25.54
C GLY E 26 19.96 72.54 25.46
N PHE E 27 20.90 72.24 26.35
CA PHE E 27 21.58 70.95 26.34
C PHE E 27 22.06 70.66 27.76
N ASP E 28 22.85 69.59 27.90
CA ASP E 28 23.38 69.19 29.19
C ASP E 28 24.77 68.60 28.99
N PHE E 29 25.52 68.53 30.08
CA PHE E 29 26.85 67.94 30.05
C PHE E 29 26.83 66.42 30.02
N SER E 30 25.65 65.80 30.15
CA SER E 30 25.56 64.35 30.09
C SER E 30 25.93 63.82 28.71
N GLU E 31 25.46 64.48 27.65
CA GLU E 31 25.76 64.01 26.29
C GLU E 31 27.20 64.31 25.91
N TYR E 32 27.68 65.51 26.21
CA TYR E 32 29.03 65.93 25.84
C TYR E 32 29.71 66.59 27.02
N TRP E 33 30.98 66.23 27.24
CA TRP E 33 31.74 66.79 28.34
C TRP E 33 32.11 68.24 28.05
N MET E 34 32.18 69.04 29.12
CA MET E 34 32.54 70.45 29.02
C MET E 34 33.98 70.66 29.44
N SER E 35 34.71 71.47 28.68
CA SER E 35 36.11 71.75 28.96
C SER E 35 36.36 73.25 28.91
N TRP E 36 37.13 73.75 29.87
CA TRP E 36 37.46 75.16 29.95
C TRP E 36 38.91 75.36 29.50
N VAL E 37 39.13 76.44 28.75
CA VAL E 37 40.44 76.76 28.19
C VAL E 37 40.81 78.19 28.61
N ARG E 38 42.06 78.38 29.02
CA ARG E 38 42.57 79.67 29.45
C ARG E 38 43.47 80.24 28.36
N GLN E 39 43.17 81.45 27.93
CA GLN E 39 43.95 82.15 26.91
C GLN E 39 44.28 83.54 27.41
N ALA E 40 45.48 84.01 27.07
CA ALA E 40 45.96 85.33 27.44
C ALA E 40 45.90 86.28 26.26
N PRO E 41 46.06 87.58 26.50
CA PRO E 41 46.03 88.55 25.39
C PRO E 41 47.29 88.41 24.54
N GLY E 42 47.10 88.16 23.25
CA GLY E 42 48.21 87.95 22.34
C GLY E 42 49.00 86.69 22.63
N LYS E 43 48.33 85.61 23.00
CA LYS E 43 49.00 84.36 23.31
C LYS E 43 48.07 83.20 22.95
N GLY E 44 48.66 82.02 22.78
CA GLY E 44 47.88 80.85 22.44
C GLY E 44 47.03 80.37 23.60
N LEU E 45 45.95 79.69 23.27
CA LEU E 45 45.02 79.18 24.28
C LEU E 45 45.56 77.90 24.91
N GLU E 46 45.38 77.77 26.21
CA GLU E 46 45.78 76.58 26.96
C GLU E 46 44.57 76.02 27.70
N TRP E 47 44.50 74.69 27.76
CA TRP E 47 43.37 74.02 28.39
C TRP E 47 43.40 74.23 29.90
N ILE E 48 42.42 74.98 30.41
CA ILE E 48 42.34 75.22 31.84
C ILE E 48 41.79 74.02 32.61
N GLY E 49 41.15 73.09 31.92
CA GLY E 49 40.63 71.90 32.56
C GLY E 49 39.59 71.23 31.72
N GLU E 50 39.27 69.99 32.09
CA GLU E 50 38.28 69.20 31.39
C GLU E 50 37.41 68.47 32.40
N ILE E 51 36.22 68.07 31.95
CA ILE E 51 35.27 67.32 32.76
C ILE E 51 34.90 66.04 32.03
N ASN E 52 34.05 65.24 32.65
CA ASN E 52 33.58 63.99 32.08
C ASN E 52 32.12 64.10 31.65
N PRO E 53 31.68 63.27 30.70
CA PRO E 53 30.26 63.29 30.34
C PRO E 53 29.35 62.88 31.48
N ASP E 54 29.76 61.93 32.31
CA ASP E 54 28.97 61.46 33.43
C ASP E 54 29.21 62.28 34.70
N SER E 55 30.02 63.35 34.60
CA SER E 55 30.38 64.22 35.74
C SER E 55 31.01 63.42 36.87
N SER E 56 31.91 62.50 36.50
CA SER E 56 32.61 61.65 37.47
C SER E 56 34.01 62.15 37.79
N SER E 57 34.84 62.33 36.77
CA SER E 57 36.21 62.77 36.94
C SER E 57 36.43 64.06 36.16
N ILE E 58 37.04 65.05 36.80
CA ILE E 58 37.28 66.35 36.20
C ILE E 58 38.79 66.59 36.15
N ASP E 59 39.27 66.97 34.97
CA ASP E 59 40.69 67.26 34.78
C ASP E 59 40.98 68.72 35.11
N TYR E 60 42.27 69.06 35.13
CA TYR E 60 42.69 70.41 35.47
C TYR E 60 43.64 70.96 34.40
N THR E 61 44.17 72.16 34.65
CA THR E 61 45.06 72.80 33.70
C THR E 61 46.44 72.13 33.71
N PRO E 62 47.19 72.25 32.61
CA PRO E 62 48.56 71.71 32.61
C PRO E 62 49.57 72.67 33.22
N SER E 63 49.28 73.96 33.29
CA SER E 63 50.19 74.94 33.87
C SER E 63 49.90 75.15 35.36
N LEU E 64 48.68 75.55 35.69
CA LEU E 64 48.25 75.79 37.06
C LEU E 64 47.05 74.89 37.35
N LYS E 65 47.32 73.70 37.86
CA LYS E 65 46.26 72.73 38.10
C LYS E 65 45.60 72.96 39.46
N ASP E 66 46.40 72.96 40.52
CA ASP E 66 45.87 73.10 41.88
C ASP E 66 45.38 74.51 42.19
N LYS E 67 45.73 75.50 41.37
CA LYS E 67 45.33 76.88 41.65
C LYS E 67 43.88 77.16 41.30
N ILE E 68 43.24 76.32 40.49
CA ILE E 68 41.87 76.53 40.05
C ILE E 68 41.12 75.22 40.08
N ILE E 69 39.87 75.26 40.56
CA ILE E 69 38.99 74.10 40.59
C ILE E 69 37.67 74.49 39.96
N ILE E 70 37.18 73.68 39.02
CA ILE E 70 35.96 73.94 38.29
C ILE E 70 34.92 72.89 38.65
N SER E 71 33.74 73.35 39.07
CA SER E 71 32.63 72.46 39.39
C SER E 71 31.50 72.72 38.41
N ARG E 72 30.98 71.64 37.81
CA ARG E 72 29.93 71.74 36.81
C ARG E 72 28.78 70.81 37.17
N ASP E 73 27.57 71.26 36.86
CA ASP E 73 26.35 70.48 37.07
C ASP E 73 25.72 70.22 35.71
N ASN E 74 25.57 68.93 35.38
CA ASN E 74 24.99 68.55 34.09
C ASN E 74 23.48 68.77 34.07
N ALA E 75 22.80 68.42 35.16
CA ALA E 75 21.35 68.63 35.23
C ALA E 75 21.01 70.11 35.19
N LYS E 76 21.75 70.93 35.94
CA LYS E 76 21.61 72.38 35.84
C LYS E 76 22.36 72.94 34.64
N LYS E 77 23.29 72.16 34.07
CA LYS E 77 24.08 72.57 32.91
C LYS E 77 24.82 73.88 33.15
N THR E 78 25.40 74.03 34.33
CA THR E 78 26.08 75.26 34.71
C THR E 78 27.44 74.93 35.31
N LEU E 79 28.47 75.67 34.89
CA LEU E 79 29.83 75.45 35.35
C LEU E 79 30.40 76.72 35.95
N TYR E 80 31.09 76.56 37.09
CA TYR E 80 31.73 77.67 37.77
C TYR E 80 33.14 77.25 38.16
N LEU E 81 34.13 78.07 37.80
CA LEU E 81 35.53 77.78 38.09
C LEU E 81 36.03 78.80 39.11
N GLN E 82 36.33 78.31 40.31
CA GLN E 82 36.90 79.13 41.38
C GLN E 82 38.41 78.97 41.40
N LEU E 83 39.08 79.93 42.03
CA LEU E 83 40.53 79.93 42.09
C LEU E 83 40.99 80.52 43.42
N SER E 84 42.22 80.20 43.79
CA SER E 84 42.83 80.70 45.01
C SER E 84 44.21 81.26 44.69
N LYS E 85 44.59 82.30 45.43
CA LYS E 85 45.84 83.03 45.24
C LYS E 85 45.98 83.53 43.79
N VAL E 86 44.97 84.29 43.37
CA VAL E 86 44.92 84.82 42.01
C VAL E 86 45.86 86.02 41.90
N ARG E 87 46.73 85.99 40.91
CA ARG E 87 47.68 87.06 40.66
C ARG E 87 47.32 87.77 39.35
N SER E 88 48.18 88.72 38.96
CA SER E 88 47.96 89.44 37.71
C SER E 88 48.11 88.51 36.51
N GLU E 89 49.09 87.62 36.53
CA GLU E 89 49.27 86.67 35.44
C GLU E 89 48.21 85.57 35.47
N ASP E 90 47.69 85.25 36.65
CA ASP E 90 46.66 84.22 36.79
C ASP E 90 45.29 84.69 36.33
N THR E 91 45.10 86.00 36.12
CA THR E 91 43.82 86.53 35.66
C THR E 91 43.77 86.50 34.13
N ALA E 92 43.67 85.28 33.61
CA ALA E 92 43.59 85.06 32.17
C ALA E 92 42.14 84.85 31.74
N LEU E 93 41.91 84.93 30.43
CA LEU E 93 40.58 84.78 29.87
C LEU E 93 40.20 83.31 29.86
N TYR E 94 39.27 82.91 30.71
CA TYR E 94 38.82 81.53 30.80
C TYR E 94 37.51 81.40 30.03
N TYR E 95 37.48 80.50 29.05
CA TYR E 95 36.30 80.29 28.21
C TYR E 95 35.92 78.82 28.21
N CYS E 96 34.65 78.54 28.43
CA CYS E 96 34.16 77.18 28.38
C CYS E 96 33.92 76.76 26.92
N ALA E 97 33.80 75.45 26.73
CA ALA E 97 33.54 74.89 25.40
C ALA E 97 32.96 73.50 25.54
N ARG E 98 31.98 73.19 24.70
CA ARG E 98 31.41 71.86 24.63
C ARG E 98 32.38 70.91 23.93
N PRO E 99 32.17 69.60 24.07
CA PRO E 99 33.09 68.64 23.42
C PRO E 99 32.97 68.69 21.91
N ARG E 100 34.11 68.78 21.24
CA ARG E 100 34.13 68.82 19.78
C ARG E 100 33.91 67.45 19.15
N GLY E 101 34.11 66.37 19.92
CA GLY E 101 33.94 65.03 19.38
C GLY E 101 32.52 64.54 19.33
N ASN E 102 31.61 65.19 20.07
CA ASN E 102 30.21 64.78 20.05
C ASN E 102 29.58 65.05 18.69
N TYR E 103 29.72 66.27 18.18
CA TYR E 103 29.20 66.64 16.88
C TYR E 103 29.88 67.94 16.43
N VAL E 104 29.82 68.19 15.14
CA VAL E 104 30.32 69.46 14.61
C VAL E 104 29.45 70.61 15.09
N VAL E 105 28.13 70.41 15.12
CA VAL E 105 27.24 71.41 15.71
C VAL E 105 27.46 71.51 17.20
N MET E 106 27.74 70.38 17.85
CA MET E 106 28.09 70.38 19.27
C MET E 106 29.48 70.91 19.54
N ASP E 107 30.29 71.12 18.49
CA ASP E 107 31.61 71.70 18.65
C ASP E 107 31.53 73.22 18.69
N TYR E 108 30.71 73.76 19.57
CA TYR E 108 30.51 75.20 19.71
C TYR E 108 31.08 75.63 21.06
N TRP E 109 32.15 76.41 21.02
CA TRP E 109 32.76 76.92 22.24
C TRP E 109 31.87 78.02 22.84
N GLY E 110 32.16 78.34 24.10
CA GLY E 110 31.42 79.38 24.78
C GLY E 110 31.74 80.76 24.27
N GLN E 111 30.97 81.74 24.76
CA GLN E 111 31.19 83.12 24.36
C GLN E 111 32.55 83.63 24.85
N GLY E 112 32.94 83.25 26.06
CA GLY E 112 34.23 83.64 26.59
C GLY E 112 34.20 84.98 27.29
N THR E 113 34.94 85.08 28.41
CA THR E 113 35.00 86.32 29.17
C THR E 113 36.39 86.47 29.75
N SER E 114 36.89 87.70 29.77
CA SER E 114 38.21 88.01 30.31
C SER E 114 38.06 88.84 31.58
N VAL E 115 39.02 88.68 32.49
CA VAL E 115 39.02 89.38 33.77
C VAL E 115 40.38 90.03 33.98
N THR E 116 40.38 91.09 34.79
CA THR E 116 41.59 91.83 35.13
C THR E 116 41.60 92.04 36.64
N VAL E 117 42.19 91.10 37.37
CA VAL E 117 42.24 91.18 38.83
C VAL E 117 43.59 91.74 39.27
N ASN E 135 50.44 70.19 24.99
CA ASN E 135 50.01 71.17 23.99
C ASN E 135 50.32 70.70 22.58
N ILE E 136 49.98 71.53 21.60
CA ILE E 136 50.22 71.25 20.19
C ILE E 136 51.16 72.31 19.63
N VAL E 137 52.25 71.86 19.01
CA VAL E 137 53.26 72.75 18.45
C VAL E 137 53.10 72.71 16.94
N LEU E 138 52.55 73.80 16.37
CA LEU E 138 52.36 73.91 14.94
C LEU E 138 52.64 75.34 14.52
N THR E 139 53.12 75.51 13.28
CA THR E 139 53.42 76.82 12.71
C THR E 139 52.56 77.03 11.48
N GLN E 140 51.66 77.99 11.55
CA GLN E 140 50.70 78.25 10.47
C GLN E 140 51.15 79.44 9.63
N SER E 141 51.06 79.29 8.31
CA SER E 141 51.44 80.31 7.35
C SER E 141 50.38 80.38 6.26
N PRO E 142 50.20 81.55 5.63
CA PRO E 142 50.85 82.85 5.88
C PRO E 142 50.23 83.57 7.08
N ALA E 143 51.03 84.31 7.84
CA ALA E 143 50.52 84.98 9.04
C ALA E 143 49.50 86.07 8.69
N SER E 144 49.76 86.81 7.62
CA SER E 144 48.88 87.89 7.18
C SER E 144 48.23 87.52 5.86
N LEU E 145 46.90 87.57 5.83
CA LEU E 145 46.14 87.26 4.63
C LEU E 145 45.03 88.29 4.47
N ALA E 146 44.82 88.74 3.23
CA ALA E 146 43.77 89.71 2.93
C ALA E 146 43.40 89.57 1.46
N VAL E 147 42.18 89.10 1.19
CA VAL E 147 41.70 88.92 -0.16
C VAL E 147 40.29 89.48 -0.27
N SER E 148 39.90 89.80 -1.50
CA SER E 148 38.56 90.30 -1.77
C SER E 148 37.54 89.16 -1.73
N LEU E 149 36.26 89.54 -1.71
CA LEU E 149 35.19 88.56 -1.71
C LEU E 149 35.16 87.81 -3.03
N GLY E 150 35.08 86.48 -2.96
CA GLY E 150 35.09 85.66 -4.14
C GLY E 150 36.42 85.01 -4.45
N GLN E 151 37.41 85.12 -3.58
CA GLN E 151 38.75 84.57 -3.81
C GLN E 151 38.97 83.32 -2.96
N ARG E 152 39.93 82.51 -3.41
CA ARG E 152 40.31 81.28 -2.73
C ARG E 152 41.72 81.42 -2.20
N ALA E 153 41.94 81.00 -0.96
CA ALA E 153 43.25 81.12 -0.32
C ALA E 153 43.61 79.82 0.37
N THR E 154 44.87 79.44 0.28
CA THR E 154 45.38 78.20 0.89
C THR E 154 46.30 78.54 2.05
N ILE E 155 46.04 77.94 3.21
CA ILE E 155 46.82 78.15 4.41
C ILE E 155 47.39 76.81 4.86
N SER E 156 48.69 76.78 5.14
CA SER E 156 49.38 75.54 5.49
C SER E 156 49.98 75.68 6.89
N CYS E 157 49.75 74.68 7.73
CA CYS E 157 50.28 74.64 9.09
C CYS E 157 51.19 73.44 9.22
N ARG E 158 52.49 73.68 9.35
CA ARG E 158 53.46 72.61 9.54
C ARG E 158 53.46 72.14 10.98
N ALA E 159 53.66 70.84 11.17
CA ALA E 159 53.68 70.23 12.49
C ALA E 159 54.81 69.22 12.55
N SER E 160 55.28 68.96 13.78
CA SER E 160 56.38 68.02 13.99
C SER E 160 55.91 66.59 14.25
N GLU E 161 54.65 66.41 14.63
CA GLU E 161 54.12 65.08 14.91
C GLU E 161 53.63 64.44 13.61
N SER E 162 52.93 63.32 13.74
CA SER E 162 52.40 62.63 12.57
C SER E 162 51.28 63.44 11.92
N VAL E 163 51.21 63.34 10.59
CA VAL E 163 50.18 64.06 9.85
C VAL E 163 48.80 63.52 10.17
N ASP E 164 48.67 62.21 10.38
CA ASP E 164 47.40 61.59 10.68
C ASP E 164 47.58 60.62 11.84
N SER E 165 46.67 60.70 12.82
CA SER E 165 46.69 59.83 13.99
C SER E 165 45.58 58.80 13.87
N TYR E 166 45.95 57.52 13.99
CA TYR E 166 45.03 56.38 13.85
C TYR E 166 44.33 56.40 12.49
N GLY E 167 45.13 56.46 11.42
CA GLY E 167 44.61 56.42 10.07
C GLY E 167 44.17 57.78 9.54
N SER E 168 43.03 58.27 10.03
CA SER E 168 42.54 59.57 9.59
C SER E 168 43.34 60.69 10.24
N SER E 169 43.20 61.89 9.69
CA SER E 169 43.89 63.05 10.23
C SER E 169 43.27 63.47 11.55
N PHE E 170 44.11 64.05 12.42
CA PHE E 170 43.70 64.51 13.75
C PHE E 170 44.20 65.92 14.00
N VAL E 171 43.98 66.80 13.03
CA VAL E 171 44.37 68.20 13.13
C VAL E 171 43.14 69.06 12.89
N HIS E 172 43.00 70.12 13.68
CA HIS E 172 41.84 71.00 13.61
C HIS E 172 42.28 72.44 13.41
N TRP E 173 41.41 73.24 12.82
CA TRP E 173 41.63 74.67 12.62
C TRP E 173 40.39 75.41 13.10
N TYR E 174 40.59 76.36 14.01
CA TYR E 174 39.50 77.13 14.59
C TYR E 174 39.73 78.61 14.31
N GLN E 175 38.73 79.27 13.75
CA GLN E 175 38.82 80.68 13.38
C GLN E 175 38.19 81.51 14.49
N GLN E 176 39.02 82.22 15.24
CA GLN E 176 38.58 83.10 16.31
C GLN E 176 38.89 84.55 15.96
N LYS E 177 38.01 85.45 16.36
CA LYS E 177 38.17 86.87 16.11
C LYS E 177 38.35 87.63 17.41
N PRO E 178 38.99 88.80 17.37
CA PRO E 178 39.19 89.58 18.60
C PRO E 178 37.86 90.18 19.07
N GLY E 179 37.45 89.79 20.28
CA GLY E 179 36.19 90.24 20.82
C GLY E 179 34.98 89.45 20.37
N GLN E 180 35.18 88.35 19.67
CA GLN E 180 34.10 87.50 19.17
C GLN E 180 34.32 86.07 19.63
N PRO E 181 33.25 85.27 19.68
CA PRO E 181 33.39 83.89 20.14
C PRO E 181 34.12 83.04 19.12
N PRO E 182 35.03 82.16 19.58
CA PRO E 182 35.75 81.30 18.64
C PRO E 182 34.84 80.25 18.02
N LYS E 183 35.17 79.87 16.79
CA LYS E 183 34.45 78.83 16.07
C LYS E 183 35.44 77.89 15.41
N LEU E 184 35.19 76.58 15.53
CA LEU E 184 36.07 75.57 14.95
C LEU E 184 35.69 75.39 13.48
N LEU E 185 36.54 75.88 12.58
CA LEU E 185 36.24 75.82 11.16
C LEU E 185 36.32 74.38 10.62
N ILE E 186 37.38 73.67 10.96
CA ILE E 186 37.60 72.31 10.47
C ILE E 186 38.08 71.44 11.63
N PHE E 187 37.60 70.20 11.68
CA PHE E 187 37.99 69.25 12.72
C PHE E 187 38.39 67.94 12.08
N LEU E 188 39.63 67.51 12.36
CA LEU E 188 40.17 66.21 11.97
C LEU E 188 40.21 65.99 10.46
N ALA E 189 40.12 67.06 9.68
CA ALA E 189 40.17 67.05 8.21
C ALA E 189 39.11 66.16 7.58
N SER E 190 38.06 65.81 8.32
CA SER E 190 36.97 65.01 7.78
C SER E 190 35.59 65.52 8.18
N LYS E 191 35.48 66.42 9.16
CA LYS E 191 34.21 66.98 9.57
C LYS E 191 34.40 68.47 9.79
N LEU E 192 33.90 69.29 8.87
CA LEU E 192 34.06 70.73 8.95
C LEU E 192 33.01 71.30 9.91
N GLU E 193 32.89 72.62 9.94
CA GLU E 193 31.94 73.27 10.84
C GLU E 193 30.51 73.06 10.35
N SER E 194 29.64 72.62 11.27
CA SER E 194 28.24 72.45 10.94
C SER E 194 27.52 73.80 10.97
N GLY E 195 26.32 73.82 10.38
CA GLY E 195 25.57 75.05 10.27
C GLY E 195 26.06 75.93 9.14
N VAL E 196 27.29 76.42 9.25
CA VAL E 196 27.92 77.19 8.19
C VAL E 196 29.10 76.38 7.68
N PRO E 197 28.96 75.66 6.57
CA PRO E 197 30.05 74.81 6.08
C PRO E 197 31.15 75.63 5.41
N ALA E 198 32.27 75.77 6.10
CA ALA E 198 33.42 76.47 5.55
C ALA E 198 34.12 75.62 4.51
N ARG E 199 34.50 76.25 3.39
CA ARG E 199 35.20 75.53 2.33
C ARG E 199 36.61 75.13 2.73
N PHE E 200 37.21 75.82 3.70
CA PHE E 200 38.56 75.50 4.15
C PHE E 200 38.53 74.26 5.03
N SER E 201 39.16 73.18 4.55
CA SER E 201 39.22 71.93 5.29
C SER E 201 40.46 71.17 4.86
N GLY E 202 40.93 70.29 5.75
CA GLY E 202 42.10 69.49 5.44
C GLY E 202 41.78 68.43 4.39
N SER E 203 42.74 68.23 3.49
CA SER E 203 42.57 67.27 2.41
C SER E 203 43.94 66.73 1.99
N GLY E 204 43.91 65.58 1.33
CA GLY E 204 45.14 64.96 0.87
C GLY E 204 45.93 64.34 2.00
N SER E 205 47.20 64.03 1.68
CA SER E 205 48.11 63.51 2.70
C SER E 205 48.36 64.53 3.79
N ARG E 206 48.56 65.79 3.41
CA ARG E 206 48.68 66.93 4.33
C ARG E 206 49.82 66.74 5.34
N THR E 207 51.04 66.70 4.81
CA THR E 207 52.21 66.75 5.68
C THR E 207 52.20 68.03 6.51
N ASP E 208 51.85 69.15 5.88
CA ASP E 208 51.39 70.33 6.57
C ASP E 208 49.88 70.43 6.35
N PHE E 209 49.15 70.65 7.45
CA PHE E 209 47.69 70.74 7.37
C PHE E 209 47.27 71.92 6.49
N THR E 210 46.66 71.62 5.35
CA THR E 210 46.34 72.62 4.35
C THR E 210 44.83 72.83 4.28
N LEU E 211 44.41 74.09 4.28
CA LEU E 211 43.00 74.46 4.18
C LEU E 211 42.85 75.44 3.03
N THR E 212 41.96 75.12 2.09
CA THR E 212 41.70 75.96 0.92
C THR E 212 40.29 76.53 1.06
N ILE E 213 40.21 77.84 1.31
CA ILE E 213 38.95 78.54 1.49
C ILE E 213 38.51 79.15 0.16
N ASP E 214 37.27 78.86 -0.22
CA ASP E 214 36.70 79.37 -1.47
C ASP E 214 35.19 79.45 -1.29
N PRO E 215 34.63 80.65 -1.08
CA PRO E 215 35.31 81.95 -1.04
C PRO E 215 35.36 82.54 0.37
N VAL E 216 36.12 83.61 0.56
CA VAL E 216 36.17 84.32 1.84
C VAL E 216 35.10 85.39 1.84
N GLU E 217 34.76 85.88 3.04
CA GLU E 217 33.74 86.89 3.21
C GLU E 217 34.20 87.90 4.25
N ALA E 218 33.39 88.94 4.45
CA ALA E 218 33.71 89.96 5.44
C ALA E 218 33.64 89.40 6.86
N ASP E 219 32.71 88.49 7.11
CA ASP E 219 32.58 87.86 8.43
C ASP E 219 33.70 86.87 8.72
N ASP E 220 34.49 86.50 7.71
CA ASP E 220 35.59 85.55 7.89
C ASP E 220 36.92 86.25 8.17
N ALA E 221 36.88 87.49 8.64
CA ALA E 221 38.10 88.24 8.97
C ALA E 221 38.47 87.91 10.41
N ALA E 222 39.31 86.89 10.58
CA ALA E 222 39.68 86.39 11.90
C ALA E 222 41.00 85.65 11.79
N THR E 223 41.51 85.21 12.93
CA THR E 223 42.73 84.41 12.99
C THR E 223 42.33 82.94 13.14
N TYR E 224 42.71 82.12 12.18
CA TYR E 224 42.48 80.68 12.24
C TYR E 224 43.72 80.04 12.85
N TYR E 225 43.58 79.52 14.07
CA TYR E 225 44.65 78.83 14.76
C TYR E 225 44.52 77.34 14.51
N CYS E 226 45.64 76.70 14.19
CA CYS E 226 45.69 75.27 13.92
C CYS E 226 46.15 74.54 15.17
N GLN E 227 45.25 73.78 15.77
CA GLN E 227 45.55 72.96 16.93
C GLN E 227 45.64 71.50 16.48
N GLN E 228 46.78 70.87 16.74
CA GLN E 228 47.02 69.49 16.35
C GLN E 228 46.49 68.59 17.47
N THR E 229 45.30 68.03 17.26
CA THR E 229 44.72 67.12 18.24
C THR E 229 45.46 65.78 18.27
N ASN E 230 46.26 65.49 17.25
CA ASN E 230 47.07 64.27 17.26
C ASN E 230 48.11 64.30 18.37
N GLU E 231 48.64 65.47 18.69
CA GLU E 231 49.59 65.64 19.78
C GLU E 231 48.84 66.10 21.02
N ASP E 232 48.97 65.35 22.10
CA ASP E 232 48.27 65.69 23.34
C ASP E 232 48.93 66.90 23.99
N PRO E 233 48.17 67.96 24.32
CA PRO E 233 46.72 68.10 24.15
C PRO E 233 46.37 69.04 23.00
N TYR E 234 45.08 69.25 22.75
CA TYR E 234 44.64 70.14 21.66
C TYR E 234 44.77 71.57 22.13
N THR E 235 45.84 72.25 21.70
CA THR E 235 46.09 73.63 22.06
C THR E 235 46.36 74.45 20.80
N PHE E 236 45.77 75.64 20.75
CA PHE E 236 45.95 76.52 19.60
C PHE E 236 47.38 77.04 19.52
N GLY E 237 47.91 77.08 18.31
CA GLY E 237 49.26 77.57 18.07
C GLY E 237 49.31 79.05 17.76
N GLY E 238 50.30 79.44 16.95
CA GLY E 238 50.41 80.82 16.56
C GLY E 238 49.26 81.29 15.67
N GLY E 239 48.86 80.45 14.72
CA GLY E 239 47.71 80.74 13.89
C GLY E 239 48.06 81.60 12.69
N THR E 240 47.08 81.73 11.79
CA THR E 240 47.21 82.54 10.59
C THR E 240 46.02 83.49 10.50
N LYS E 241 46.30 84.78 10.35
CA LYS E 241 45.24 85.78 10.33
C LYS E 241 44.84 86.09 8.90
N LEU E 242 43.52 86.04 8.64
CA LEU E 242 42.96 86.36 7.34
C LEU E 242 41.94 87.47 7.47
N GLU E 243 41.94 88.39 6.52
CA GLU E 243 41.02 89.52 6.54
C GLU E 243 40.23 89.60 5.24
N ILE E 244 39.45 90.67 5.08
CA ILE E 244 38.64 90.88 3.88
C ILE E 244 39.08 92.21 3.27
N LYS E 245 39.73 92.14 2.11
CA LYS E 245 40.17 93.34 1.42
C LYS E 245 38.99 94.01 0.74
N ARG E 246 38.89 95.34 0.89
CA ARG E 246 37.81 96.11 0.29
C ARG E 246 38.31 96.90 -0.92
N GLU F 1 -54.66 -54.91 -9.21
CA GLU F 1 -54.99 -56.15 -9.90
C GLU F 1 -55.88 -55.89 -11.11
N VAL F 2 -55.40 -56.29 -12.29
CA VAL F 2 -56.18 -56.10 -13.51
C VAL F 2 -57.32 -57.10 -13.56
N LYS F 3 -58.37 -56.75 -14.30
CA LYS F 3 -59.56 -57.57 -14.45
C LYS F 3 -59.71 -57.99 -15.89
N LEU F 4 -59.92 -59.28 -16.11
CA LEU F 4 -60.10 -59.84 -17.44
C LEU F 4 -61.40 -60.63 -17.48
N LEU F 5 -62.22 -60.40 -18.50
CA LEU F 5 -63.50 -61.06 -18.67
C LEU F 5 -63.50 -61.86 -19.96
N GLU F 6 -63.90 -63.12 -19.86
CA GLU F 6 -63.97 -64.00 -21.04
C GLU F 6 -65.16 -64.94 -20.83
N SER F 7 -66.29 -64.61 -21.44
CA SER F 7 -67.50 -65.40 -21.31
C SER F 7 -68.14 -65.58 -22.67
N GLY F 8 -68.92 -66.65 -22.81
CA GLY F 8 -69.60 -66.93 -24.05
C GLY F 8 -69.18 -68.26 -24.67
N GLY F 9 -68.74 -69.19 -23.83
CA GLY F 9 -68.33 -70.49 -24.31
C GLY F 9 -69.51 -71.36 -24.71
N GLY F 10 -69.64 -71.64 -26.01
CA GLY F 10 -70.75 -72.44 -26.51
C GLY F 10 -70.37 -73.16 -27.79
N LEU F 11 -71.29 -74.02 -28.23
CA LEU F 11 -71.07 -74.80 -29.44
C LEU F 11 -71.18 -73.93 -30.68
N VAL F 12 -70.54 -74.39 -31.76
CA VAL F 12 -70.52 -73.68 -33.03
C VAL F 12 -70.78 -74.67 -34.15
N GLN F 13 -70.96 -74.14 -35.35
CA GLN F 13 -71.22 -74.96 -36.53
C GLN F 13 -69.91 -75.54 -37.07
N PRO F 14 -70.01 -76.54 -37.94
CA PRO F 14 -68.79 -77.16 -38.50
C PRO F 14 -68.21 -76.29 -39.60
N GLY F 15 -66.97 -75.85 -39.39
CA GLY F 15 -66.29 -75.01 -40.37
C GLY F 15 -66.57 -73.53 -40.25
N GLY F 16 -67.48 -73.12 -39.36
CA GLY F 16 -67.77 -71.71 -39.21
C GLY F 16 -66.70 -70.97 -38.43
N SER F 17 -66.69 -69.66 -38.60
CA SER F 17 -65.72 -68.81 -37.91
C SER F 17 -66.23 -68.49 -36.50
N LEU F 18 -65.44 -68.85 -35.50
CA LEU F 18 -65.78 -68.59 -34.11
C LEU F 18 -65.05 -67.34 -33.61
N LYS F 19 -65.60 -66.73 -32.57
CA LYS F 19 -65.04 -65.52 -31.99
C LYS F 19 -65.18 -65.57 -30.48
N LEU F 20 -64.08 -65.33 -29.77
CA LEU F 20 -64.08 -65.26 -28.32
C LEU F 20 -63.75 -63.82 -27.92
N SER F 21 -64.64 -63.21 -27.15
CA SER F 21 -64.48 -61.81 -26.72
C SER F 21 -63.76 -61.78 -25.39
N CYS F 22 -62.56 -61.22 -25.38
CA CYS F 22 -61.76 -61.06 -24.16
C CYS F 22 -61.66 -59.57 -23.86
N ALA F 23 -62.18 -59.16 -22.70
CA ALA F 23 -62.21 -57.76 -22.30
C ALA F 23 -61.21 -57.53 -21.17
N ALA F 24 -60.32 -56.56 -21.35
CA ALA F 24 -59.38 -56.15 -20.32
C ALA F 24 -59.95 -54.94 -19.61
N SER F 25 -60.81 -55.21 -18.62
CA SER F 25 -61.53 -54.15 -17.93
C SER F 25 -60.61 -53.44 -16.95
N GLY F 26 -60.72 -52.12 -16.90
CA GLY F 26 -59.91 -51.31 -16.01
C GLY F 26 -58.48 -51.11 -16.44
N PHE F 27 -58.11 -51.55 -17.63
CA PHE F 27 -56.75 -51.41 -18.12
C PHE F 27 -56.78 -51.38 -19.65
N ASP F 28 -55.58 -51.31 -20.24
CA ASP F 28 -55.44 -51.27 -21.68
C ASP F 28 -54.23 -52.09 -22.09
N PHE F 29 -54.19 -52.48 -23.36
CA PHE F 29 -53.07 -53.23 -23.90
C PHE F 29 -51.86 -52.36 -24.22
N SER F 30 -51.99 -51.04 -24.09
CA SER F 30 -50.86 -50.15 -24.34
C SER F 30 -49.74 -50.37 -23.33
N GLU F 31 -50.09 -50.51 -22.05
CA GLU F 31 -49.07 -50.69 -21.02
C GLU F 31 -48.47 -52.09 -21.07
N TYR F 32 -49.30 -53.11 -21.22
CA TYR F 32 -48.85 -54.50 -21.22
C TYR F 32 -49.47 -55.25 -22.39
N TRP F 33 -48.66 -56.06 -23.06
CA TRP F 33 -49.14 -56.83 -24.20
C TRP F 33 -50.05 -57.96 -23.74
N MET F 34 -51.04 -58.27 -24.58
CA MET F 34 -51.99 -59.34 -24.31
C MET F 34 -51.67 -60.55 -25.18
N SER F 35 -51.75 -61.74 -24.59
CA SER F 35 -51.43 -62.98 -25.29
C SER F 35 -52.56 -63.98 -25.08
N TRP F 36 -52.98 -64.63 -26.16
CA TRP F 36 -54.02 -65.64 -26.10
C TRP F 36 -53.39 -67.03 -26.20
N VAL F 37 -53.93 -67.97 -25.44
CA VAL F 37 -53.41 -69.34 -25.42
C VAL F 37 -54.57 -70.30 -25.66
N ARG F 38 -54.22 -71.49 -26.14
CA ARG F 38 -55.19 -72.54 -26.44
C ARG F 38 -54.82 -73.79 -25.66
N GLN F 39 -55.80 -74.34 -24.95
CA GLN F 39 -55.63 -75.55 -24.16
C GLN F 39 -56.74 -76.53 -24.49
N ALA F 40 -56.36 -77.76 -24.79
CA ALA F 40 -57.30 -78.83 -25.07
C ALA F 40 -57.75 -79.51 -23.78
N PRO F 41 -58.85 -80.25 -23.82
CA PRO F 41 -59.30 -80.96 -22.61
C PRO F 41 -58.35 -82.10 -22.26
N GLY F 42 -57.82 -82.07 -21.05
CA GLY F 42 -56.83 -83.04 -20.63
C GLY F 42 -55.52 -82.93 -21.35
N LYS F 43 -55.06 -81.72 -21.64
CA LYS F 43 -53.81 -81.50 -22.34
C LYS F 43 -53.20 -80.19 -21.89
N GLY F 44 -51.90 -80.05 -22.12
CA GLY F 44 -51.21 -78.83 -21.74
C GLY F 44 -51.60 -77.64 -22.60
N LEU F 45 -51.46 -76.46 -22.03
CA LEU F 45 -51.81 -75.23 -22.73
C LEU F 45 -50.76 -74.88 -23.77
N GLU F 46 -51.20 -74.35 -24.90
CA GLU F 46 -50.33 -73.93 -25.98
C GLU F 46 -50.63 -72.48 -26.33
N TRP F 47 -49.59 -71.71 -26.62
CA TRP F 47 -49.74 -70.29 -26.93
C TRP F 47 -50.39 -70.14 -28.30
N ILE F 48 -51.64 -69.66 -28.31
CA ILE F 48 -52.35 -69.45 -29.58
C ILE F 48 -51.89 -68.20 -30.30
N GLY F 49 -51.25 -67.26 -29.60
CA GLY F 49 -50.76 -66.05 -30.22
C GLY F 49 -50.37 -64.99 -29.23
N GLU F 50 -49.47 -64.09 -29.63
CA GLU F 50 -49.02 -63.00 -28.78
C GLU F 50 -49.13 -61.68 -29.54
N ILE F 51 -49.34 -60.60 -28.80
CA ILE F 51 -49.44 -59.27 -29.38
C ILE F 51 -48.34 -58.40 -28.81
N ASN F 52 -48.25 -57.16 -29.27
CA ASN F 52 -47.25 -56.21 -28.81
C ASN F 52 -47.89 -55.16 -27.92
N PRO F 53 -47.11 -54.55 -27.02
CA PRO F 53 -47.65 -53.45 -26.21
C PRO F 53 -48.10 -52.26 -27.03
N ASP F 54 -47.43 -51.97 -28.14
CA ASP F 54 -47.80 -50.86 -29.01
C ASP F 54 -48.80 -51.27 -30.08
N SER F 55 -49.25 -52.53 -30.07
CA SER F 55 -50.21 -53.06 -31.05
C SER F 55 -49.69 -52.92 -32.48
N SER F 56 -48.40 -53.18 -32.67
CA SER F 56 -47.76 -53.07 -33.97
C SER F 56 -47.57 -54.42 -34.65
N SER F 57 -46.99 -55.39 -33.95
CA SER F 57 -46.75 -56.73 -34.49
C SER F 57 -47.42 -57.75 -33.59
N ILE F 58 -48.17 -58.67 -34.19
CA ILE F 58 -48.90 -59.70 -33.48
C ILE F 58 -48.38 -61.06 -33.93
N ASP F 59 -48.02 -61.91 -32.99
CA ASP F 59 -47.56 -63.25 -33.28
C ASP F 59 -48.74 -64.23 -33.34
N TYR F 60 -48.45 -65.45 -33.75
CA TYR F 60 -49.48 -66.47 -33.89
C TYR F 60 -49.11 -67.75 -33.14
N THR F 61 -49.91 -68.80 -33.32
CA THR F 61 -49.65 -70.05 -32.63
C THR F 61 -48.49 -70.80 -33.27
N PRO F 62 -47.80 -71.64 -32.51
CA PRO F 62 -46.72 -72.45 -33.11
C PRO F 62 -47.23 -73.68 -33.85
N SER F 63 -48.44 -74.15 -33.55
CA SER F 63 -49.00 -75.32 -34.21
C SER F 63 -49.82 -74.92 -35.44
N LEU F 64 -50.83 -74.08 -35.25
CA LEU F 64 -51.69 -73.59 -36.33
C LEU F 64 -51.64 -72.06 -36.32
N LYS F 65 -50.72 -71.51 -37.11
CA LYS F 65 -50.54 -70.06 -37.13
C LYS F 65 -51.52 -69.38 -38.07
N ASP F 66 -51.54 -69.80 -39.34
CA ASP F 66 -52.40 -69.18 -40.34
C ASP F 66 -53.87 -69.55 -40.17
N LYS F 67 -54.18 -70.58 -39.38
CA LYS F 67 -55.57 -71.00 -39.23
C LYS F 67 -56.37 -70.02 -38.38
N ILE F 68 -55.73 -69.31 -37.47
CA ILE F 68 -56.40 -68.41 -36.54
C ILE F 68 -55.72 -67.05 -36.57
N ILE F 69 -56.53 -65.99 -36.63
CA ILE F 69 -56.04 -64.62 -36.60
C ILE F 69 -56.76 -63.88 -35.48
N ILE F 70 -55.99 -63.22 -34.61
CA ILE F 70 -56.53 -62.53 -33.45
C ILE F 70 -56.33 -61.04 -33.63
N SER F 71 -57.41 -60.27 -33.49
CA SER F 71 -57.38 -58.81 -33.57
C SER F 71 -57.72 -58.24 -32.21
N ARG F 72 -56.89 -57.31 -31.73
CA ARG F 72 -57.08 -56.70 -30.42
C ARG F 72 -57.00 -55.19 -30.54
N ASP F 73 -57.81 -54.51 -29.74
CA ASP F 73 -57.82 -53.05 -29.67
C ASP F 73 -57.41 -52.64 -28.27
N ASN F 74 -56.33 -51.86 -28.17
CA ASN F 74 -55.82 -51.42 -26.88
C ASN F 74 -56.70 -50.33 -26.29
N ALA F 75 -57.13 -49.37 -27.11
CA ALA F 75 -58.01 -48.31 -26.62
C ALA F 75 -59.35 -48.87 -26.17
N LYS F 76 -59.93 -49.77 -26.97
CA LYS F 76 -61.12 -50.49 -26.55
C LYS F 76 -60.80 -51.64 -25.59
N LYS F 77 -59.54 -52.07 -25.56
CA LYS F 77 -59.07 -53.16 -24.69
C LYS F 77 -59.89 -54.44 -24.91
N THR F 78 -60.17 -54.75 -26.17
CA THR F 78 -61.01 -55.89 -26.52
C THR F 78 -60.30 -56.74 -27.56
N LEU F 79 -60.26 -58.05 -27.33
CA LEU F 79 -59.59 -58.99 -28.22
C LEU F 79 -60.58 -60.02 -28.73
N TYR F 80 -60.49 -60.33 -30.03
CA TYR F 80 -61.32 -61.34 -30.64
C TYR F 80 -60.49 -62.14 -31.64
N LEU F 81 -60.58 -63.46 -31.55
CA LEU F 81 -59.81 -64.35 -32.41
C LEU F 81 -60.78 -65.10 -33.34
N GLN F 82 -60.58 -64.95 -34.64
CA GLN F 82 -61.35 -65.66 -35.65
C GLN F 82 -60.52 -66.78 -36.25
N LEU F 83 -61.21 -67.75 -36.85
CA LEU F 83 -60.55 -68.91 -37.41
C LEU F 83 -61.29 -69.37 -38.66
N SER F 84 -60.58 -70.12 -39.49
CA SER F 84 -61.13 -70.68 -40.72
C SER F 84 -60.86 -72.18 -40.76
N LYS F 85 -61.79 -72.91 -41.39
CA LYS F 85 -61.73 -74.37 -41.48
C LYS F 85 -61.65 -75.02 -40.10
N VAL F 86 -62.59 -74.65 -39.24
CA VAL F 86 -62.61 -75.15 -37.87
C VAL F 86 -63.14 -76.58 -37.87
N ARG F 87 -62.39 -77.48 -37.23
CA ARG F 87 -62.76 -78.87 -37.12
C ARG F 87 -63.11 -79.20 -35.66
N SER F 88 -63.38 -80.49 -35.41
CA SER F 88 -63.70 -80.93 -34.05
C SER F 88 -62.50 -80.76 -33.13
N GLU F 89 -61.30 -81.11 -33.61
CA GLU F 89 -60.09 -80.95 -32.81
C GLU F 89 -59.64 -79.50 -32.69
N ASP F 90 -60.07 -78.63 -33.61
CA ASP F 90 -59.70 -77.23 -33.56
C ASP F 90 -60.49 -76.43 -32.53
N THR F 91 -61.57 -77.01 -31.98
CA THR F 91 -62.39 -76.32 -30.99
C THR F 91 -61.78 -76.58 -29.61
N ALA F 92 -60.78 -75.79 -29.28
CA ALA F 92 -60.08 -75.86 -28.00
C ALA F 92 -60.42 -74.66 -27.14
N LEU F 93 -60.08 -74.76 -25.86
CA LEU F 93 -60.36 -73.70 -24.91
C LEU F 93 -59.39 -72.54 -25.11
N TYR F 94 -59.91 -71.39 -25.52
CA TYR F 94 -59.09 -70.20 -25.76
C TYR F 94 -59.19 -69.29 -24.55
N TYR F 95 -58.04 -68.93 -23.98
CA TYR F 95 -57.98 -68.10 -22.79
C TYR F 95 -57.00 -66.95 -23.02
N CYS F 96 -57.42 -65.73 -22.73
CA CYS F 96 -56.54 -64.59 -22.82
C CYS F 96 -55.71 -64.46 -21.54
N ALA F 97 -54.65 -63.65 -21.63
CA ALA F 97 -53.79 -63.41 -20.48
C ALA F 97 -53.03 -62.10 -20.69
N ARG F 98 -52.98 -61.29 -19.64
CA ARG F 98 -52.17 -60.08 -19.66
C ARG F 98 -50.70 -60.44 -19.50
N PRO F 99 -49.79 -59.50 -19.80
CA PRO F 99 -48.36 -59.81 -19.71
C PRO F 99 -47.93 -60.05 -18.25
N ARG F 100 -47.29 -61.20 -18.03
CA ARG F 100 -46.82 -61.53 -16.69
C ARG F 100 -45.59 -60.73 -16.30
N GLY F 101 -44.82 -60.25 -17.28
CA GLY F 101 -43.62 -59.48 -16.96
C GLY F 101 -43.88 -58.05 -16.53
N ASN F 102 -45.08 -57.53 -16.80
CA ASN F 102 -45.40 -56.17 -16.37
C ASN F 102 -45.47 -56.08 -14.85
N TYR F 103 -46.25 -56.97 -14.23
CA TYR F 103 -46.36 -57.02 -12.78
C TYR F 103 -46.95 -58.37 -12.39
N VAL F 104 -46.74 -58.74 -11.12
CA VAL F 104 -47.36 -59.96 -10.60
C VAL F 104 -48.87 -59.79 -10.50
N VAL F 105 -49.32 -58.59 -10.11
CA VAL F 105 -50.75 -58.31 -10.13
C VAL F 105 -51.25 -58.24 -11.57
N MET F 106 -50.43 -57.72 -12.48
CA MET F 106 -50.76 -57.72 -13.90
C MET F 106 -50.65 -59.10 -14.53
N ASP F 107 -50.09 -60.08 -13.81
CA ASP F 107 -50.01 -61.45 -14.31
C ASP F 107 -51.31 -62.20 -14.03
N TYR F 108 -52.43 -61.64 -14.46
CA TYR F 108 -53.75 -62.23 -14.25
C TYR F 108 -54.29 -62.67 -15.61
N TRP F 109 -54.37 -63.98 -15.82
CA TRP F 109 -54.91 -64.51 -17.05
C TRP F 109 -56.43 -64.32 -17.09
N GLY F 110 -56.99 -64.47 -18.29
CA GLY F 110 -58.42 -64.32 -18.46
C GLY F 110 -59.18 -65.49 -17.87
N GLN F 111 -60.51 -65.33 -17.86
CA GLN F 111 -61.39 -66.38 -17.35
C GLN F 111 -61.31 -67.63 -18.21
N GLY F 112 -61.26 -67.46 -19.54
CA GLY F 112 -61.13 -68.58 -20.43
C GLY F 112 -62.47 -69.23 -20.76
N THR F 113 -62.67 -69.58 -22.03
CA THR F 113 -63.90 -70.23 -22.47
C THR F 113 -63.55 -71.37 -23.42
N SER F 114 -64.38 -72.40 -23.41
CA SER F 114 -64.20 -73.56 -24.27
C SER F 114 -65.39 -73.68 -25.22
N VAL F 115 -65.11 -74.20 -26.41
CA VAL F 115 -66.13 -74.36 -27.44
C VAL F 115 -66.07 -75.79 -27.99
N THR F 116 -67.20 -76.23 -28.54
CA THR F 116 -67.33 -77.56 -29.13
C THR F 116 -68.02 -77.40 -30.48
N VAL F 117 -67.23 -77.22 -31.53
CA VAL F 117 -67.77 -77.06 -32.87
C VAL F 117 -67.82 -78.39 -33.61
N ASN F 135 -41.70 -75.29 -26.65
CA ASN F 135 -42.45 -75.50 -25.42
C ASN F 135 -41.52 -75.74 -24.24
N ILE F 136 -42.08 -76.19 -23.12
CA ILE F 136 -41.32 -76.45 -21.90
C ILE F 136 -41.51 -77.92 -21.55
N VAL F 137 -40.40 -78.64 -21.39
CA VAL F 137 -40.42 -80.04 -21.02
C VAL F 137 -40.06 -80.13 -19.54
N LEU F 138 -41.08 -80.30 -18.70
CA LEU F 138 -40.89 -80.39 -17.25
C LEU F 138 -41.77 -81.48 -16.68
N THR F 139 -41.22 -82.22 -15.72
CA THR F 139 -41.94 -83.28 -15.03
C THR F 139 -42.09 -82.89 -13.56
N GLN F 140 -43.33 -82.73 -13.10
CA GLN F 140 -43.60 -82.28 -11.74
C GLN F 140 -44.07 -83.44 -10.89
N SER F 141 -43.49 -83.60 -9.72
CA SER F 141 -43.81 -84.65 -8.78
C SER F 141 -43.98 -84.08 -7.38
N PRO F 142 -44.85 -84.67 -6.55
CA PRO F 142 -45.76 -85.80 -6.81
C PRO F 142 -47.01 -85.39 -7.57
N ALA F 143 -47.55 -86.27 -8.40
CA ALA F 143 -48.73 -85.92 -9.20
C ALA F 143 -49.96 -85.78 -8.31
N SER F 144 -50.09 -86.62 -7.29
CA SER F 144 -51.24 -86.59 -6.38
C SER F 144 -50.79 -86.05 -5.04
N LEU F 145 -51.45 -84.98 -4.58
CA LEU F 145 -51.16 -84.37 -3.29
C LEU F 145 -52.47 -84.11 -2.56
N ALA F 146 -52.51 -84.49 -1.28
CA ALA F 146 -53.71 -84.30 -0.47
C ALA F 146 -53.28 -84.21 0.99
N VAL F 147 -53.35 -83.01 1.56
CA VAL F 147 -52.98 -82.77 2.95
C VAL F 147 -54.05 -81.91 3.61
N SER F 148 -54.09 -81.97 4.93
CA SER F 148 -55.03 -81.19 5.71
C SER F 148 -54.58 -79.73 5.78
N LEU F 149 -55.48 -78.87 6.22
CA LEU F 149 -55.16 -77.46 6.39
C LEU F 149 -54.14 -77.28 7.51
N GLY F 150 -53.10 -76.48 7.23
CA GLY F 150 -52.03 -76.28 8.18
C GLY F 150 -50.76 -77.06 7.90
N GLN F 151 -50.69 -77.76 6.77
CA GLN F 151 -49.53 -78.57 6.42
C GLN F 151 -48.70 -77.89 5.34
N ARG F 152 -47.47 -78.38 5.18
CA ARG F 152 -46.53 -77.86 4.19
C ARG F 152 -46.19 -78.96 3.20
N ALA F 153 -46.13 -78.61 1.92
CA ALA F 153 -45.85 -79.57 0.86
C ALA F 153 -44.82 -79.01 -0.11
N THR F 154 -43.94 -79.88 -0.59
CA THR F 154 -42.90 -79.52 -1.55
C THR F 154 -43.10 -80.30 -2.83
N ILE F 155 -43.07 -79.60 -3.96
CA ILE F 155 -43.23 -80.21 -5.28
C ILE F 155 -42.00 -79.89 -6.11
N SER F 156 -41.42 -80.91 -6.73
CA SER F 156 -40.21 -80.77 -7.52
C SER F 156 -40.53 -80.95 -9.00
N CYS F 157 -40.10 -80.00 -9.82
CA CYS F 157 -40.33 -80.02 -11.26
C CYS F 157 -38.98 -80.12 -11.96
N ARG F 158 -38.61 -81.34 -12.35
CA ARG F 158 -37.36 -81.56 -13.07
C ARG F 158 -37.49 -81.08 -14.52
N ALA F 159 -36.41 -80.51 -15.04
CA ALA F 159 -36.38 -79.99 -16.39
C ALA F 159 -35.08 -80.41 -17.07
N SER F 160 -35.02 -80.17 -18.39
CA SER F 160 -33.86 -80.54 -19.19
C SER F 160 -32.96 -79.35 -19.52
N GLU F 161 -33.49 -78.13 -19.50
CA GLU F 161 -32.71 -76.94 -19.82
C GLU F 161 -31.98 -76.45 -18.57
N SER F 162 -31.41 -75.27 -18.64
CA SER F 162 -30.69 -74.70 -17.51
C SER F 162 -31.65 -74.35 -16.38
N VAL F 163 -31.20 -74.56 -15.14
CA VAL F 163 -32.03 -74.26 -13.98
C VAL F 163 -32.25 -72.76 -13.83
N ASP F 164 -31.24 -71.95 -14.16
CA ASP F 164 -31.32 -70.50 -14.04
C ASP F 164 -30.87 -69.87 -15.34
N SER F 165 -31.61 -68.85 -15.78
CA SER F 165 -31.32 -68.13 -17.01
C SER F 165 -31.21 -66.64 -16.71
N TYR F 166 -30.12 -66.03 -17.18
CA TYR F 166 -29.83 -64.60 -16.99
C TYR F 166 -29.79 -64.24 -15.50
N GLY F 167 -28.85 -64.87 -14.80
CA GLY F 167 -28.65 -64.60 -13.38
C GLY F 167 -29.57 -65.38 -12.48
N SER F 168 -30.84 -64.96 -12.40
CA SER F 168 -31.82 -65.62 -11.57
C SER F 168 -32.44 -66.80 -12.32
N SER F 169 -33.42 -67.44 -11.70
CA SER F 169 -34.11 -68.56 -12.34
C SER F 169 -35.19 -68.04 -13.29
N PHE F 170 -35.59 -68.91 -14.21
CA PHE F 170 -36.57 -68.59 -15.24
C PHE F 170 -37.59 -69.70 -15.37
N VAL F 171 -38.13 -70.15 -14.24
CA VAL F 171 -39.17 -71.17 -14.21
C VAL F 171 -40.35 -70.63 -13.42
N HIS F 172 -41.55 -71.10 -13.74
CA HIS F 172 -42.76 -70.60 -13.12
C HIS F 172 -43.71 -71.77 -12.85
N TRP F 173 -44.60 -71.56 -11.89
CA TRP F 173 -45.63 -72.53 -11.55
C TRP F 173 -46.97 -71.81 -11.44
N TYR F 174 -47.98 -72.35 -12.12
CA TYR F 174 -49.32 -71.76 -12.14
C TYR F 174 -50.33 -72.81 -11.68
N GLN F 175 -51.19 -72.43 -10.74
CA GLN F 175 -52.20 -73.34 -10.18
C GLN F 175 -53.53 -73.08 -10.86
N GLN F 176 -53.97 -74.02 -11.69
CA GLN F 176 -55.24 -73.95 -12.39
C GLN F 176 -56.12 -75.10 -11.96
N LYS F 177 -57.41 -74.84 -11.78
CA LYS F 177 -58.39 -75.83 -11.37
C LYS F 177 -59.31 -76.18 -12.53
N PRO F 178 -59.93 -77.36 -12.49
CA PRO F 178 -60.86 -77.75 -13.56
C PRO F 178 -62.14 -76.92 -13.49
N GLY F 179 -62.41 -76.17 -14.55
CA GLY F 179 -63.57 -75.30 -14.58
C GLY F 179 -63.37 -73.95 -13.91
N GLN F 180 -62.14 -73.61 -13.55
CA GLN F 180 -61.82 -72.35 -12.89
C GLN F 180 -60.71 -71.65 -13.67
N PRO F 181 -60.61 -70.32 -13.54
CA PRO F 181 -59.57 -69.59 -14.27
C PRO F 181 -58.19 -69.89 -13.73
N PRO F 182 -57.18 -69.99 -14.59
CA PRO F 182 -55.82 -70.26 -14.11
C PRO F 182 -55.23 -69.04 -13.39
N LYS F 183 -54.34 -69.33 -12.45
CA LYS F 183 -53.63 -68.29 -11.71
C LYS F 183 -52.17 -68.66 -11.59
N LEU F 184 -51.28 -67.70 -11.87
CA LEU F 184 -49.85 -67.94 -11.80
C LEU F 184 -49.40 -67.80 -10.35
N LEU F 185 -48.95 -68.91 -9.75
CA LEU F 185 -48.55 -68.90 -8.35
C LEU F 185 -47.19 -68.25 -8.16
N ILE F 186 -46.17 -68.78 -8.84
CA ILE F 186 -44.80 -68.27 -8.72
C ILE F 186 -44.26 -68.03 -10.12
N PHE F 187 -43.48 -66.96 -10.28
CA PHE F 187 -42.89 -66.61 -11.56
C PHE F 187 -41.42 -66.28 -11.39
N LEU F 188 -40.57 -66.95 -12.17
CA LEU F 188 -39.12 -66.70 -12.26
C LEU F 188 -38.40 -66.89 -10.93
N ALA F 189 -39.03 -67.59 -9.98
CA ALA F 189 -38.48 -67.90 -8.65
C ALA F 189 -38.07 -66.65 -7.87
N SER F 190 -38.57 -65.47 -8.25
CA SER F 190 -38.27 -64.25 -7.54
C SER F 190 -39.48 -63.35 -7.31
N LYS F 191 -40.61 -63.59 -7.98
CA LYS F 191 -41.81 -62.79 -7.81
C LYS F 191 -43.00 -63.74 -7.80
N LEU F 192 -43.59 -63.95 -6.63
CA LEU F 192 -44.73 -64.83 -6.49
C LEU F 192 -46.00 -64.09 -6.90
N GLU F 193 -47.16 -64.70 -6.63
CA GLU F 193 -48.43 -64.10 -7.01
C GLU F 193 -48.74 -62.91 -6.11
N SER F 194 -49.12 -61.79 -6.72
CA SER F 194 -49.51 -60.61 -5.97
C SER F 194 -50.97 -60.73 -5.51
N GLY F 195 -51.38 -59.79 -4.67
CA GLY F 195 -52.73 -59.82 -4.11
C GLY F 195 -52.85 -60.82 -2.98
N VAL F 196 -52.73 -62.10 -3.30
CA VAL F 196 -52.71 -63.16 -2.30
C VAL F 196 -51.32 -63.80 -2.32
N PRO F 197 -50.45 -63.46 -1.36
CA PRO F 197 -49.09 -64.01 -1.40
C PRO F 197 -49.02 -65.48 -1.02
N ALA F 198 -48.82 -66.33 -2.02
CA ALA F 198 -48.71 -67.76 -1.77
C ALA F 198 -47.34 -68.09 -1.17
N ARG F 199 -47.34 -69.00 -0.20
CA ARG F 199 -46.08 -69.41 0.42
C ARG F 199 -45.23 -70.27 -0.50
N PHE F 200 -45.82 -70.90 -1.50
CA PHE F 200 -45.08 -71.74 -2.43
C PHE F 200 -44.43 -70.85 -3.48
N SER F 201 -43.10 -70.82 -3.49
CA SER F 201 -42.36 -70.01 -4.44
C SER F 201 -41.00 -70.66 -4.67
N GLY F 202 -40.39 -70.31 -5.81
CA GLY F 202 -39.08 -70.84 -6.13
C GLY F 202 -38.01 -70.25 -5.21
N SER F 203 -37.13 -71.11 -4.70
CA SER F 203 -36.08 -70.69 -3.79
C SER F 203 -34.87 -71.60 -3.95
N GLY F 204 -33.72 -71.11 -3.50
CA GLY F 204 -32.50 -71.87 -3.58
C GLY F 204 -31.95 -71.94 -4.99
N SER F 205 -31.01 -72.88 -5.16
CA SER F 205 -30.44 -73.13 -6.48
C SER F 205 -31.49 -73.66 -7.45
N ARG F 206 -32.33 -74.58 -6.98
CA ARG F 206 -33.51 -75.10 -7.68
C ARG F 206 -33.11 -75.71 -9.03
N THR F 207 -32.34 -76.80 -8.94
CA THR F 207 -32.08 -77.63 -10.12
C THR F 207 -33.39 -78.18 -10.68
N ASP F 208 -34.27 -78.63 -9.80
CA ASP F 208 -35.68 -78.82 -10.11
C ASP F 208 -36.48 -77.74 -9.42
N PHE F 209 -37.46 -77.18 -10.13
CA PHE F 209 -38.27 -76.10 -9.59
C PHE F 209 -39.03 -76.57 -8.35
N THR F 210 -38.74 -75.94 -7.21
CA THR F 210 -39.29 -76.35 -5.93
C THR F 210 -40.04 -75.19 -5.29
N LEU F 211 -41.13 -75.51 -4.60
CA LEU F 211 -41.94 -74.51 -3.93
C LEU F 211 -42.54 -75.14 -2.69
N THR F 212 -42.25 -74.57 -1.52
CA THR F 212 -42.73 -75.09 -0.24
C THR F 212 -44.00 -74.31 0.14
N ILE F 213 -45.13 -74.99 0.08
CA ILE F 213 -46.42 -74.38 0.42
C ILE F 213 -46.69 -74.63 1.90
N ASP F 214 -46.89 -73.54 2.64
CA ASP F 214 -47.17 -73.62 4.07
C ASP F 214 -47.98 -72.38 4.45
N PRO F 215 -49.29 -72.53 4.65
CA PRO F 215 -50.07 -73.77 4.60
C PRO F 215 -50.98 -73.86 3.37
N VAL F 216 -51.51 -75.05 3.11
CA VAL F 216 -52.47 -75.23 2.02
C VAL F 216 -53.88 -75.00 2.57
N GLU F 217 -54.82 -74.77 1.66
CA GLU F 217 -56.20 -74.50 2.03
C GLU F 217 -57.14 -75.23 1.08
N ALA F 218 -58.44 -75.15 1.37
CA ALA F 218 -59.44 -75.77 0.51
C ALA F 218 -59.53 -75.08 -0.84
N ASP F 219 -59.33 -73.76 -0.88
CA ASP F 219 -59.35 -73.02 -2.14
C ASP F 219 -58.13 -73.31 -2.99
N ASP F 220 -57.08 -73.91 -2.43
CA ASP F 220 -55.87 -74.24 -3.17
C ASP F 220 -55.92 -75.65 -3.76
N ALA F 221 -57.12 -76.23 -3.90
CA ALA F 221 -57.27 -77.56 -4.48
C ALA F 221 -57.30 -77.42 -5.99
N ALA F 222 -56.11 -77.42 -6.60
CA ALA F 222 -55.98 -77.23 -8.03
C ALA F 222 -54.69 -77.90 -8.51
N THR F 223 -54.60 -78.10 -9.81
CA THR F 223 -53.42 -78.69 -10.42
C THR F 223 -52.39 -77.60 -10.71
N TYR F 224 -51.17 -77.81 -10.23
CA TYR F 224 -50.08 -76.85 -10.41
C TYR F 224 -49.20 -77.32 -11.57
N TYR F 225 -49.18 -76.54 -12.64
CA TYR F 225 -48.39 -76.84 -13.83
C TYR F 225 -47.15 -75.96 -13.84
N CYS F 226 -46.00 -76.57 -14.10
CA CYS F 226 -44.72 -75.88 -14.12
C CYS F 226 -44.30 -75.63 -15.56
N GLN F 227 -44.02 -74.37 -15.88
CA GLN F 227 -43.58 -73.96 -17.21
C GLN F 227 -42.20 -73.32 -17.09
N GLN F 228 -41.25 -73.80 -17.90
CA GLN F 228 -39.90 -73.26 -17.91
C GLN F 228 -39.86 -72.09 -18.87
N THR F 229 -39.83 -70.87 -18.33
CA THR F 229 -39.73 -69.68 -19.16
C THR F 229 -38.35 -69.54 -19.80
N ASN F 230 -37.34 -70.24 -19.27
CA ASN F 230 -36.03 -70.24 -19.91
C ASN F 230 -36.06 -70.92 -21.26
N GLU F 231 -36.87 -71.98 -21.40
CA GLU F 231 -37.02 -72.69 -22.66
C GLU F 231 -38.16 -72.07 -23.45
N ASP F 232 -37.84 -71.51 -24.61
CA ASP F 232 -38.87 -70.89 -25.44
C ASP F 232 -39.76 -71.94 -26.07
N PRO F 233 -41.09 -71.82 -25.96
CA PRO F 233 -41.83 -70.74 -25.32
C PRO F 233 -42.39 -71.16 -23.95
N TYR F 234 -43.04 -70.25 -23.24
CA TYR F 234 -43.61 -70.56 -21.92
C TYR F 234 -44.90 -71.33 -22.13
N THR F 235 -44.82 -72.66 -22.00
CA THR F 235 -45.97 -73.53 -22.15
C THR F 235 -46.08 -74.44 -20.94
N PHE F 236 -47.32 -74.59 -20.45
CA PHE F 236 -47.56 -75.43 -19.28
C PHE F 236 -47.38 -76.91 -19.63
N GLY F 237 -46.72 -77.64 -18.74
CA GLY F 237 -46.49 -79.06 -18.91
C GLY F 237 -47.58 -79.90 -18.30
N GLY F 238 -47.23 -81.14 -17.97
CA GLY F 238 -48.18 -82.03 -17.31
C GLY F 238 -48.58 -81.55 -15.94
N GLY F 239 -47.60 -81.11 -15.14
CA GLY F 239 -47.88 -80.51 -13.85
C GLY F 239 -48.20 -81.51 -12.77
N THR F 240 -48.53 -80.98 -11.60
CA THR F 240 -48.87 -81.76 -10.42
C THR F 240 -50.20 -81.29 -9.85
N LYS F 241 -51.02 -82.24 -9.42
CA LYS F 241 -52.34 -81.94 -8.89
C LYS F 241 -52.29 -81.88 -7.37
N LEU F 242 -52.91 -80.86 -6.79
CA LEU F 242 -52.96 -80.67 -5.35
C LEU F 242 -54.39 -80.53 -4.90
N GLU F 243 -54.70 -81.07 -3.72
CA GLU F 243 -56.05 -81.02 -3.16
C GLU F 243 -55.94 -80.75 -1.66
N ILE F 244 -57.08 -80.78 -0.99
CA ILE F 244 -57.16 -80.56 0.45
C ILE F 244 -57.86 -81.76 1.07
N LYS F 245 -57.18 -82.42 2.00
CA LYS F 245 -57.75 -83.58 2.68
C LYS F 245 -58.62 -83.14 3.84
N ARG F 246 -59.76 -83.80 3.99
CA ARG F 246 -60.70 -83.50 5.07
C ARG F 246 -60.64 -84.57 6.16
C1 NAG G . -18.90 -48.69 1.09
C2 NAG G . -19.46 -49.64 2.14
C3 NAG G . -20.12 -48.85 3.28
C4 NAG G . -19.15 -47.83 3.86
C5 NAG G . -18.65 -46.92 2.75
C6 NAG G . -17.63 -45.91 3.20
C7 NAG G . -20.50 -51.85 1.95
C8 NAG G . -21.53 -52.68 1.23
N2 NAG G . -20.40 -50.58 1.56
O3 NAG G . -20.55 -49.75 4.30
O4 NAG G . -19.79 -47.05 4.86
O5 NAG G . -18.03 -47.71 1.72
O6 NAG G . -16.51 -45.85 2.33
O7 NAG G . -19.78 -52.32 2.84
C1 NAG G . -19.17 -47.31 6.14
C2 NAG G . -19.13 -46.02 6.96
C3 NAG G . -18.55 -46.28 8.36
C4 NAG G . -19.28 -47.43 9.04
C5 NAG G . -19.29 -48.66 8.13
C6 NAG G . -20.10 -49.81 8.69
C7 NAG G . -18.86 -43.77 5.98
C8 NAG G . -20.28 -43.51 6.40
N2 NAG G . -18.37 -44.99 6.28
O3 NAG G . -18.63 -45.10 9.14
O4 NAG G . -18.64 -47.74 10.27
O5 NAG G . -19.89 -48.32 6.86
O6 NAG G . -19.79 -51.03 8.04
O7 NAG G . -18.18 -42.93 5.41
C1 BMA G . -19.53 -47.45 11.36
C2 BMA G . -18.96 -48.13 12.65
C3 BMA G . -19.83 -47.76 13.85
C4 BMA G . -20.07 -46.23 13.95
C5 BMA G . -20.61 -45.71 12.60
C6 BMA G . -20.81 -44.20 12.60
O2 BMA G . -17.65 -47.66 12.92
O3 BMA G . -19.27 -48.24 15.06
O4 BMA G . -21.01 -45.96 14.97
O5 BMA G . -19.67 -46.04 11.57
O6 BMA G . -22.06 -43.91 13.21
C1 NAG H . 30.72 42.93 -3.80
C2 NAG H . 30.34 44.03 -4.80
C3 NAG H . 28.92 43.82 -5.32
C4 NAG H . 28.76 42.43 -5.89
C5 NAG H . 29.10 41.41 -4.81
C6 NAG H . 28.99 39.98 -5.29
C7 NAG H . 31.55 46.13 -4.40
C8 NAG H . 31.54 47.45 -3.70
N2 NAG H . 30.49 45.35 -4.20
O3 NAG H . 28.63 44.80 -6.31
O4 NAG H . 27.43 42.24 -6.37
O5 NAG H . 30.46 41.61 -4.39
O6 NAG H . 29.69 39.79 -6.51
O7 NAG H . 32.49 45.78 -5.11
C1 NAG H . 27.50 42.04 -7.81
C2 NAG H . 26.15 41.51 -8.32
C3 NAG H . 26.21 41.31 -9.83
C4 NAG H . 26.69 42.57 -10.54
C5 NAG H . 27.98 43.09 -9.91
C6 NAG H . 28.42 44.43 -10.45
C7 NAG H . 24.64 40.05 -7.02
C8 NAG H . 23.68 41.21 -7.01
N2 NAG H . 25.80 40.26 -7.65
O3 NAG H . 24.91 40.95 -10.31
O4 NAG H . 26.94 42.26 -11.91
O5 NAG H . 27.82 43.26 -8.50
O6 NAG H . 29.82 44.47 -10.66
O7 NAG H . 24.38 38.99 -6.48
C1 BMA H . 26.13 43.03 -12.83
C2 BMA H . 25.69 42.08 -13.99
C3 BMA H . 24.79 42.84 -14.97
C4 BMA H . 23.66 43.59 -14.24
C5 BMA H . 24.23 44.46 -13.12
C6 BMA H . 23.16 45.19 -12.31
O2 BMA H . 24.93 41.00 -13.48
O3 BMA H . 24.26 41.98 -15.96
O4 BMA H . 22.95 44.41 -15.16
O5 BMA H . 24.97 43.62 -12.21
O6 BMA H . 22.42 46.00 -13.22
C1 NAG I . 10.75 29.50 -29.72
C2 NAG I . 11.32 30.30 -30.91
C3 NAG I . 10.46 30.11 -32.16
C4 NAG I . 10.30 28.64 -32.47
C5 NAG I . 9.63 27.98 -31.27
C6 NAG I . 9.41 26.49 -31.45
C7 NAG I . 12.49 32.47 -30.92
C8 NAG I . 12.44 33.90 -30.49
N2 NAG I . 11.44 31.71 -30.57
O3 NAG I . 11.07 30.79 -33.26
O4 NAG I . 9.56 28.41 -33.67
O5 NAG I . 10.48 28.13 -30.13
O6 NAG I . 10.61 25.82 -31.83
O7 NAG I . 13.43 32.01 -31.55
C1 NAG I . 10.52 27.94 -34.65
C2 NAG I . 9.93 26.80 -35.48
C3 NAG I . 10.92 26.34 -36.54
C4 NAG I . 11.39 27.53 -37.38
C5 NAG I . 11.91 28.63 -36.49
C6 NAG I . 12.29 29.88 -37.24
C7 NAG I . 8.33 25.11 -34.65
C8 NAG I . 7.33 25.69 -35.61
N2 NAG I . 9.54 25.68 -34.62
O3 NAG I . 10.31 25.36 -37.37
O4 NAG I . 12.42 27.11 -38.27
O5 NAG I . 10.92 29.02 -35.53
O6 NAG I . 12.38 31.01 -36.39
O7 NAG I . 8.05 24.16 -33.91
C1 NAG J . -9.50 -30.40 29.87
C2 NAG J . -9.33 -31.67 30.71
C3 NAG J . -8.86 -31.32 32.12
C4 NAG J . -7.61 -30.47 32.06
C5 NAG J . -7.89 -29.22 31.22
C6 NAG J . -6.67 -28.34 31.05
C7 NAG J . -10.73 -33.61 30.13
C8 NAG J . -12.07 -34.26 30.29
N2 NAG J . -10.57 -32.44 30.75
O3 NAG J . -8.62 -32.53 32.84
O4 NAG J . -7.19 -30.09 33.38
O5 NAG J . -8.30 -29.62 29.91
O6 NAG J . -6.49 -27.98 29.69
O7 NAG J . -9.82 -34.13 29.48
C1 NAG J . -5.99 -30.82 33.70
C2 NAG J . -5.01 -29.91 34.43
C3 NAG J . -3.76 -30.68 34.84
C4 NAG J . -4.14 -31.93 35.63
C5 NAG J . -5.16 -32.76 34.85
C6 NAG J . -5.66 -33.95 35.63
C7 NAG J . -4.50 -27.52 34.10
C8 NAG J . -4.13 -26.47 33.11
N2 NAG J . -4.65 -28.76 33.60
O3 NAG J . -2.91 -29.85 35.61
O4 NAG J . -2.98 -32.72 35.88
O5 NAG J . -6.29 -31.96 34.52
O6 NAG J . -6.97 -34.32 35.22
O7 NAG J . -4.66 -27.28 35.29
C1 NAG K . -27.31 -27.73 -32.08
C2 NAG K . -26.75 -27.70 -33.50
C3 NAG K . -27.88 -27.57 -34.52
C4 NAG K . -28.91 -28.67 -34.30
C5 NAG K . -29.39 -28.66 -32.85
C6 NAG K . -30.34 -29.80 -32.52
C7 NAG K . -24.52 -26.70 -33.31
C8 NAG K . -23.68 -25.47 -33.54
N2 NAG K . -25.80 -26.60 -33.65
O3 NAG K . -27.34 -27.66 -35.83
O4 NAG K . -30.03 -28.46 -35.16
O5 NAG K . -28.26 -28.79 -31.96
O6 NAG K . -29.76 -31.06 -32.84
O7 NAG K . -24.04 -27.73 -32.84
C1 NAG K . -30.04 -29.48 -36.18
C2 NAG K . -31.44 -29.55 -36.80
C3 NAG K . -31.46 -30.57 -37.93
C4 NAG K . -30.36 -30.28 -38.94
C5 NAG K . -29.01 -30.19 -38.24
C6 NAG K . -27.88 -29.79 -39.17
C7 NAG K . -33.22 -28.94 -35.23
C8 NAG K . -34.20 -29.45 -34.22
N2 NAG K . -32.45 -29.87 -35.81
O3 NAG K . -32.72 -30.54 -38.58
O4 NAG K . -30.30 -31.32 -39.92
O5 NAG K . -29.07 -29.19 -37.20
O6 NAG K . -27.61 -28.39 -39.06
O7 NAG K . -33.15 -27.76 -35.53
C1 NAG L . -51.01 -22.05 -7.08
C2 NAG L . -50.85 -20.55 -7.35
C3 NAG L . -52.20 -19.85 -7.30
C4 NAG L . -53.20 -20.53 -8.21
C5 NAG L . -53.31 -21.99 -7.83
C6 NAG L . -54.25 -22.79 -8.71
C7 NAG L . -48.61 -19.82 -6.62
C8 NAG L . -47.83 -19.18 -5.53
N2 NAG L . -49.93 -19.95 -6.39
O3 NAG L . -52.04 -18.49 -7.69
O4 NAG L . -54.48 -19.91 -8.13
O5 NAG L . -52.02 -22.60 -7.96
O6 NAG L . -53.89 -22.67 -10.07
O7 NAG L . -48.10 -20.21 -7.66
C1 NAG L . -54.78 -19.27 -9.41
C2 NAG L . -56.27 -18.90 -9.45
C3 NAG L . -56.63 -18.11 -10.72
C4 NAG L . -55.66 -16.95 -10.92
C5 NAG L . -54.22 -17.45 -10.87
C6 NAG L . -53.21 -16.34 -10.98
C7 NAG L . -57.45 -21.16 -9.87
C8 NAG L . -56.68 -21.43 -11.15
N2 NAG L . -57.20 -20.01 -9.19
O3 NAG L . -57.97 -17.63 -10.63
O4 NAG L . -55.90 -16.33 -12.18
O5 NAG L . -53.98 -18.10 -9.61
O6 NAG L . -53.69 -15.14 -10.38
O7 NAG L . -58.28 -21.96 -9.46
C1 NAG M . -3.62 52.26 19.77
C2 NAG M . -4.76 51.28 20.06
C3 NAG M . -5.96 52.02 20.65
C4 NAG M . -5.54 52.83 21.86
C5 NAG M . -4.41 53.77 21.48
C6 NAG M . -3.87 54.58 22.64
C7 NAG M . -4.68 49.36 18.53
C8 NAG M . -5.20 48.78 17.24
N2 NAG M . -5.15 50.57 18.85
O3 NAG M . -6.96 51.07 21.02
O4 NAG M . -6.64 53.57 22.38
O5 NAG M . -3.31 53.02 20.96
O6 NAG M . -3.74 53.79 23.81
O7 NAG M . -3.88 48.77 19.23
C1 NAG M . -7.01 53.02 23.67
C2 NAG M . -7.48 54.15 24.58
C3 NAG M . -7.92 53.58 25.93
C4 NAG M . -8.97 52.48 25.73
C5 NAG M . -8.45 51.43 24.76
C6 NAG M . -9.47 50.37 24.43
C7 NAG M . -6.59 56.43 24.42
C8 NAG M . -5.40 57.31 24.69
N2 NAG M . -6.44 55.14 24.77
O3 NAG M . -8.46 54.63 26.73
O4 NAG M . -9.27 51.88 26.98
O5 NAG M . -8.06 52.03 23.52
O6 NAG M . -9.68 50.28 23.03
O7 NAG M . -7.62 56.85 23.93
C1 NAG N . 19.68 32.02 34.28
C2 NAG N . 20.72 31.11 34.92
C3 NAG N . 21.01 31.59 36.34
C4 NAG N . 21.39 33.06 36.36
C5 NAG N . 20.34 33.89 35.62
C6 NAG N . 20.75 35.34 35.45
C7 NAG N . 20.84 28.80 34.14
C8 NAG N . 20.27 27.41 34.26
N2 NAG N . 20.29 29.72 34.92
O3 NAG N . 22.07 30.80 36.89
O4 NAG N . 21.46 33.53 37.70
O5 NAG N . 20.14 33.37 34.30
O6 NAG N . 22.02 35.45 34.83
O7 NAG N . 21.76 29.05 33.37
C1 NAG N . 22.83 33.72 38.10
C2 NAG N . 22.87 34.83 39.16
C3 NAG N . 24.31 35.02 39.65
C4 NAG N . 24.89 33.70 40.13
C5 NAG N . 24.77 32.65 39.03
C6 NAG N . 25.22 31.28 39.46
C7 NAG N . 21.09 36.49 38.88
C8 NAG N . 20.71 37.81 38.27
N2 NAG N . 22.34 36.08 38.64
O3 NAG N . 24.31 35.96 40.73
O4 NAG N . 26.27 33.86 40.47
O5 NAG N . 23.39 32.52 38.63
O6 NAG N . 24.28 30.27 39.10
O7 NAG N . 20.31 35.84 39.57
C1 NAG O . -45.00 -34.42 -25.30
C2 NAG O . -45.92 -33.46 -24.56
C3 NAG O . -47.34 -33.55 -25.13
C4 NAG O . -47.33 -33.34 -26.64
C5 NAG O . -46.33 -34.31 -27.29
C6 NAG O . -46.18 -34.08 -28.77
C7 NAG O . -44.96 -33.33 -22.30
C8 NAG O . -45.14 -33.73 -20.86
N2 NAG O . -45.93 -33.75 -23.13
O3 NAG O . -48.16 -32.56 -24.50
O4 NAG O . -48.63 -33.57 -27.17
O5 NAG O . -45.04 -34.14 -26.70
O6 NAG O . -45.70 -35.25 -29.43
O7 NAG O . -44.00 -32.68 -22.69
C1 NAG P . -15.08 -0.28 16.01
C2 NAG P . -16.61 -0.33 16.13
C3 NAG P . -17.04 0.17 17.51
C4 NAG P . -16.48 -0.76 18.57
C5 NAG P . -14.96 -0.80 18.49
C6 NAG P . -14.40 -2.20 18.42
C7 NAG P . -18.11 -0.06 14.21
C8 NAG P . -18.67 0.89 13.20
N2 NAG P . -17.24 0.46 15.08
O3 NAG P . -18.45 0.20 17.57
O4 NAG P . -16.88 -0.32 19.86
O5 NAG P . -14.46 -0.07 17.35
O6 NAG P . -15.42 -3.17 18.17
O7 NAG P . -18.42 -1.25 14.23
C1 NAG Q . 16.64 49.73 31.91
C2 NAG Q . 15.18 50.17 31.72
C3 NAG Q . 14.73 51.01 32.92
C4 NAG Q . 14.96 50.25 34.21
C5 NAG Q . 16.42 49.83 34.32
C6 NAG Q . 16.72 48.99 35.55
C7 NAG Q . 14.07 50.58 29.58
C8 NAG Q . 14.02 51.43 28.35
N2 NAG Q . 14.99 50.90 30.49
O3 NAG Q . 13.35 51.34 32.78
O4 NAG Q . 14.64 51.09 35.33
O5 NAG Q . 16.78 49.05 33.17
O6 NAG Q . 17.09 49.80 36.65
O7 NAG Q . 13.32 49.62 29.73
C1 NAG R . -12.27 15.49 -9.69
C2 NAG R . -13.01 16.78 -9.30
C3 NAG R . -14.09 17.11 -10.31
C4 NAG R . -13.43 17.37 -11.66
C5 NAG R . -12.66 16.13 -12.12
C6 NAG R . -11.23 16.43 -12.52
C7 NAG R . -13.28 17.51 -6.97
C8 NAG R . -13.96 17.24 -5.66
N2 NAG R . -13.59 16.67 -7.97
O3 NAG R . -14.81 18.26 -9.89
O4 NAG R . -14.42 17.68 -12.63
O5 NAG R . -12.62 15.12 -11.09
O6 NAG R . -10.81 17.69 -12.03
O7 NAG R . -12.49 18.43 -7.11
#